data_9IX8
#
_entry.id   9IX8
#
_cell.length_a   79.772
_cell.length_b   97.575
_cell.length_c   128.150
_cell.angle_alpha   90.00
_cell.angle_beta   94.00
_cell.angle_gamma   90.00
#
_symmetry.space_group_name_H-M   'P 1 21 1'
#
loop_
_entity.id
_entity.type
_entity.pdbx_description
1 polymer Phosphopentomutase
2 non-polymer 2-(2-(2-(2-(2-(2-ETHOXYETHOXY)ETHOXY)ETHOXY)ETHOXY)ETHOXY)ETHANOL
3 non-polymer GLYCEROL
4 water water
#
_entity_poly.entity_id   1
_entity_poly.type   'polypeptide(L)'
_entity_poly.pdbx_seq_one_letter_code
;RLFGTAGIRGTLWEKVTPELAMKVGMAVGTYKSGKALVGRDGRTSSVMLKNAMISGLLSTGMEVLDADLIPTPALAWGTR
KLADAGVMITASHNPPTDNGVKVFNGDGTEFYVEQERGLEEIIFSGNFRKARWDEIKPVRNVEVIPDYINAVLDFVGHET
NLKVLYDGANGAGSLVAPYLLREMGAKVLSVNAHVDGHFPGRKPEPRYENIAYLGKLVRELGVDLAIAQDGDADRIAVFD
EKGNYVDEDTVIALFAKLYVEEHGGGTVVVSIDTGSRIDAVVERAGGRVVRIPLGQPHDGIKRYKAIFAAEPWKLVHPKF
GPWIDPFVTMGLLIKLIDENGPLSELVKEIPTYYLKKANVLCPDEYKAEVVRRAAEEVERKLSSEIKEVLTISGFRIALN
DGSWILIRPSGTEPKIRVVAEAPTEKRRDELFEMAYSTVSRIVKEAEKK
;
_entity_poly.pdbx_strand_id   A,B,C,D
#
# COMPACT_ATOMS: atom_id res chain seq x y z
N LEU A 2 -1.89 28.90 -21.84
CA LEU A 2 -2.25 27.56 -21.20
C LEU A 2 -3.29 27.72 -20.06
N PHE A 3 -2.99 28.58 -19.07
CA PHE A 3 -3.91 28.87 -17.94
C PHE A 3 -5.09 29.75 -18.39
N GLY A 4 -6.30 29.39 -17.97
CA GLY A 4 -7.47 30.29 -17.88
C GLY A 4 -7.64 30.85 -16.47
N THR A 5 -8.87 31.23 -16.12
CA THR A 5 -9.29 31.92 -14.86
C THR A 5 -9.00 31.05 -13.61
N ALA A 6 -9.16 29.73 -13.71
CA ALA A 6 -8.94 28.78 -12.59
C ALA A 6 -8.40 27.44 -13.12
N GLY A 7 -7.27 27.49 -13.82
CA GLY A 7 -6.46 26.31 -14.18
C GLY A 7 -6.26 26.13 -15.67
N ILE A 8 -5.42 25.15 -16.00
CA ILE A 8 -5.31 24.56 -17.37
C ILE A 8 -6.36 23.46 -17.46
N ARG A 9 -7.11 23.41 -18.55
CA ARG A 9 -8.17 22.40 -18.76
C ARG A 9 -8.48 22.29 -20.25
N GLY A 10 -8.92 21.14 -20.68
CA GLY A 10 -9.33 20.94 -22.07
C GLY A 10 -9.59 19.48 -22.33
N THR A 11 -9.70 19.15 -23.60
CA THR A 11 -10.06 17.81 -24.08
C THR A 11 -8.77 17.00 -24.10
N LEU A 12 -8.90 15.73 -23.71
CA LEU A 12 -7.85 14.73 -23.78
C LEU A 12 -7.36 14.70 -25.23
N TRP A 13 -6.05 14.76 -25.41
CA TRP A 13 -5.31 14.54 -26.70
C TRP A 13 -5.25 15.83 -27.52
N GLU A 14 -6.29 16.67 -27.43
CA GLU A 14 -6.36 18.03 -28.02
C GLU A 14 -5.39 18.96 -27.28
N LYS A 15 -5.76 19.47 -26.11
CA LYS A 15 -4.93 20.45 -25.35
C LYS A 15 -4.19 19.74 -24.22
N VAL A 16 -4.84 18.81 -23.51
CA VAL A 16 -4.30 18.14 -22.29
C VAL A 16 -3.81 16.75 -22.67
N THR A 17 -2.50 16.56 -22.46
CA THR A 17 -1.69 15.39 -22.78
C THR A 17 -0.74 15.03 -21.64
N PRO A 18 -0.30 13.75 -21.62
CA PRO A 18 0.76 13.33 -20.71
C PRO A 18 1.96 14.29 -20.85
N GLU A 19 2.33 14.60 -22.10
CA GLU A 19 3.49 15.50 -22.41
C GLU A 19 3.31 16.84 -21.69
N LEU A 20 2.13 17.46 -21.81
CA LEU A 20 1.89 18.78 -21.17
C LEU A 20 2.00 18.61 -19.64
N ALA A 21 1.36 17.57 -19.09
CA ALA A 21 1.34 17.32 -17.63
C ALA A 21 2.80 17.24 -17.13
N MET A 22 3.70 16.60 -17.89
CA MET A 22 5.13 16.46 -17.52
C MET A 22 5.81 17.85 -17.58
N LYS A 23 5.59 18.61 -18.65
CA LYS A 23 6.20 19.96 -18.78
C LYS A 23 5.76 20.84 -17.60
N VAL A 24 4.48 20.81 -17.18
CA VAL A 24 4.00 21.64 -16.02
C VAL A 24 4.77 21.27 -14.76
N GLY A 25 4.91 19.97 -14.51
CA GLY A 25 5.71 19.49 -13.36
C GLY A 25 7.12 20.06 -13.43
N MET A 26 7.71 19.98 -14.62
CA MET A 26 9.06 20.53 -14.89
C MET A 26 9.05 22.03 -14.61
N ALA A 27 8.02 22.74 -15.06
CA ALA A 27 7.91 24.21 -14.91
C ALA A 27 7.72 24.56 -13.44
N VAL A 28 6.81 23.91 -12.72
CA VAL A 28 6.59 24.20 -11.28
C VAL A 28 7.89 24.11 -10.49
N GLY A 29 8.77 23.15 -10.79
CA GLY A 29 9.96 22.86 -9.97
C GLY A 29 11.19 23.59 -10.49
N THR A 30 11.02 24.39 -11.54
CA THR A 30 11.95 25.43 -12.03
C THR A 30 11.56 26.79 -11.37
N TYR A 31 10.28 27.08 -11.18
CA TYR A 31 9.73 28.33 -10.62
C TYR A 31 9.77 28.29 -9.08
N LYS A 32 9.72 27.09 -8.51
CA LYS A 32 9.65 26.87 -7.05
C LYS A 32 10.63 25.77 -6.67
N SER A 33 10.86 25.61 -5.39
CA SER A 33 11.71 24.54 -4.86
C SER A 33 11.09 23.99 -3.56
N GLY A 34 11.64 22.89 -3.08
CA GLY A 34 11.21 22.28 -1.81
C GLY A 34 10.25 21.14 -2.11
N LYS A 35 9.05 21.22 -1.56
CA LYS A 35 8.09 20.08 -1.56
C LYS A 35 6.88 20.43 -2.41
N ALA A 36 6.44 19.45 -3.18
CA ALA A 36 5.20 19.52 -4.00
C ALA A 36 4.21 18.44 -3.52
N LEU A 37 3.05 18.90 -3.10
CA LEU A 37 1.92 17.99 -2.76
C LEU A 37 1.14 17.75 -4.02
N VAL A 38 0.88 16.48 -4.31
CA VAL A 38 0.18 16.08 -5.56
C VAL A 38 -1.14 15.35 -5.26
N GLY A 39 -2.22 15.83 -5.88
CA GLY A 39 -3.56 15.22 -5.77
C GLY A 39 -4.20 15.12 -7.13
N ARG A 40 -5.23 14.28 -7.26
CA ARG A 40 -6.02 14.08 -8.48
C ARG A 40 -7.50 13.81 -8.12
N ASP A 41 -8.36 13.96 -9.11
CA ASP A 41 -9.79 13.60 -9.03
C ASP A 41 -9.87 12.19 -9.63
N GLY A 42 -11.08 11.71 -9.90
CA GLY A 42 -11.35 10.30 -10.27
C GLY A 42 -11.54 10.04 -11.77
N ARG A 43 -11.25 11.02 -12.63
CA ARG A 43 -11.38 10.88 -14.11
C ARG A 43 -10.50 9.76 -14.62
N THR A 44 -10.90 9.14 -15.75
CA THR A 44 -10.20 7.99 -16.36
C THR A 44 -8.73 8.30 -16.66
N SER A 45 -8.40 9.55 -16.94
CA SER A 45 -7.07 9.97 -17.42
C SER A 45 -6.19 10.48 -16.26
N SER A 46 -6.72 10.58 -15.03
CA SER A 46 -6.07 11.37 -13.95
C SER A 46 -4.84 10.61 -13.41
N VAL A 47 -4.86 9.29 -13.33
CA VAL A 47 -3.64 8.57 -12.86
C VAL A 47 -2.55 8.74 -13.91
N MET A 48 -2.88 8.64 -15.19
CA MET A 48 -1.90 8.83 -16.30
C MET A 48 -1.26 10.22 -16.20
N LEU A 49 -2.04 11.28 -15.99
CA LEU A 49 -1.49 12.66 -15.94
C LEU A 49 -0.72 12.87 -14.64
N LYS A 50 -1.15 12.25 -13.55
CA LYS A 50 -0.48 12.39 -12.24
C LYS A 50 0.91 11.76 -12.36
N ASN A 51 1.03 10.58 -12.98
CA ASN A 51 2.34 9.95 -13.24
C ASN A 51 3.25 10.88 -14.04
N ALA A 52 2.74 11.49 -15.13
CA ALA A 52 3.52 12.40 -15.99
C ALA A 52 3.96 13.62 -15.16
N MET A 53 2.99 14.25 -14.45
CA MET A 53 3.21 15.38 -13.50
C MET A 53 4.29 15.06 -12.48
N ILE A 54 4.17 13.91 -11.80
CA ILE A 54 5.13 13.47 -10.76
C ILE A 54 6.54 13.27 -11.38
N SER A 55 6.62 12.73 -12.58
CA SER A 55 7.92 12.56 -13.27
C SER A 55 8.54 13.93 -13.48
N GLY A 56 7.75 14.89 -13.94
CA GLY A 56 8.19 16.28 -14.12
C GLY A 56 8.79 16.85 -12.85
N LEU A 57 8.03 16.83 -11.75
CA LEU A 57 8.45 17.42 -10.46
C LEU A 57 9.72 16.77 -9.98
N LEU A 58 9.78 15.44 -10.01
CA LEU A 58 10.96 14.73 -9.47
C LEU A 58 12.20 15.19 -10.23
N SER A 59 12.09 15.42 -11.54
CA SER A 59 13.23 15.76 -12.44
C SER A 59 13.90 17.08 -12.01
N THR A 60 13.21 17.93 -11.24
CA THR A 60 13.69 19.27 -10.84
C THR A 60 14.33 19.23 -9.46
N GLY A 61 14.31 18.09 -8.79
CA GLY A 61 14.79 17.95 -7.40
C GLY A 61 13.72 18.29 -6.35
N MET A 62 12.49 18.65 -6.75
CA MET A 62 11.39 18.79 -5.77
C MET A 62 11.11 17.41 -5.14
N GLU A 63 10.75 17.46 -3.87
CA GLU A 63 10.26 16.33 -3.06
C GLU A 63 8.75 16.23 -3.26
N VAL A 64 8.30 15.14 -3.86
CA VAL A 64 6.87 14.93 -4.18
C VAL A 64 6.19 14.23 -3.01
N LEU A 65 5.09 14.82 -2.52
CA LEU A 65 4.19 14.20 -1.52
C LEU A 65 2.92 13.80 -2.28
N ASP A 66 2.65 12.49 -2.42
CA ASP A 66 1.56 11.96 -3.30
C ASP A 66 0.35 11.70 -2.43
N ALA A 67 -0.71 12.50 -2.58
CA ALA A 67 -1.96 12.36 -1.81
C ALA A 67 -2.96 11.54 -2.63
N ASP A 68 -2.65 11.30 -3.88
CA ASP A 68 -3.56 10.54 -4.78
C ASP A 68 -4.93 11.21 -4.76
N LEU A 69 -6.03 10.44 -4.66
CA LEU A 69 -7.42 10.84 -5.02
C LEU A 69 -8.00 11.60 -3.83
N ILE A 70 -7.98 12.92 -3.93
CA ILE A 70 -8.54 13.83 -2.89
C ILE A 70 -9.23 14.98 -3.59
N PRO A 71 -10.27 15.62 -2.98
CA PRO A 71 -10.91 16.81 -3.55
C PRO A 71 -10.00 18.04 -3.52
N THR A 72 -10.16 18.96 -4.48
CA THR A 72 -9.35 20.21 -4.60
C THR A 72 -9.20 20.90 -3.23
N PRO A 73 -10.28 21.19 -2.47
CA PRO A 73 -10.11 21.94 -1.23
C PRO A 73 -9.12 21.26 -0.28
N ALA A 74 -9.18 19.94 -0.24
CA ALA A 74 -8.29 19.11 0.62
C ALA A 74 -6.86 19.24 0.08
N LEU A 75 -6.65 19.27 -1.24
CA LEU A 75 -5.31 19.55 -1.80
C LEU A 75 -4.79 20.95 -1.41
N ALA A 76 -5.61 21.99 -1.54
CA ALA A 76 -5.21 23.38 -1.16
C ALA A 76 -4.90 23.41 0.33
N TRP A 77 -5.71 22.76 1.14
CA TRP A 77 -5.50 22.69 2.62
C TRP A 77 -4.20 21.92 2.91
N GLY A 78 -4.05 20.71 2.34
CA GLY A 78 -2.82 19.92 2.51
C GLY A 78 -1.61 20.70 2.02
N THR A 79 -1.73 21.51 0.98
CA THR A 79 -0.55 22.27 0.45
C THR A 79 -0.04 23.21 1.55
N ARG A 80 -0.95 23.96 2.16
CA ARG A 80 -0.61 24.89 3.28
C ARG A 80 0.02 24.10 4.41
N LYS A 81 -0.54 22.95 4.78
CA LYS A 81 0.01 22.19 5.93
C LYS A 81 1.40 21.65 5.57
N LEU A 82 1.60 21.19 4.34
CA LEU A 82 2.68 20.18 4.11
C LEU A 82 3.75 20.71 3.17
N ALA A 83 3.47 21.63 2.25
CA ALA A 83 4.33 21.79 1.05
C ALA A 83 4.48 23.25 0.56
N ASP A 84 5.34 23.45 -0.41
CA ASP A 84 5.74 24.76 -0.99
C ASP A 84 4.91 25.00 -2.24
N ALA A 85 4.40 23.92 -2.84
CA ALA A 85 3.46 23.99 -3.99
C ALA A 85 2.49 22.80 -3.95
N GLY A 86 1.32 23.00 -4.52
CA GLY A 86 0.29 21.99 -4.72
C GLY A 86 0.00 21.83 -6.19
N VAL A 87 -0.34 20.61 -6.59
CA VAL A 87 -0.81 20.32 -7.96
C VAL A 87 -1.99 19.39 -7.84
N MET A 88 -3.10 19.77 -8.49
CA MET A 88 -4.36 19.01 -8.61
C MET A 88 -4.56 18.55 -10.07
N ILE A 89 -4.58 17.23 -10.37
CA ILE A 89 -5.01 16.74 -11.71
C ILE A 89 -6.55 16.72 -11.74
N THR A 90 -7.19 17.59 -12.52
CA THR A 90 -8.67 17.76 -12.58
C THR A 90 -9.09 18.72 -13.69
N ALA A 91 -10.31 18.55 -14.21
CA ALA A 91 -11.05 19.58 -14.98
C ALA A 91 -12.38 19.88 -14.27
N SER A 92 -12.44 19.67 -12.94
CA SER A 92 -13.55 19.99 -11.98
C SER A 92 -14.93 19.51 -12.47
N HIS A 93 -15.61 20.29 -13.32
CA HIS A 93 -17.03 20.08 -13.73
C HIS A 93 -17.16 19.77 -15.22
N ASN A 94 -16.05 19.82 -15.99
CA ASN A 94 -16.00 19.45 -17.43
C ASN A 94 -16.36 17.97 -17.62
N PRO A 95 -16.83 17.58 -18.83
CA PRO A 95 -17.19 16.18 -19.06
C PRO A 95 -15.99 15.23 -19.03
N PRO A 96 -16.25 13.90 -18.97
CA PRO A 96 -15.19 12.92 -18.75
C PRO A 96 -14.14 12.85 -19.86
N THR A 97 -14.42 13.44 -21.03
CA THR A 97 -13.47 13.56 -22.16
C THR A 97 -12.31 14.51 -21.78
N ASP A 98 -12.40 15.20 -20.65
CA ASP A 98 -11.50 16.34 -20.35
C ASP A 98 -10.71 16.10 -19.06
N ASN A 99 -9.54 16.72 -18.99
CA ASN A 99 -8.79 16.85 -17.72
C ASN A 99 -8.03 18.18 -17.69
N GLY A 100 -7.14 18.37 -16.71
CA GLY A 100 -6.54 19.66 -16.43
C GLY A 100 -5.61 19.60 -15.25
N VAL A 101 -4.97 20.74 -14.95
CA VAL A 101 -4.05 20.93 -13.81
C VAL A 101 -4.41 22.27 -13.17
N LYS A 102 -4.37 22.30 -11.84
CA LYS A 102 -4.50 23.50 -11.02
C LYS A 102 -3.21 23.56 -10.18
N VAL A 103 -2.55 24.71 -10.08
CA VAL A 103 -1.26 24.89 -9.37
C VAL A 103 -1.55 25.82 -8.19
N PHE A 104 -1.11 25.42 -7.00
CA PHE A 104 -1.34 26.12 -5.72
C PHE A 104 0.02 26.45 -5.12
N ASN A 105 0.00 27.52 -4.33
CA ASN A 105 1.11 28.10 -3.56
C ASN A 105 1.09 27.53 -2.14
N GLY A 106 2.21 27.69 -1.42
CA GLY A 106 2.42 27.15 -0.06
C GLY A 106 1.47 27.72 0.98
N ASP A 107 0.72 28.79 0.67
CA ASP A 107 -0.30 29.35 1.62
C ASP A 107 -1.69 28.85 1.24
N GLY A 108 -1.80 28.14 0.12
CA GLY A 108 -3.01 27.43 -0.34
C GLY A 108 -3.78 28.24 -1.34
N THR A 109 -3.23 29.37 -1.78
CA THR A 109 -3.82 30.20 -2.86
C THR A 109 -3.55 29.50 -4.19
N GLU A 110 -4.47 29.59 -5.15
CA GLU A 110 -4.24 29.21 -6.56
C GLU A 110 -3.18 30.15 -7.15
N PHE A 111 -2.40 29.65 -8.11
CA PHE A 111 -1.56 30.38 -9.10
C PHE A 111 -2.10 31.81 -9.33
N TYR A 112 -1.32 32.81 -8.90
CA TYR A 112 -1.46 34.23 -9.35
C TYR A 112 -0.94 34.36 -10.79
N VAL A 113 -1.53 35.30 -11.53
CA VAL A 113 -1.34 35.55 -12.99
C VAL A 113 0.16 35.59 -13.36
N GLU A 114 1.03 36.19 -12.55
CA GLU A 114 2.48 36.32 -12.89
C GLU A 114 3.13 34.95 -12.74
N GLN A 115 2.65 34.13 -11.81
CA GLN A 115 3.10 32.71 -11.69
C GLN A 115 2.68 32.06 -13.01
N GLU A 116 1.44 32.28 -13.45
CA GLU A 116 0.86 31.60 -14.64
C GLU A 116 1.78 31.96 -15.82
N ARG A 117 2.05 33.25 -16.01
CA ARG A 117 2.86 33.73 -17.15
C ARG A 117 4.27 33.17 -16.98
N GLY A 118 4.90 33.37 -15.82
CA GLY A 118 6.21 32.79 -15.50
C GLY A 118 6.28 31.34 -15.97
N LEU A 119 5.27 30.54 -15.58
CA LEU A 119 5.27 29.07 -15.83
C LEU A 119 5.24 28.81 -17.33
N GLU A 120 4.43 29.59 -18.05
CA GLU A 120 4.17 29.42 -19.50
C GLU A 120 5.43 29.73 -20.28
N GLU A 121 6.21 30.72 -19.85
CA GLU A 121 7.45 31.14 -20.56
C GLU A 121 8.43 29.99 -20.43
N ILE A 122 8.57 29.44 -19.22
CA ILE A 122 9.51 28.30 -18.93
C ILE A 122 9.13 27.11 -19.81
N ILE A 123 7.83 26.80 -19.95
CA ILE A 123 7.32 25.69 -20.81
C ILE A 123 7.68 25.95 -22.28
N PHE A 124 7.41 27.15 -22.81
CA PHE A 124 7.74 27.60 -24.19
C PHE A 124 9.26 27.59 -24.37
N SER A 125 10.01 27.96 -23.36
CA SER A 125 11.48 28.06 -23.44
C SER A 125 12.08 26.64 -23.42
N GLY A 126 11.47 25.68 -22.69
CA GLY A 126 12.08 24.36 -22.44
C GLY A 126 13.29 24.41 -21.48
N ASN A 127 13.60 25.55 -20.88
CA ASN A 127 14.75 25.70 -19.93
C ASN A 127 14.32 25.30 -18.52
N PHE A 128 14.30 24.00 -18.27
CA PHE A 128 13.79 23.41 -17.00
C PHE A 128 14.97 23.11 -16.09
N ARG A 129 14.85 23.36 -14.77
CA ARG A 129 15.88 22.93 -13.80
C ARG A 129 15.99 21.39 -13.85
N LYS A 130 17.20 20.86 -13.88
CA LYS A 130 17.48 19.40 -13.86
C LYS A 130 18.27 19.12 -12.58
N ALA A 131 17.72 18.27 -11.72
CA ALA A 131 18.42 17.71 -10.54
C ALA A 131 19.65 16.91 -10.99
N ARG A 132 20.72 16.92 -10.23
CA ARG A 132 21.74 15.86 -10.47
C ARG A 132 21.12 14.54 -10.02
N TRP A 133 21.69 13.44 -10.49
CA TRP A 133 21.21 12.09 -10.14
C TRP A 133 21.06 12.00 -8.61
N ASP A 134 21.99 12.57 -7.85
CA ASP A 134 22.04 12.29 -6.40
C ASP A 134 21.19 13.28 -5.63
N GLU A 135 20.33 14.07 -6.30
CA GLU A 135 19.34 15.00 -5.68
C GLU A 135 17.91 14.64 -6.05
N ILE A 136 17.67 13.60 -6.83
CA ILE A 136 16.28 13.11 -7.07
C ILE A 136 15.79 12.44 -5.79
N LYS A 137 14.64 12.85 -5.27
CA LYS A 137 14.20 12.49 -3.90
C LYS A 137 13.08 11.46 -4.00
N PRO A 138 13.01 10.50 -3.06
CA PRO A 138 11.89 9.58 -2.98
C PRO A 138 10.54 10.25 -2.78
N VAL A 139 9.55 9.68 -3.44
CA VAL A 139 8.10 10.02 -3.31
C VAL A 139 7.68 9.62 -1.88
N ARG A 140 6.83 10.42 -1.28
CA ARG A 140 6.24 10.14 0.05
C ARG A 140 4.72 10.10 -0.16
N ASN A 141 4.12 9.00 0.24
CA ASN A 141 2.64 8.83 0.20
C ASN A 141 2.11 9.47 1.47
N VAL A 142 1.13 10.36 1.36
CA VAL A 142 0.50 11.07 2.50
C VAL A 142 -1.01 10.84 2.43
N GLU A 143 -1.61 10.68 3.60
CA GLU A 143 -3.05 10.53 3.87
C GLU A 143 -3.54 11.86 4.43
N VAL A 144 -4.25 12.66 3.65
CA VAL A 144 -4.65 14.04 4.00
C VAL A 144 -6.11 14.07 4.51
N ILE A 145 -6.97 13.28 3.88
CA ILE A 145 -8.46 13.39 4.07
C ILE A 145 -8.79 13.41 5.56
N PRO A 146 -8.42 12.40 6.38
CA PRO A 146 -8.82 12.40 7.79
C PRO A 146 -8.40 13.69 8.55
N ASP A 147 -7.18 14.14 8.35
CA ASP A 147 -6.66 15.42 8.92
C ASP A 147 -7.44 16.64 8.39
N TYR A 148 -7.87 16.59 7.15
CA TYR A 148 -8.60 17.72 6.54
C TYR A 148 -9.99 17.71 7.16
N ILE A 149 -10.59 16.51 7.25
CA ILE A 149 -11.89 16.31 7.92
C ILE A 149 -11.79 16.85 9.35
N ASN A 150 -10.74 16.50 10.11
CA ASN A 150 -10.69 16.94 11.52
C ASN A 150 -10.56 18.45 11.58
N ALA A 151 -9.87 19.07 10.60
CA ALA A 151 -9.64 20.53 10.62
C ALA A 151 -10.98 21.26 10.38
N VAL A 152 -11.84 20.71 9.53
CA VAL A 152 -13.14 21.30 9.11
C VAL A 152 -14.11 21.17 10.29
N LEU A 153 -14.24 20.00 10.89
CA LEU A 153 -15.00 19.77 12.15
C LEU A 153 -14.60 20.76 13.25
N ASP A 154 -13.31 20.87 13.57
CA ASP A 154 -12.79 21.81 14.59
C ASP A 154 -13.21 23.25 14.26
N PHE A 155 -13.27 23.63 12.98
CA PHE A 155 -13.67 24.97 12.50
C PHE A 155 -15.19 25.19 12.52
N VAL A 156 -16.00 24.20 12.18
CA VAL A 156 -17.48 24.36 12.12
C VAL A 156 -18.01 24.34 13.56
N GLY A 157 -17.41 23.54 14.44
CA GLY A 157 -17.72 23.45 15.89
C GLY A 157 -19.20 23.15 16.16
N HIS A 158 -19.74 22.11 15.54
CA HIS A 158 -21.20 21.83 15.54
C HIS A 158 -21.48 20.34 15.33
N GLU A 159 -22.26 19.79 16.26
CA GLU A 159 -22.91 18.46 16.12
C GLU A 159 -24.39 18.71 15.78
N THR A 160 -25.00 17.80 15.03
CA THR A 160 -26.39 17.91 14.49
C THR A 160 -27.03 16.53 14.58
N ASN A 161 -28.33 16.45 14.25
CA ASN A 161 -29.06 15.18 14.02
C ASN A 161 -29.79 15.26 12.68
N LEU A 162 -29.44 16.23 11.83
CA LEU A 162 -30.21 16.41 10.57
C LEU A 162 -30.08 15.18 9.64
N LYS A 163 -31.10 14.95 8.81
CA LYS A 163 -31.02 14.06 7.63
C LYS A 163 -30.54 14.91 6.45
N VAL A 164 -29.60 14.39 5.65
CA VAL A 164 -28.96 15.11 4.52
C VAL A 164 -28.86 14.17 3.32
N LEU A 165 -29.14 14.68 2.12
CA LEU A 165 -29.00 13.97 0.83
C LEU A 165 -27.73 14.51 0.14
N TYR A 166 -26.70 13.67 0.02
CA TYR A 166 -25.39 14.05 -0.57
C TYR A 166 -25.26 13.42 -1.95
N ASP A 167 -24.99 14.24 -2.97
CA ASP A 167 -24.84 13.81 -4.39
C ASP A 167 -23.41 14.13 -4.86
N GLY A 168 -22.48 13.16 -4.87
CA GLY A 168 -21.02 13.39 -5.01
C GLY A 168 -20.55 13.40 -6.45
N ALA A 169 -21.46 13.41 -7.40
CA ALA A 169 -21.13 13.39 -8.84
C ALA A 169 -20.06 12.33 -9.13
N ASN A 170 -20.16 11.14 -8.54
CA ASN A 170 -19.22 10.04 -8.80
C ASN A 170 -17.77 10.52 -8.61
N GLY A 171 -17.54 11.51 -7.76
CA GLY A 171 -16.28 12.26 -7.73
C GLY A 171 -15.67 12.26 -6.35
N ALA A 172 -14.66 13.09 -6.19
CA ALA A 172 -13.69 13.10 -5.08
C ALA A 172 -14.38 13.50 -3.78
N GLY A 173 -15.54 14.18 -3.86
CA GLY A 173 -16.28 14.58 -2.65
C GLY A 173 -16.83 13.38 -1.92
N SER A 174 -17.15 12.32 -2.67
CA SER A 174 -17.65 11.01 -2.14
C SER A 174 -16.72 10.42 -1.08
N LEU A 175 -15.40 10.66 -1.18
CA LEU A 175 -14.43 10.12 -0.19
C LEU A 175 -14.34 10.99 1.07
N VAL A 176 -15.07 12.12 1.17
CA VAL A 176 -14.88 13.13 2.24
C VAL A 176 -16.24 13.61 2.79
N ALA A 177 -17.10 14.24 1.98
CA ALA A 177 -18.37 14.84 2.48
C ALA A 177 -19.16 13.82 3.34
N PRO A 178 -19.42 12.58 2.86
CA PRO A 178 -20.28 11.67 3.59
C PRO A 178 -19.77 11.37 5.00
N TYR A 179 -18.43 11.37 5.21
CA TYR A 179 -17.76 11.07 6.52
C TYR A 179 -17.74 12.31 7.43
N LEU A 180 -17.54 13.50 6.84
CA LEU A 180 -17.61 14.78 7.58
C LEU A 180 -19.04 14.98 8.09
N LEU A 181 -20.01 14.76 7.21
CA LEU A 181 -21.43 14.86 7.61
C LEU A 181 -21.71 13.85 8.71
N ARG A 182 -21.20 12.62 8.60
CA ARG A 182 -21.45 11.55 9.61
C ARG A 182 -20.79 11.90 10.97
N GLU A 183 -19.53 12.34 10.97
CA GLU A 183 -18.82 12.70 12.22
C GLU A 183 -19.51 13.88 12.92
N MET A 184 -20.29 14.71 12.18
CA MET A 184 -21.06 15.84 12.77
C MET A 184 -22.26 15.27 13.51
N GLY A 185 -22.86 14.19 12.98
CA GLY A 185 -24.12 13.59 13.47
C GLY A 185 -25.17 13.45 12.38
N ALA A 186 -24.92 13.98 11.18
CA ALA A 186 -25.89 13.89 10.06
C ALA A 186 -26.12 12.42 9.68
N LYS A 187 -27.34 12.11 9.26
CA LYS A 187 -27.74 10.80 8.69
C LYS A 187 -27.68 11.00 7.19
N VAL A 188 -26.57 10.56 6.59
CA VAL A 188 -26.26 10.78 5.15
C VAL A 188 -26.97 9.73 4.32
N LEU A 189 -27.76 10.20 3.36
CA LEU A 189 -28.23 9.33 2.27
C LEU A 189 -27.51 9.76 0.99
N SER A 190 -26.66 8.92 0.43
CA SER A 190 -25.78 9.34 -0.70
C SER A 190 -26.32 8.87 -2.05
N VAL A 191 -26.11 9.69 -3.06
CA VAL A 191 -26.31 9.29 -4.49
C VAL A 191 -25.00 9.61 -5.21
N ASN A 192 -24.70 8.86 -6.28
CA ASN A 192 -23.48 9.08 -7.07
C ASN A 192 -22.31 9.25 -6.11
N ALA A 193 -22.23 8.44 -5.05
CA ALA A 193 -21.13 8.62 -4.05
C ALA A 193 -20.11 7.46 -4.11
N HIS A 194 -20.12 6.69 -5.19
CA HIS A 194 -19.00 5.81 -5.61
C HIS A 194 -18.21 6.56 -6.69
N VAL A 195 -16.88 6.60 -6.53
CA VAL A 195 -15.98 7.29 -7.48
C VAL A 195 -16.05 6.55 -8.81
N ASP A 196 -16.28 7.27 -9.90
CA ASP A 196 -16.41 6.68 -11.24
C ASP A 196 -16.14 7.77 -12.29
N GLY A 197 -15.01 7.66 -12.97
CA GLY A 197 -14.58 8.66 -13.97
C GLY A 197 -15.47 8.73 -15.20
N HIS A 198 -16.45 7.83 -15.33
CA HIS A 198 -17.48 7.86 -16.40
C HIS A 198 -18.62 8.80 -16.00
N PHE A 199 -18.68 9.24 -14.76
CA PHE A 199 -19.74 10.16 -14.28
C PHE A 199 -21.11 9.59 -14.67
N PRO A 200 -21.38 8.29 -14.41
CA PRO A 200 -22.59 7.63 -14.89
C PRO A 200 -23.85 8.32 -14.38
N GLY A 201 -23.81 8.81 -13.14
CA GLY A 201 -24.97 9.35 -12.42
C GLY A 201 -25.64 10.51 -13.14
N ARG A 202 -24.87 11.35 -13.82
CA ARG A 202 -25.29 12.69 -14.32
C ARG A 202 -24.06 13.49 -14.78
N LYS A 203 -24.29 14.60 -15.49
CA LYS A 203 -23.23 15.58 -15.78
C LYS A 203 -22.71 16.05 -14.43
N PRO A 204 -21.37 16.12 -14.21
CA PRO A 204 -20.83 16.45 -12.90
C PRO A 204 -21.07 17.91 -12.48
N GLU A 205 -21.44 18.78 -13.41
CA GLU A 205 -21.61 20.20 -13.06
C GLU A 205 -22.93 20.32 -12.32
N PRO A 206 -22.92 20.83 -11.08
CA PRO A 206 -24.11 20.83 -10.23
C PRO A 206 -24.96 22.08 -10.54
N ARG A 207 -25.22 22.28 -11.84
CA ARG A 207 -26.31 23.11 -12.42
C ARG A 207 -27.66 22.50 -12.04
N TYR A 208 -28.66 23.35 -11.76
CA TYR A 208 -30.05 22.93 -11.40
C TYR A 208 -30.49 21.80 -12.34
N GLU A 209 -30.32 21.95 -13.66
CA GLU A 209 -30.90 21.03 -14.69
C GLU A 209 -30.13 19.70 -14.76
N ASN A 210 -28.89 19.61 -14.26
CA ASN A 210 -28.18 18.29 -14.16
C ASN A 210 -28.57 17.57 -12.85
N ILE A 211 -29.03 18.31 -11.84
CA ILE A 211 -29.37 17.76 -10.49
C ILE A 211 -30.86 17.90 -10.17
N ALA A 212 -31.70 18.13 -11.18
CA ALA A 212 -33.14 18.50 -10.99
C ALA A 212 -33.79 17.41 -10.14
N TYR A 213 -33.53 16.15 -10.49
CA TYR A 213 -34.12 14.93 -9.90
C TYR A 213 -34.06 14.97 -8.38
N LEU A 214 -33.15 15.75 -7.79
CA LEU A 214 -32.88 15.71 -6.33
C LEU A 214 -34.06 16.27 -5.57
N GLY A 215 -34.80 17.20 -6.19
CA GLY A 215 -36.01 17.85 -5.63
C GLY A 215 -37.08 16.86 -5.18
N LYS A 216 -37.57 16.01 -6.09
CA LYS A 216 -38.68 15.07 -5.76
C LYS A 216 -38.13 13.94 -4.87
N LEU A 217 -36.81 13.87 -4.69
CA LEU A 217 -36.13 12.86 -3.85
C LEU A 217 -36.04 13.34 -2.40
N VAL A 218 -35.86 14.64 -2.19
CA VAL A 218 -35.81 15.29 -0.85
C VAL A 218 -37.16 15.06 -0.14
N ARG A 219 -38.25 15.13 -0.89
CA ARG A 219 -39.62 14.95 -0.34
C ARG A 219 -39.76 13.49 0.07
N GLU A 220 -39.60 12.58 -0.91
CA GLU A 220 -39.62 11.11 -0.71
C GLU A 220 -38.91 10.74 0.61
N LEU A 221 -37.63 11.06 0.77
CA LEU A 221 -36.78 10.51 1.87
C LEU A 221 -37.02 11.28 3.17
N GLY A 222 -37.53 12.50 3.06
CA GLY A 222 -37.75 13.38 4.23
C GLY A 222 -36.46 13.89 4.82
N VAL A 223 -35.51 14.29 3.96
CA VAL A 223 -34.20 14.88 4.36
C VAL A 223 -34.41 16.39 4.63
N ASP A 224 -33.55 16.98 5.47
CA ASP A 224 -33.59 18.40 5.91
C ASP A 224 -32.79 19.30 4.95
N LEU A 225 -32.24 18.75 3.87
CA LEU A 225 -31.18 19.42 3.08
C LEU A 225 -30.63 18.42 2.04
N ALA A 226 -30.49 18.83 0.79
CA ALA A 226 -29.72 18.08 -0.23
C ALA A 226 -28.48 18.89 -0.58
N ILE A 227 -27.35 18.22 -0.80
CA ILE A 227 -26.06 18.87 -1.17
C ILE A 227 -25.49 18.13 -2.36
N ALA A 228 -25.11 18.87 -3.41
CA ALA A 228 -24.52 18.33 -4.64
C ALA A 228 -23.19 19.02 -4.89
N GLN A 229 -22.21 18.29 -5.42
CA GLN A 229 -20.91 18.87 -5.76
C GLN A 229 -20.60 18.56 -7.21
N ASP A 230 -19.45 19.05 -7.66
CA ASP A 230 -18.82 18.62 -8.94
C ASP A 230 -17.82 17.45 -8.68
N GLY A 231 -17.12 17.02 -9.72
CA GLY A 231 -16.17 15.89 -9.69
C GLY A 231 -14.93 16.11 -8.82
N ASP A 232 -14.43 17.35 -8.65
CA ASP A 232 -13.29 17.61 -7.72
C ASP A 232 -13.82 18.07 -6.36
N ALA A 233 -15.13 18.25 -6.28
CA ALA A 233 -15.82 18.74 -5.06
C ALA A 233 -15.27 20.11 -4.65
N ASP A 234 -15.07 21.05 -5.57
CA ASP A 234 -14.79 22.42 -5.08
C ASP A 234 -16.13 23.18 -5.07
N ARG A 235 -17.15 22.69 -5.79
CA ARG A 235 -18.44 23.39 -5.92
C ARG A 235 -19.48 22.81 -4.96
N ILE A 236 -20.47 23.63 -4.61
CA ILE A 236 -21.66 23.20 -3.82
C ILE A 236 -22.92 23.88 -4.36
N ALA A 237 -23.99 23.10 -4.43
CA ALA A 237 -25.38 23.40 -4.83
C ALA A 237 -26.30 22.74 -3.81
N VAL A 238 -27.36 23.44 -3.37
CA VAL A 238 -28.22 22.93 -2.26
C VAL A 238 -29.70 23.05 -2.61
N PHE A 239 -30.50 22.07 -2.19
CA PHE A 239 -31.98 22.09 -2.13
C PHE A 239 -32.40 22.09 -0.66
N ASP A 240 -33.59 22.62 -0.34
CA ASP A 240 -34.12 22.72 1.04
C ASP A 240 -35.02 21.50 1.32
N GLU A 241 -35.58 21.41 2.52
CA GLU A 241 -36.39 20.24 2.95
C GLU A 241 -37.69 20.15 2.14
N LYS A 242 -38.07 21.21 1.41
CA LYS A 242 -39.30 21.19 0.56
C LYS A 242 -38.92 20.72 -0.84
N GLY A 243 -37.62 20.57 -1.11
CA GLY A 243 -37.16 20.11 -2.44
C GLY A 243 -37.21 21.25 -3.42
N ASN A 244 -37.08 22.48 -2.91
CA ASN A 244 -36.90 23.72 -3.69
C ASN A 244 -35.40 24.00 -3.90
N TYR A 245 -34.95 24.08 -5.16
CA TYR A 245 -33.57 24.49 -5.51
C TYR A 245 -33.32 25.84 -4.84
N VAL A 246 -32.31 25.93 -3.98
CA VAL A 246 -31.82 27.22 -3.42
C VAL A 246 -30.78 27.71 -4.39
N ASP A 247 -31.13 28.69 -5.22
CA ASP A 247 -30.25 29.17 -6.33
C ASP A 247 -28.99 29.80 -5.71
N GLU A 248 -27.98 30.03 -6.55
CA GLU A 248 -26.57 30.11 -6.10
C GLU A 248 -26.34 31.47 -5.42
N ASP A 249 -27.03 32.55 -5.81
CA ASP A 249 -26.94 33.87 -5.11
C ASP A 249 -27.59 33.82 -3.72
N THR A 250 -28.69 33.08 -3.57
CA THR A 250 -29.42 32.86 -2.29
C THR A 250 -28.48 32.24 -1.26
N VAL A 251 -27.72 31.21 -1.67
CA VAL A 251 -26.71 30.53 -0.83
C VAL A 251 -25.68 31.59 -0.45
N ILE A 252 -25.10 32.26 -1.45
CA ILE A 252 -24.07 33.31 -1.22
C ILE A 252 -24.64 34.36 -0.23
N ALA A 253 -25.88 34.84 -0.45
CA ALA A 253 -26.50 35.91 0.35
C ALA A 253 -26.69 35.45 1.80
N LEU A 254 -27.18 34.23 2.00
CA LEU A 254 -27.32 33.61 3.34
C LEU A 254 -26.00 33.75 4.12
N PHE A 255 -24.87 33.46 3.49
CA PHE A 255 -23.53 33.49 4.16
C PHE A 255 -23.06 34.94 4.23
N ALA A 256 -23.41 35.73 3.21
CA ALA A 256 -23.20 37.19 3.20
C ALA A 256 -23.83 37.78 4.48
N LYS A 257 -25.13 37.56 4.64
CA LYS A 257 -25.92 38.08 5.79
C LYS A 257 -25.24 37.63 7.09
N LEU A 258 -24.99 36.32 7.21
CA LEU A 258 -24.39 35.66 8.40
C LEU A 258 -23.08 36.36 8.74
N TYR A 259 -22.18 36.53 7.76
CA TYR A 259 -20.78 37.02 8.00
C TYR A 259 -20.80 38.51 8.37
N VAL A 260 -21.66 39.28 7.71
CA VAL A 260 -21.79 40.75 7.94
C VAL A 260 -22.49 41.00 9.30
N GLU A 261 -23.49 40.19 9.71
CA GLU A 261 -24.28 40.42 10.96
C GLU A 261 -23.37 40.17 12.17
N GLU A 262 -22.68 39.03 12.22
CA GLU A 262 -21.73 38.74 13.32
C GLU A 262 -20.81 39.95 13.45
N HIS A 263 -20.12 40.29 12.36
CA HIS A 263 -19.05 41.33 12.33
C HIS A 263 -19.62 42.60 12.96
N GLY A 264 -20.83 43.01 12.53
CA GLY A 264 -21.34 44.40 12.49
C GLY A 264 -20.80 45.15 11.27
N GLY A 265 -21.29 44.82 10.07
CA GLY A 265 -20.74 45.33 8.79
C GLY A 265 -19.57 44.50 8.28
N GLY A 266 -18.56 45.15 7.69
CA GLY A 266 -17.40 44.56 6.99
C GLY A 266 -17.71 44.36 5.52
N THR A 267 -16.69 44.07 4.70
CA THR A 267 -16.79 44.02 3.21
C THR A 267 -16.85 42.59 2.65
N VAL A 268 -17.60 42.45 1.56
CA VAL A 268 -17.96 41.16 0.91
C VAL A 268 -17.64 41.26 -0.58
N VAL A 269 -16.71 40.42 -1.06
CA VAL A 269 -16.30 40.28 -2.49
C VAL A 269 -17.11 39.14 -3.12
N VAL A 270 -17.92 39.46 -4.13
CA VAL A 270 -18.63 38.48 -4.97
C VAL A 270 -18.13 38.69 -6.40
N SER A 271 -18.42 37.74 -7.28
CA SER A 271 -18.12 37.86 -8.73
C SER A 271 -19.13 38.80 -9.43
N ILE A 272 -18.79 39.23 -10.64
CA ILE A 272 -19.49 40.31 -11.37
C ILE A 272 -20.89 39.85 -11.77
N ASP A 273 -21.17 38.56 -11.76
CA ASP A 273 -22.40 38.01 -12.38
C ASP A 273 -23.34 37.57 -11.27
N THR A 274 -22.94 37.73 -10.01
CA THR A 274 -23.83 37.55 -8.84
C THR A 274 -24.80 38.75 -8.79
N GLY A 275 -25.99 38.56 -8.20
CA GLY A 275 -27.12 39.49 -8.29
C GLY A 275 -27.32 40.34 -7.06
N SER A 276 -28.51 40.93 -6.95
CA SER A 276 -28.84 42.04 -6.01
C SER A 276 -29.15 41.46 -4.63
N ARG A 277 -29.46 40.16 -4.55
CA ARG A 277 -29.74 39.46 -3.27
C ARG A 277 -28.59 39.75 -2.30
N ILE A 278 -27.36 39.76 -2.78
CA ILE A 278 -26.16 39.97 -1.94
C ILE A 278 -26.11 41.45 -1.58
N ASP A 279 -26.42 42.30 -2.56
CA ASP A 279 -26.43 43.79 -2.40
C ASP A 279 -27.34 44.13 -1.22
N ALA A 280 -28.56 43.58 -1.21
CA ALA A 280 -29.64 43.91 -0.25
C ALA A 280 -29.30 43.44 1.18
N VAL A 281 -28.92 42.17 1.40
CA VAL A 281 -28.74 41.57 2.77
C VAL A 281 -27.50 42.19 3.41
N VAL A 282 -26.60 42.71 2.59
CA VAL A 282 -25.30 43.22 3.05
C VAL A 282 -25.46 44.69 3.49
N GLU A 283 -26.07 45.53 2.63
CA GLU A 283 -26.34 46.96 2.92
C GLU A 283 -27.17 46.99 4.20
N ARG A 284 -28.32 46.30 4.18
CA ARG A 284 -29.26 46.17 5.32
C ARG A 284 -28.50 45.93 6.62
N ALA A 285 -27.46 45.09 6.60
CA ALA A 285 -26.71 44.65 7.80
C ALA A 285 -25.54 45.61 8.07
N GLY A 286 -25.32 46.57 7.17
CA GLY A 286 -24.35 47.67 7.34
C GLY A 286 -22.97 47.29 6.84
N GLY A 287 -22.91 46.51 5.76
CA GLY A 287 -21.65 46.09 5.12
C GLY A 287 -21.58 46.55 3.67
N ARG A 288 -20.46 46.27 3.00
CA ARG A 288 -20.15 46.82 1.65
C ARG A 288 -19.83 45.66 0.69
N VAL A 289 -20.45 45.69 -0.48
CA VAL A 289 -20.34 44.72 -1.60
C VAL A 289 -19.43 45.28 -2.71
N VAL A 290 -18.34 44.58 -3.05
CA VAL A 290 -17.44 44.90 -4.22
C VAL A 290 -17.48 43.75 -5.23
N ARG A 291 -17.48 44.04 -6.53
CA ARG A 291 -17.49 43.00 -7.59
C ARG A 291 -16.10 42.89 -8.22
N ILE A 292 -15.57 41.67 -8.39
CA ILE A 292 -14.34 41.36 -9.17
C ILE A 292 -14.68 40.34 -10.26
N PRO A 293 -13.78 40.08 -11.25
CA PRO A 293 -14.02 38.99 -12.19
C PRO A 293 -13.97 37.57 -11.56
N LEU A 294 -14.78 36.68 -12.12
CA LEU A 294 -14.66 35.20 -12.06
C LEU A 294 -13.19 34.85 -12.16
N GLY A 295 -12.67 34.06 -11.21
CA GLY A 295 -11.23 33.73 -11.13
C GLY A 295 -10.86 33.10 -9.80
N GLN A 296 -10.36 33.91 -8.86
CA GLN A 296 -10.06 33.49 -7.46
C GLN A 296 -10.69 34.49 -6.50
N PRO A 297 -11.79 34.15 -5.78
CA PRO A 297 -12.38 35.04 -4.78
C PRO A 297 -11.40 35.58 -3.73
N HIS A 298 -10.32 34.85 -3.41
CA HIS A 298 -9.32 35.33 -2.41
C HIS A 298 -8.58 36.56 -2.91
N ASP A 299 -8.43 36.75 -4.22
CA ASP A 299 -7.80 37.98 -4.76
C ASP A 299 -8.52 39.17 -4.11
N GLY A 300 -9.83 39.01 -3.90
CA GLY A 300 -10.72 39.96 -3.19
C GLY A 300 -10.37 40.10 -1.72
N ILE A 301 -10.18 38.99 -1.00
CA ILE A 301 -9.83 39.08 0.45
C ILE A 301 -8.55 39.92 0.62
N LYS A 302 -7.47 39.62 -0.12
CA LYS A 302 -6.19 40.37 -0.02
C LYS A 302 -6.43 41.86 -0.27
N ARG A 303 -7.04 42.17 -1.42
CA ARG A 303 -7.14 43.55 -1.98
C ARG A 303 -8.00 44.43 -1.07
N TYR A 304 -9.17 43.93 -0.65
CA TYR A 304 -10.26 44.70 0.00
C TYR A 304 -10.50 44.26 1.45
N LYS A 305 -9.64 43.41 2.01
CA LYS A 305 -9.70 42.96 3.42
C LYS A 305 -11.12 42.49 3.72
N ALA A 306 -11.66 41.64 2.85
CA ALA A 306 -13.02 41.07 2.96
C ALA A 306 -13.06 39.92 3.97
N ILE A 307 -14.24 39.75 4.56
CA ILE A 307 -14.56 38.76 5.63
C ILE A 307 -15.13 37.52 4.94
N PHE A 308 -15.44 37.63 3.65
CA PHE A 308 -16.24 36.62 2.91
C PHE A 308 -16.20 36.94 1.42
N ALA A 309 -15.76 35.99 0.59
CA ALA A 309 -15.83 36.10 -0.88
C ALA A 309 -16.60 34.90 -1.47
N ALA A 310 -17.17 35.06 -2.64
CA ALA A 310 -17.94 33.98 -3.28
C ALA A 310 -18.07 34.26 -4.76
N GLU A 311 -18.30 33.21 -5.54
CA GLU A 311 -18.91 33.21 -6.90
C GLU A 311 -20.03 32.18 -6.86
N PRO A 312 -20.90 32.15 -7.88
CA PRO A 312 -21.94 31.13 -7.94
C PRO A 312 -21.30 29.75 -7.76
N TRP A 313 -21.86 28.97 -6.83
CA TRP A 313 -21.45 27.61 -6.40
C TRP A 313 -20.15 27.57 -5.59
N LYS A 314 -19.39 28.68 -5.41
CA LYS A 314 -18.00 28.66 -4.80
C LYS A 314 -17.82 29.69 -3.68
N LEU A 315 -17.95 29.28 -2.42
CA LEU A 315 -17.74 30.22 -1.28
C LEU A 315 -16.35 30.02 -0.69
N VAL A 316 -15.77 31.11 -0.19
CA VAL A 316 -14.50 31.17 0.56
C VAL A 316 -14.80 31.64 1.98
N HIS A 317 -14.19 30.99 2.96
CA HIS A 317 -14.31 31.21 4.42
C HIS A 317 -12.90 31.52 4.91
N PRO A 318 -12.49 32.79 4.76
CA PRO A 318 -11.11 33.21 5.02
C PRO A 318 -10.59 32.78 6.40
N LYS A 319 -11.47 32.57 7.37
CA LYS A 319 -11.02 32.31 8.74
C LYS A 319 -10.38 30.90 8.71
N PHE A 320 -10.88 30.05 7.81
CA PHE A 320 -10.33 28.68 7.64
C PHE A 320 -9.09 28.72 6.73
N GLY A 321 -9.28 29.26 5.53
CA GLY A 321 -8.22 29.32 4.51
C GLY A 321 -8.70 30.03 3.25
N PRO A 322 -7.76 30.40 2.37
CA PRO A 322 -8.06 31.18 1.18
C PRO A 322 -8.80 30.45 0.06
N TRP A 323 -8.86 29.13 0.12
CA TRP A 323 -9.39 28.37 -1.05
C TRP A 323 -10.92 28.35 -0.95
N ILE A 324 -11.57 28.15 -2.06
CA ILE A 324 -12.99 27.71 -2.13
C ILE A 324 -13.17 26.41 -1.32
N ASP A 325 -13.93 26.45 -0.24
CA ASP A 325 -14.09 25.30 0.67
C ASP A 325 -15.56 24.99 0.90
N PRO A 326 -16.16 24.17 0.03
CA PRO A 326 -17.54 23.71 0.22
C PRO A 326 -17.76 22.73 1.40
N PHE A 327 -16.69 22.22 2.01
CA PHE A 327 -16.75 21.29 3.17
C PHE A 327 -17.07 22.12 4.40
N VAL A 328 -16.43 23.30 4.51
CA VAL A 328 -16.85 24.36 5.47
C VAL A 328 -18.26 24.88 5.12
N THR A 329 -18.56 25.32 3.89
CA THR A 329 -19.95 25.76 3.53
C THR A 329 -21.00 24.76 4.03
N MET A 330 -20.95 23.53 3.53
CA MET A 330 -21.71 22.34 4.00
C MET A 330 -22.06 22.42 5.49
N GLY A 331 -21.05 22.47 6.33
CA GLY A 331 -21.14 22.28 7.78
C GLY A 331 -21.72 23.49 8.47
N LEU A 332 -21.43 24.69 7.97
CA LEU A 332 -21.90 25.97 8.57
C LEU A 332 -23.38 26.15 8.23
N LEU A 333 -23.79 25.63 7.06
CA LEU A 333 -25.20 25.62 6.57
C LEU A 333 -26.04 24.67 7.45
N ILE A 334 -25.50 23.52 7.84
CA ILE A 334 -26.17 22.62 8.81
C ILE A 334 -26.27 23.36 10.17
N LYS A 335 -25.20 24.04 10.58
CA LYS A 335 -25.20 24.78 11.86
C LYS A 335 -26.18 25.96 11.76
N LEU A 336 -26.40 26.53 10.58
CA LEU A 336 -27.34 27.66 10.40
C LEU A 336 -28.76 27.14 10.69
N ILE A 337 -29.14 26.03 10.06
CA ILE A 337 -30.49 25.41 10.11
C ILE A 337 -30.80 24.94 11.54
N ASP A 338 -29.83 24.32 12.19
CA ASP A 338 -29.96 23.79 13.58
C ASP A 338 -30.19 24.97 14.54
N GLU A 339 -29.74 26.18 14.20
CA GLU A 339 -29.70 27.36 15.12
C GLU A 339 -30.84 28.38 14.81
N ASN A 340 -31.44 28.29 13.63
CA ASN A 340 -32.40 29.30 13.13
C ASN A 340 -33.57 28.66 12.40
N GLY A 341 -33.69 27.33 12.37
CA GLY A 341 -34.88 26.65 11.82
C GLY A 341 -34.75 26.24 10.35
N PRO A 342 -35.80 25.57 9.80
CA PRO A 342 -35.71 24.84 8.53
C PRO A 342 -35.33 25.75 7.36
N LEU A 343 -34.67 25.18 6.34
CA LEU A 343 -33.90 26.00 5.38
C LEU A 343 -34.88 26.82 4.53
N SER A 344 -36.00 26.21 4.11
CA SER A 344 -37.04 26.86 3.26
C SER A 344 -37.50 28.18 3.91
N GLU A 345 -37.56 28.20 5.24
CA GLU A 345 -37.87 29.40 6.06
C GLU A 345 -36.73 30.39 5.86
N LEU A 346 -35.48 29.94 6.01
CA LEU A 346 -34.30 30.83 5.98
C LEU A 346 -34.15 31.52 4.61
N VAL A 347 -34.55 30.88 3.50
CA VAL A 347 -34.42 31.48 2.13
C VAL A 347 -35.54 32.51 1.91
N LYS A 348 -36.58 32.47 2.74
CA LYS A 348 -37.69 33.48 2.69
C LYS A 348 -37.20 34.83 3.25
N GLU A 349 -36.27 34.83 4.22
CA GLU A 349 -35.70 36.07 4.82
C GLU A 349 -34.73 36.74 3.82
N ILE A 350 -34.69 36.25 2.56
CA ILE A 350 -33.83 36.77 1.46
C ILE A 350 -34.70 37.43 0.40
N PRO A 351 -34.41 38.71 0.04
CA PRO A 351 -35.12 39.40 -1.02
C PRO A 351 -35.18 38.55 -2.30
N THR A 352 -36.25 38.70 -3.07
CA THR A 352 -36.46 37.98 -4.35
C THR A 352 -36.15 38.93 -5.50
N TYR A 353 -35.30 38.49 -6.41
CA TYR A 353 -35.07 39.06 -7.75
C TYR A 353 -35.23 37.93 -8.76
N TYR A 354 -35.38 38.28 -10.03
CA TYR A 354 -35.72 37.34 -11.14
C TYR A 354 -34.61 37.45 -12.19
N LEU A 355 -33.94 36.32 -12.43
CA LEU A 355 -32.70 36.19 -13.25
C LEU A 355 -33.07 35.43 -14.52
N LYS A 356 -32.50 35.85 -15.66
CA LYS A 356 -32.47 35.05 -16.91
C LYS A 356 -31.10 35.22 -17.59
N LYS A 357 -30.61 34.17 -18.26
CA LYS A 357 -29.34 34.18 -19.02
C LYS A 357 -29.41 33.17 -20.17
N ALA A 358 -28.58 33.40 -21.19
CA ALA A 358 -28.30 32.50 -22.33
C ALA A 358 -26.96 32.89 -22.95
N ASN A 359 -26.42 32.05 -23.83
CA ASN A 359 -25.12 32.29 -24.52
C ASN A 359 -25.42 32.53 -26.00
N VAL A 360 -24.71 33.49 -26.61
CA VAL A 360 -24.70 33.75 -28.07
C VAL A 360 -23.32 33.33 -28.61
N LEU A 361 -23.26 32.36 -29.53
CA LEU A 361 -21.97 31.91 -30.16
C LEU A 361 -21.32 33.12 -30.85
N CYS A 362 -20.00 33.27 -30.66
CA CYS A 362 -19.19 34.42 -31.13
C CYS A 362 -17.72 34.03 -31.26
N PRO A 363 -17.09 34.22 -32.44
CA PRO A 363 -15.64 34.04 -32.58
C PRO A 363 -14.80 34.91 -31.64
N ASP A 364 -13.68 34.36 -31.16
CA ASP A 364 -12.73 34.96 -30.18
C ASP A 364 -12.28 36.37 -30.64
N GLU A 365 -11.95 36.53 -31.92
CA GLU A 365 -11.44 37.81 -32.49
C GLU A 365 -12.59 38.82 -32.62
N TYR A 366 -13.85 38.36 -32.59
CA TYR A 366 -15.08 39.22 -32.63
C TYR A 366 -15.79 39.21 -31.27
N LYS A 367 -15.04 39.15 -30.16
CA LYS A 367 -15.59 39.27 -28.77
C LYS A 367 -15.23 40.67 -28.22
N ALA A 368 -13.93 41.00 -28.13
CA ALA A 368 -13.44 42.35 -27.74
C ALA A 368 -14.24 43.42 -28.50
N GLU A 369 -14.54 43.16 -29.78
CA GLU A 369 -15.22 44.09 -30.71
C GLU A 369 -16.71 44.23 -30.34
N VAL A 370 -17.46 43.12 -30.39
CA VAL A 370 -18.96 43.07 -30.30
C VAL A 370 -19.41 43.70 -28.98
N VAL A 371 -18.94 43.16 -27.85
CA VAL A 371 -19.34 43.54 -26.46
C VAL A 371 -19.25 45.07 -26.30
N ARG A 372 -18.04 45.65 -26.32
CA ARG A 372 -17.78 47.09 -26.03
C ARG A 372 -18.77 47.99 -26.77
N ARG A 373 -19.16 47.60 -27.99
CA ARG A 373 -19.98 48.42 -28.94
C ARG A 373 -21.48 48.10 -28.78
N ALA A 374 -21.81 46.88 -28.33
CA ALA A 374 -23.19 46.45 -27.99
C ALA A 374 -23.56 46.88 -26.55
N ALA A 375 -22.64 47.53 -25.82
CA ALA A 375 -22.78 47.98 -24.41
C ALA A 375 -22.81 49.51 -24.34
N GLU A 376 -22.01 50.18 -25.17
CA GLU A 376 -22.18 51.61 -25.55
C GLU A 376 -23.68 51.88 -25.74
N GLU A 377 -24.33 51.04 -26.56
CA GLU A 377 -25.72 51.20 -27.06
C GLU A 377 -26.70 51.22 -25.88
N VAL A 378 -26.73 50.12 -25.12
CA VAL A 378 -27.68 49.87 -24.00
C VAL A 378 -27.37 50.83 -22.83
N GLU A 379 -26.13 51.38 -22.77
CA GLU A 379 -25.70 52.36 -21.74
C GLU A 379 -26.40 53.69 -22.00
N ARG A 380 -26.51 54.09 -23.28
CA ARG A 380 -27.17 55.35 -23.72
C ARG A 380 -28.69 55.25 -23.45
N LYS A 381 -29.34 54.20 -23.96
CA LYS A 381 -30.82 54.02 -23.96
C LYS A 381 -31.39 54.20 -22.55
N LEU A 382 -30.69 53.75 -21.52
CA LEU A 382 -31.19 53.64 -20.12
C LEU A 382 -30.29 54.47 -19.18
N SER A 383 -29.77 55.63 -19.64
CA SER A 383 -28.82 56.51 -18.90
C SER A 383 -29.58 57.45 -17.93
N SER A 384 -30.90 57.27 -17.84
CA SER A 384 -31.81 57.96 -16.88
C SER A 384 -31.65 57.34 -15.48
N GLU A 385 -31.90 56.02 -15.38
CA GLU A 385 -31.97 55.20 -14.14
C GLU A 385 -30.57 55.01 -13.52
N ILE A 386 -29.59 54.58 -14.32
CA ILE A 386 -28.13 54.32 -14.00
C ILE A 386 -27.76 54.72 -12.57
N LYS A 387 -27.32 53.73 -11.78
CA LYS A 387 -26.73 53.90 -10.41
C LYS A 387 -25.21 53.69 -10.46
N GLU A 388 -24.71 52.84 -11.37
CA GLU A 388 -23.25 52.60 -11.59
C GLU A 388 -23.06 51.61 -12.74
N VAL A 389 -22.12 51.90 -13.65
CA VAL A 389 -21.55 50.94 -14.64
C VAL A 389 -20.19 50.43 -14.11
N LEU A 390 -20.03 49.10 -14.06
CA LEU A 390 -18.73 48.38 -13.85
C LEU A 390 -18.24 47.84 -15.20
N THR A 391 -16.96 48.07 -15.50
CA THR A 391 -16.29 47.70 -16.79
C THR A 391 -15.07 46.82 -16.49
N ILE A 392 -14.97 46.30 -15.28
CA ILE A 392 -13.78 45.52 -14.83
C ILE A 392 -13.84 44.13 -15.49
N SER A 393 -14.99 43.74 -16.04
CA SER A 393 -15.14 42.38 -16.63
C SER A 393 -16.30 42.33 -17.62
N GLY A 394 -16.06 42.75 -18.86
CA GLY A 394 -17.14 43.18 -19.76
C GLY A 394 -17.80 44.44 -19.19
N PHE A 395 -19.11 44.56 -19.35
CA PHE A 395 -19.92 45.74 -18.94
C PHE A 395 -21.11 45.25 -18.09
N ARG A 396 -21.20 45.74 -16.84
CA ARG A 396 -22.32 45.43 -15.90
C ARG A 396 -23.03 46.75 -15.53
N ILE A 397 -24.23 46.95 -16.09
CA ILE A 397 -25.00 48.23 -16.02
C ILE A 397 -26.04 48.10 -14.90
N ALA A 398 -25.81 48.77 -13.76
CA ALA A 398 -26.68 48.77 -12.56
C ALA A 398 -27.63 49.99 -12.60
N LEU A 399 -28.92 49.79 -12.33
CA LEU A 399 -29.99 50.84 -12.34
C LEU A 399 -30.27 51.32 -10.90
N ASN A 400 -31.21 52.26 -10.73
CA ASN A 400 -31.57 52.89 -9.43
C ASN A 400 -32.58 52.03 -8.67
N ASP A 401 -33.34 51.17 -9.38
CA ASP A 401 -34.33 50.22 -8.80
C ASP A 401 -33.71 48.82 -8.62
N GLY A 402 -32.37 48.75 -8.45
CA GLY A 402 -31.63 47.52 -8.08
C GLY A 402 -31.52 46.51 -9.22
N SER A 403 -32.07 46.81 -10.40
CA SER A 403 -31.94 45.93 -11.60
C SER A 403 -30.50 46.04 -12.16
N TRP A 404 -30.15 45.16 -13.12
CA TRP A 404 -28.84 45.14 -13.83
C TRP A 404 -28.81 44.19 -15.03
N ILE A 405 -27.95 44.54 -16.00
CA ILE A 405 -27.62 43.80 -17.25
C ILE A 405 -26.13 43.41 -17.22
N LEU A 406 -25.78 42.23 -17.75
CA LEU A 406 -24.37 41.77 -17.93
C LEU A 406 -24.14 41.27 -19.36
N ILE A 407 -23.19 41.91 -20.06
CA ILE A 407 -22.59 41.43 -21.34
C ILE A 407 -21.09 41.23 -21.08
N ARG A 408 -20.60 40.00 -21.28
CA ARG A 408 -19.24 39.57 -20.86
C ARG A 408 -18.67 38.62 -21.91
N PRO A 409 -17.37 38.73 -22.30
CA PRO A 409 -16.72 37.74 -23.15
C PRO A 409 -16.17 36.54 -22.35
N SER A 410 -16.74 35.35 -22.56
CA SER A 410 -16.33 34.07 -21.90
C SER A 410 -14.81 33.91 -22.01
N GLY A 411 -14.18 33.31 -21.00
CA GLY A 411 -12.73 33.10 -20.95
C GLY A 411 -12.30 32.01 -21.90
N THR A 412 -12.93 30.84 -21.79
CA THR A 412 -12.44 29.54 -22.31
C THR A 412 -13.41 28.95 -23.36
N GLU A 413 -14.22 29.79 -24.01
CA GLU A 413 -15.21 29.36 -25.04
C GLU A 413 -15.50 30.49 -26.03
N PRO A 414 -15.92 30.16 -27.27
CA PRO A 414 -16.12 31.17 -28.29
C PRO A 414 -17.57 31.66 -28.28
N LYS A 415 -17.98 32.35 -27.21
CA LYS A 415 -19.38 32.87 -27.10
C LYS A 415 -19.44 34.02 -26.09
N ILE A 416 -20.38 34.95 -26.31
CA ILE A 416 -20.71 36.09 -25.40
C ILE A 416 -21.81 35.66 -24.43
N ARG A 417 -21.60 35.93 -23.13
CA ARG A 417 -22.55 35.60 -22.04
C ARG A 417 -23.42 36.82 -21.75
N VAL A 418 -24.72 36.60 -21.60
CA VAL A 418 -25.74 37.66 -21.35
C VAL A 418 -26.52 37.25 -20.11
N VAL A 419 -26.65 38.19 -19.17
CA VAL A 419 -27.41 38.00 -17.89
C VAL A 419 -28.24 39.27 -17.62
N ALA A 420 -29.54 39.10 -17.32
CA ALA A 420 -30.45 40.15 -16.80
C ALA A 420 -31.08 39.71 -15.47
N GLU A 421 -31.18 40.63 -14.50
CA GLU A 421 -31.89 40.40 -13.20
C GLU A 421 -32.55 41.72 -12.72
N ALA A 422 -33.77 41.61 -12.17
CA ALA A 422 -34.67 42.72 -11.76
C ALA A 422 -35.54 42.29 -10.60
N PRO A 423 -36.02 43.21 -9.71
CA PRO A 423 -37.00 42.87 -8.68
C PRO A 423 -38.34 42.31 -9.20
N THR A 424 -38.67 42.44 -10.49
CA THR A 424 -40.01 42.06 -11.03
C THR A 424 -39.91 41.16 -12.27
N GLU A 425 -40.88 40.26 -12.44
CA GLU A 425 -41.05 39.28 -13.54
C GLU A 425 -41.04 39.98 -14.92
N LYS A 426 -41.74 41.11 -15.01
CA LYS A 426 -41.81 41.96 -16.23
C LYS A 426 -40.42 42.55 -16.47
N ARG A 427 -40.00 43.51 -15.62
CA ARG A 427 -38.75 44.31 -15.78
C ARG A 427 -37.63 43.35 -16.21
N ARG A 428 -37.53 42.18 -15.56
CA ARG A 428 -36.57 41.13 -15.95
C ARG A 428 -36.69 40.83 -17.45
N ASP A 429 -37.78 40.17 -17.85
CA ASP A 429 -37.97 39.53 -19.20
C ASP A 429 -37.79 40.51 -20.36
N GLU A 430 -37.94 41.82 -20.11
CA GLU A 430 -37.83 42.90 -21.14
C GLU A 430 -36.34 43.25 -21.34
N LEU A 431 -35.54 43.24 -20.26
CA LEU A 431 -34.07 43.55 -20.28
C LEU A 431 -33.31 42.41 -21.00
N PHE A 432 -33.49 41.16 -20.58
CA PHE A 432 -32.82 39.99 -21.20
C PHE A 432 -33.05 40.00 -22.72
N GLU A 433 -34.29 40.28 -23.15
CA GLU A 433 -34.76 40.22 -24.57
C GLU A 433 -34.23 41.43 -25.36
N MET A 434 -34.02 42.57 -24.69
CA MET A 434 -33.29 43.74 -25.25
C MET A 434 -31.84 43.33 -25.52
N ALA A 435 -31.10 43.06 -24.44
CA ALA A 435 -29.63 42.82 -24.41
C ALA A 435 -29.26 41.60 -25.28
N TYR A 436 -30.05 40.51 -25.31
CA TYR A 436 -29.75 39.23 -26.02
C TYR A 436 -29.84 39.38 -27.55
N SER A 437 -30.79 40.18 -28.05
CA SER A 437 -31.02 40.43 -29.50
C SER A 437 -30.23 41.66 -29.98
N THR A 438 -29.81 42.55 -29.06
CA THR A 438 -28.83 43.65 -29.30
C THR A 438 -27.47 43.06 -29.72
N VAL A 439 -27.05 41.98 -29.07
CA VAL A 439 -25.81 41.20 -29.35
C VAL A 439 -26.02 40.44 -30.68
N SER A 440 -26.92 39.45 -30.70
CA SER A 440 -27.32 38.63 -31.87
C SER A 440 -27.24 39.43 -33.18
N ARG A 441 -27.65 40.70 -33.14
CA ARG A 441 -27.72 41.67 -34.27
C ARG A 441 -26.32 42.18 -34.63
N ILE A 442 -25.56 42.70 -33.64
CA ILE A 442 -24.18 43.26 -33.84
C ILE A 442 -23.20 42.11 -34.11
N VAL A 443 -23.59 40.85 -33.87
CA VAL A 443 -22.83 39.64 -34.32
C VAL A 443 -22.89 39.56 -35.85
N LYS A 444 -24.08 39.70 -36.46
CA LYS A 444 -24.30 39.52 -37.92
C LYS A 444 -24.01 40.81 -38.70
N GLU A 445 -23.30 41.77 -38.09
CA GLU A 445 -22.71 42.93 -38.81
C GLU A 445 -21.50 42.43 -39.58
N ALA A 446 -20.48 41.94 -38.86
CA ALA A 446 -19.21 41.45 -39.42
C ALA A 446 -19.47 40.43 -40.54
N LEU B 2 -21.72 -22.49 18.16
CA LEU B 2 -21.27 -21.13 17.58
C LEU B 2 -21.85 -20.86 16.19
N PHE B 3 -21.78 -21.78 15.24
CA PHE B 3 -22.30 -21.59 13.85
C PHE B 3 -23.83 -21.81 13.80
N GLY B 4 -24.57 -20.82 13.27
CA GLY B 4 -25.98 -20.96 12.85
C GLY B 4 -26.10 -21.46 11.42
N THR B 5 -27.20 -21.10 10.76
CA THR B 5 -27.53 -21.45 9.35
C THR B 5 -26.41 -20.98 8.41
N ALA B 6 -25.93 -19.74 8.60
CA ALA B 6 -24.98 -19.06 7.69
C ALA B 6 -23.94 -18.26 8.52
N GLY B 7 -22.91 -18.97 8.97
CA GLY B 7 -21.77 -18.40 9.72
C GLY B 7 -22.06 -18.30 11.22
N ILE B 8 -21.06 -17.79 11.94
CA ILE B 8 -21.15 -17.26 13.33
C ILE B 8 -21.54 -15.78 13.23
N ARG B 9 -22.55 -15.38 13.95
CA ARG B 9 -23.10 -14.00 14.02
C ARG B 9 -23.29 -13.69 15.49
N GLY B 10 -23.38 -12.41 15.82
CA GLY B 10 -23.89 -11.98 17.13
C GLY B 10 -23.46 -10.57 17.40
N THR B 11 -23.78 -10.01 18.57
CA THR B 11 -23.51 -8.60 18.89
C THR B 11 -22.09 -8.54 19.47
N LEU B 12 -21.37 -7.49 19.09
CA LEU B 12 -20.04 -7.11 19.62
C LEU B 12 -20.07 -7.18 21.14
N TRP B 13 -19.03 -7.78 21.73
CA TRP B 13 -18.68 -7.83 23.19
C TRP B 13 -19.48 -8.91 23.92
N GLU B 14 -20.77 -9.08 23.60
CA GLU B 14 -21.60 -10.25 24.03
C GLU B 14 -21.02 -11.54 23.43
N LYS B 15 -21.31 -11.89 22.18
CA LYS B 15 -20.93 -13.22 21.60
C LYS B 15 -19.76 -13.09 20.62
N VAL B 16 -19.66 -12.00 19.84
CA VAL B 16 -18.54 -11.79 18.87
C VAL B 16 -17.50 -10.85 19.48
N THR B 17 -16.27 -11.33 19.64
CA THR B 17 -15.11 -10.64 20.25
C THR B 17 -13.83 -10.88 19.46
N PRO B 18 -12.80 -10.04 19.69
CA PRO B 18 -11.46 -10.31 19.20
C PRO B 18 -10.96 -11.71 19.58
N GLU B 19 -11.08 -12.05 20.86
CA GLU B 19 -10.69 -13.37 21.44
C GLU B 19 -11.28 -14.49 20.58
N LEU B 20 -12.60 -14.49 20.36
CA LEU B 20 -13.24 -15.54 19.51
C LEU B 20 -12.69 -15.47 18.07
N ALA B 21 -12.62 -14.27 17.46
CA ALA B 21 -12.13 -14.14 16.07
C ALA B 21 -10.79 -14.85 15.95
N MET B 22 -9.91 -14.69 16.93
CA MET B 22 -8.56 -15.34 16.97
C MET B 22 -8.73 -16.86 17.13
N LYS B 23 -9.59 -17.30 18.03
CA LYS B 23 -9.78 -18.76 18.24
C LYS B 23 -10.29 -19.39 16.95
N VAL B 24 -11.12 -18.68 16.17
CA VAL B 24 -11.66 -19.27 14.91
C VAL B 24 -10.50 -19.47 13.91
N GLY B 25 -9.70 -18.41 13.70
CA GLY B 25 -8.45 -18.48 12.94
C GLY B 25 -7.63 -19.66 13.40
N MET B 26 -7.42 -19.77 14.71
CA MET B 26 -6.62 -20.90 15.24
C MET B 26 -7.29 -22.24 14.91
N ALA B 27 -8.60 -22.36 15.06
CA ALA B 27 -9.37 -23.59 14.73
C ALA B 27 -9.20 -23.91 13.25
N VAL B 28 -9.43 -22.96 12.36
CA VAL B 28 -9.42 -23.23 10.89
C VAL B 28 -8.05 -23.76 10.50
N GLY B 29 -7.00 -23.29 11.17
CA GLY B 29 -5.61 -23.60 10.77
C GLY B 29 -5.13 -24.86 11.46
N THR B 30 -5.90 -25.37 12.40
CA THR B 30 -5.76 -26.71 13.03
C THR B 30 -6.54 -27.76 12.21
N TYR B 31 -7.66 -27.39 11.58
CA TYR B 31 -8.59 -28.28 10.84
C TYR B 31 -8.16 -28.39 9.39
N LYS B 32 -7.60 -27.32 8.81
CA LYS B 32 -7.06 -27.28 7.44
C LYS B 32 -5.61 -26.82 7.47
N SER B 33 -4.95 -26.89 6.32
CA SER B 33 -3.56 -26.41 6.13
C SER B 33 -3.48 -25.71 4.76
N GLY B 34 -2.33 -25.12 4.47
CA GLY B 34 -2.05 -24.42 3.21
C GLY B 34 -2.47 -22.96 3.33
N LYS B 35 -3.37 -22.49 2.46
CA LYS B 35 -3.64 -21.04 2.29
C LYS B 35 -5.03 -20.69 2.78
N ALA B 36 -5.12 -19.55 3.47
CA ALA B 36 -6.39 -18.92 3.90
C ALA B 36 -6.55 -17.56 3.21
N LEU B 37 -7.65 -17.37 2.49
CA LEU B 37 -8.00 -16.05 1.90
C LEU B 37 -8.92 -15.36 2.90
N VAL B 38 -8.58 -14.12 3.22
CA VAL B 38 -9.25 -13.39 4.33
C VAL B 38 -9.83 -12.12 3.75
N GLY B 39 -11.11 -11.90 4.06
CA GLY B 39 -11.87 -10.72 3.61
C GLY B 39 -12.77 -10.22 4.72
N ARG B 40 -13.28 -9.01 4.58
CA ARG B 40 -14.13 -8.33 5.57
C ARG B 40 -15.09 -7.40 4.84
N ASP B 41 -16.12 -6.99 5.57
CA ASP B 41 -17.12 -6.00 5.10
C ASP B 41 -16.71 -4.70 5.80
N GLY B 42 -17.60 -3.72 5.85
CA GLY B 42 -17.22 -2.32 6.20
C GLY B 42 -17.66 -1.92 7.59
N ARG B 43 -18.26 -2.83 8.35
CA ARG B 43 -18.67 -2.60 9.77
C ARG B 43 -17.49 -1.95 10.47
N THR B 44 -17.76 -1.23 11.55
CA THR B 44 -16.72 -0.47 12.28
C THR B 44 -15.80 -1.39 13.03
N SER B 45 -16.18 -2.66 13.21
CA SER B 45 -15.43 -3.61 14.08
C SER B 45 -14.62 -4.59 13.24
N SER B 46 -14.75 -4.56 11.92
CA SER B 46 -14.24 -5.62 11.01
C SER B 46 -12.71 -5.65 10.95
N VAL B 47 -12.05 -4.49 10.92
CA VAL B 47 -10.57 -4.44 10.80
C VAL B 47 -10.04 -5.02 12.10
N MET B 48 -10.64 -4.67 13.24
CA MET B 48 -10.24 -5.20 14.57
C MET B 48 -10.35 -6.74 14.53
N LEU B 49 -11.48 -7.26 14.08
CA LEU B 49 -11.71 -8.73 14.07
C LEU B 49 -10.79 -9.39 13.04
N LYS B 50 -10.59 -8.77 11.89
CA LYS B 50 -9.72 -9.29 10.80
C LYS B 50 -8.29 -9.43 11.37
N ASN B 51 -7.80 -8.39 12.05
CA ASN B 51 -6.48 -8.42 12.71
C ASN B 51 -6.41 -9.64 13.63
N ALA B 52 -7.48 -9.95 14.37
CA ALA B 52 -7.45 -11.01 15.41
C ALA B 52 -7.43 -12.36 14.69
N MET B 53 -8.34 -12.52 13.71
CA MET B 53 -8.48 -13.68 12.81
C MET B 53 -7.12 -14.02 12.21
N ILE B 54 -6.41 -13.01 11.71
CA ILE B 54 -5.22 -13.21 10.84
C ILE B 54 -4.09 -13.72 11.74
N SER B 55 -4.01 -13.16 12.95
CA SER B 55 -3.11 -13.59 14.03
C SER B 55 -3.33 -15.07 14.30
N GLY B 56 -4.59 -15.45 14.47
CA GLY B 56 -5.03 -16.86 14.59
C GLY B 56 -4.49 -17.71 13.49
N LEU B 57 -4.88 -17.38 12.25
CA LEU B 57 -4.47 -18.17 11.06
C LEU B 57 -2.93 -18.31 11.06
N LEU B 58 -2.20 -17.20 11.22
CA LEU B 58 -0.71 -17.21 11.10
C LEU B 58 -0.10 -18.19 12.11
N SER B 59 -0.61 -18.20 13.35
CA SER B 59 -0.13 -19.01 14.50
C SER B 59 -0.15 -20.52 14.22
N THR B 60 -0.93 -20.98 13.23
CA THR B 60 -1.06 -22.40 12.85
C THR B 60 -0.15 -22.78 11.69
N GLY B 61 0.62 -21.84 11.13
CA GLY B 61 1.45 -22.07 9.93
C GLY B 61 0.69 -21.88 8.61
N MET B 62 -0.56 -21.43 8.64
CA MET B 62 -1.32 -21.19 7.38
C MET B 62 -0.75 -19.93 6.72
N GLU B 63 -0.69 -19.92 5.39
CA GLU B 63 -0.31 -18.75 4.57
C GLU B 63 -1.55 -17.89 4.35
N VAL B 64 -1.58 -16.72 4.98
CA VAL B 64 -2.71 -15.77 4.84
C VAL B 64 -2.55 -14.96 3.55
N LEU B 65 -3.61 -14.95 2.74
CA LEU B 65 -3.84 -13.94 1.65
C LEU B 65 -4.90 -12.94 2.15
N ASP B 66 -4.52 -11.65 2.22
CA ASP B 66 -5.38 -10.60 2.80
C ASP B 66 -6.03 -9.84 1.65
N ALA B 67 -7.31 -10.07 1.42
CA ALA B 67 -8.14 -9.44 0.37
C ALA B 67 -8.81 -8.18 0.92
N ASP B 68 -8.77 -8.00 2.24
CA ASP B 68 -9.36 -6.85 2.97
C ASP B 68 -10.81 -6.66 2.51
N LEU B 69 -11.22 -5.43 2.20
CA LEU B 69 -12.67 -5.08 2.11
C LEU B 69 -13.22 -5.56 0.76
N ILE B 70 -13.97 -6.64 0.78
CA ILE B 70 -14.48 -7.39 -0.42
C ILE B 70 -15.88 -7.94 -0.10
N PRO B 71 -16.86 -7.95 -1.03
CA PRO B 71 -18.10 -8.70 -0.79
C PRO B 71 -17.91 -10.23 -0.72
N THR B 72 -18.74 -10.88 0.09
CA THR B 72 -18.68 -12.33 0.41
C THR B 72 -18.61 -13.18 -0.86
N PRO B 73 -19.41 -12.93 -1.91
CA PRO B 73 -19.32 -13.76 -3.10
C PRO B 73 -17.93 -13.72 -3.74
N ALA B 74 -17.30 -12.55 -3.71
CA ALA B 74 -15.94 -12.35 -4.23
C ALA B 74 -14.97 -13.14 -3.34
N LEU B 75 -15.18 -13.16 -2.03
CA LEU B 75 -14.39 -14.01 -1.12
C LEU B 75 -14.50 -15.50 -1.49
N ALA B 76 -15.74 -16.00 -1.67
CA ALA B 76 -16.04 -17.37 -2.15
C ALA B 76 -15.31 -17.63 -3.46
N TRP B 77 -15.48 -16.76 -4.45
CA TRP B 77 -14.82 -16.93 -5.76
C TRP B 77 -13.30 -16.94 -5.58
N GLY B 78 -12.77 -15.95 -4.86
CA GLY B 78 -11.32 -15.84 -4.59
C GLY B 78 -10.80 -17.06 -3.85
N THR B 79 -11.53 -17.52 -2.84
CA THR B 79 -11.17 -18.75 -2.10
C THR B 79 -10.97 -19.90 -3.09
N ARG B 80 -11.87 -20.07 -4.06
CA ARG B 80 -11.75 -21.15 -5.08
C ARG B 80 -10.56 -20.86 -5.99
N LYS B 81 -10.35 -19.61 -6.38
CA LYS B 81 -9.18 -19.34 -7.25
C LYS B 81 -7.89 -19.69 -6.47
N LEU B 82 -7.79 -19.31 -5.19
CA LEU B 82 -6.45 -18.99 -4.59
C LEU B 82 -6.10 -19.88 -3.41
N ALA B 83 -7.08 -20.37 -2.64
CA ALA B 83 -6.84 -20.85 -1.26
C ALA B 83 -7.59 -22.16 -0.93
N ASP B 84 -7.14 -22.76 0.16
CA ASP B 84 -7.61 -24.03 0.73
C ASP B 84 -8.73 -23.71 1.70
N ALA B 85 -8.79 -22.47 2.21
CA ALA B 85 -9.91 -21.98 3.03
C ALA B 85 -10.08 -20.48 2.81
N GLY B 86 -11.26 -20.02 3.19
CA GLY B 86 -11.75 -18.66 3.09
C GLY B 86 -12.35 -18.28 4.41
N VAL B 87 -12.10 -17.04 4.84
CA VAL B 87 -12.74 -16.46 6.05
C VAL B 87 -13.22 -15.07 5.69
N MET B 88 -14.43 -14.74 6.13
CA MET B 88 -15.12 -13.50 5.78
C MET B 88 -15.60 -12.87 7.09
N ILE B 89 -15.10 -11.69 7.44
CA ILE B 89 -15.56 -10.90 8.62
C ILE B 89 -16.82 -10.14 8.24
N THR B 90 -17.97 -10.61 8.70
CA THR B 90 -19.27 -9.99 8.38
C THR B 90 -20.39 -10.54 9.28
N ALA B 91 -21.47 -9.75 9.45
CA ALA B 91 -22.80 -10.19 9.92
C ALA B 91 -23.85 -9.88 8.85
N SER B 92 -23.41 -9.72 7.58
CA SER B 92 -24.24 -9.61 6.34
C SER B 92 -25.28 -8.47 6.43
N HIS B 93 -26.42 -8.69 7.09
CA HIS B 93 -27.62 -7.80 7.05
C HIS B 93 -28.01 -7.32 8.46
N ASN B 94 -27.27 -7.70 9.50
CA ASN B 94 -27.56 -7.29 10.90
C ASN B 94 -27.14 -5.84 11.11
N PRO B 95 -27.58 -5.22 12.24
CA PRO B 95 -27.25 -3.83 12.54
C PRO B 95 -25.78 -3.53 12.81
N PRO B 96 -25.36 -2.25 12.72
CA PRO B 96 -23.98 -1.88 12.95
C PRO B 96 -23.34 -2.44 14.23
N THR B 97 -24.15 -2.82 15.23
CA THR B 97 -23.71 -3.33 16.56
C THR B 97 -23.13 -4.75 16.44
N ASP B 98 -23.30 -5.40 15.30
CA ASP B 98 -23.04 -6.85 15.12
C ASP B 98 -21.86 -7.08 14.16
N ASN B 99 -21.25 -8.24 14.31
CA ASN B 99 -20.32 -8.80 13.32
C ASN B 99 -20.33 -10.32 13.45
N GLY B 100 -19.52 -11.00 12.66
CA GLY B 100 -19.42 -12.46 12.67
C GLY B 100 -18.33 -12.94 11.74
N VAL B 101 -18.28 -14.24 11.52
CA VAL B 101 -17.28 -14.89 10.65
C VAL B 101 -18.01 -15.91 9.80
N LYS B 102 -17.69 -15.97 8.52
CA LYS B 102 -18.17 -17.07 7.66
C LYS B 102 -16.92 -17.78 7.17
N VAL B 103 -16.94 -19.11 7.15
CA VAL B 103 -15.80 -19.98 6.77
C VAL B 103 -16.17 -20.73 5.50
N PHE B 104 -15.27 -20.74 4.53
CA PHE B 104 -15.46 -21.32 3.18
C PHE B 104 -14.34 -22.32 2.97
N ASN B 105 -14.63 -23.38 2.23
CA ASN B 105 -13.70 -24.45 1.77
C ASN B 105 -13.09 -23.97 0.45
N GLY B 106 -12.04 -24.65 -0.01
CA GLY B 106 -11.23 -24.31 -1.19
C GLY B 106 -11.96 -24.49 -2.51
N ASP B 107 -13.20 -24.99 -2.49
CA ASP B 107 -14.06 -25.13 -3.71
C ASP B 107 -15.14 -24.04 -3.73
N GLY B 108 -15.25 -23.26 -2.65
CA GLY B 108 -16.04 -22.02 -2.62
C GLY B 108 -17.29 -22.18 -1.80
N THR B 109 -17.50 -23.35 -1.19
CA THR B 109 -18.69 -23.69 -0.37
C THR B 109 -18.47 -23.21 1.05
N GLU B 110 -19.50 -22.68 1.70
CA GLU B 110 -19.52 -22.50 3.17
C GLU B 110 -19.31 -23.87 3.83
N PHE B 111 -18.70 -23.87 5.01
CA PHE B 111 -18.58 -25.03 5.93
C PHE B 111 -19.85 -25.91 5.86
N TYR B 112 -19.69 -27.23 5.83
CA TYR B 112 -20.80 -28.20 6.05
C TYR B 112 -20.89 -28.41 7.57
N VAL B 113 -21.96 -29.05 8.09
CA VAL B 113 -22.25 -29.15 9.56
C VAL B 113 -21.12 -29.92 10.26
N GLU B 114 -20.63 -31.03 9.68
CA GLU B 114 -19.50 -31.84 10.20
C GLU B 114 -18.37 -30.90 10.62
N GLN B 115 -18.05 -29.97 9.73
CA GLN B 115 -16.79 -29.17 9.76
C GLN B 115 -17.03 -28.07 10.81
N GLU B 116 -18.25 -27.50 10.84
CA GLU B 116 -18.65 -26.53 11.88
C GLU B 116 -18.42 -27.18 13.27
N ARG B 117 -19.07 -28.32 13.57
CA ARG B 117 -18.89 -29.06 14.84
C ARG B 117 -17.39 -29.29 15.10
N GLY B 118 -16.67 -29.90 14.16
CA GLY B 118 -15.20 -30.08 14.24
C GLY B 118 -14.54 -28.82 14.81
N LEU B 119 -14.84 -27.66 14.21
CA LEU B 119 -14.22 -26.36 14.56
C LEU B 119 -14.63 -25.97 15.97
N GLU B 120 -15.89 -26.24 16.33
CA GLU B 120 -16.44 -25.91 17.67
C GLU B 120 -15.70 -26.75 18.72
N GLU B 121 -15.49 -28.04 18.45
CA GLU B 121 -14.77 -28.98 19.36
C GLU B 121 -13.39 -28.40 19.64
N ILE B 122 -12.64 -28.08 18.57
CA ILE B 122 -11.25 -27.55 18.63
C ILE B 122 -11.15 -26.31 19.55
N ILE B 123 -12.06 -25.34 19.41
CA ILE B 123 -12.13 -24.08 20.23
C ILE B 123 -12.36 -24.44 21.71
N PHE B 124 -13.38 -25.27 21.97
CA PHE B 124 -13.73 -25.83 23.30
C PHE B 124 -12.51 -26.54 23.88
N SER B 125 -11.85 -27.38 23.07
CA SER B 125 -10.64 -28.16 23.45
C SER B 125 -9.48 -27.23 23.83
N GLY B 126 -9.26 -26.12 23.09
CA GLY B 126 -8.05 -25.28 23.26
C GLY B 126 -6.80 -25.86 22.58
N ASN B 127 -6.94 -27.01 21.90
CA ASN B 127 -5.82 -27.77 21.26
C ASN B 127 -5.59 -27.26 19.84
N PHE B 128 -5.05 -26.05 19.72
CA PHE B 128 -4.76 -25.45 18.41
C PHE B 128 -3.35 -25.87 17.94
N ARG B 129 -3.21 -26.20 16.66
CA ARG B 129 -1.91 -26.36 15.95
C ARG B 129 -1.10 -25.06 16.12
N LYS B 130 0.16 -25.22 16.43
CA LYS B 130 1.11 -24.14 16.75
C LYS B 130 2.26 -24.28 15.77
N ALA B 131 2.44 -23.37 14.81
CA ALA B 131 3.62 -23.42 13.93
C ALA B 131 4.89 -23.24 14.75
N ARG B 132 6.00 -23.80 14.31
CA ARG B 132 7.32 -23.40 14.86
C ARG B 132 7.60 -21.99 14.33
N TRP B 133 8.45 -21.25 15.03
CA TRP B 133 8.77 -19.86 14.65
C TRP B 133 9.14 -19.78 13.17
N ASP B 134 9.78 -20.82 12.60
CA ASP B 134 10.38 -20.77 11.24
C ASP B 134 9.40 -21.30 10.21
N GLU B 135 8.15 -21.56 10.60
CA GLU B 135 7.04 -21.94 9.70
C GLU B 135 5.94 -20.88 9.71
N ILE B 136 6.06 -19.79 10.47
CA ILE B 136 5.08 -18.66 10.39
C ILE B 136 5.34 -17.92 9.07
N LYS B 137 4.31 -17.74 8.24
CA LYS B 137 4.47 -17.32 6.82
C LYS B 137 4.13 -15.84 6.66
N PRO B 138 4.82 -15.07 5.82
CA PRO B 138 4.37 -13.71 5.56
C PRO B 138 2.97 -13.61 4.95
N VAL B 139 2.25 -12.55 5.33
CA VAL B 139 0.93 -12.15 4.77
C VAL B 139 1.14 -11.66 3.34
N ARG B 140 0.24 -12.03 2.45
CA ARG B 140 0.26 -11.56 1.04
C ARG B 140 -1.03 -10.79 0.81
N ASN B 141 -0.88 -9.56 0.32
CA ASN B 141 -2.05 -8.70 0.00
C ASN B 141 -2.48 -9.10 -1.40
N VAL B 142 -3.79 -9.29 -1.61
CA VAL B 142 -4.34 -9.66 -2.96
C VAL B 142 -5.52 -8.76 -3.29
N GLU B 143 -5.60 -8.43 -4.58
CA GLU B 143 -6.65 -7.59 -5.20
C GLU B 143 -7.55 -8.57 -6.00
N VAL B 144 -8.71 -8.86 -5.46
CA VAL B 144 -9.68 -9.88 -5.96
C VAL B 144 -10.71 -9.19 -6.86
N ILE B 145 -11.17 -8.01 -6.47
CA ILE B 145 -12.38 -7.41 -7.06
C ILE B 145 -12.26 -7.39 -8.59
N PRO B 146 -11.22 -6.76 -9.19
CA PRO B 146 -11.08 -6.68 -10.64
C PRO B 146 -11.16 -8.03 -11.39
N ASP B 147 -10.57 -9.08 -10.83
CA ASP B 147 -10.60 -10.45 -11.41
C ASP B 147 -11.99 -11.07 -11.21
N TYR B 148 -12.60 -10.81 -10.08
CA TYR B 148 -13.97 -11.25 -9.83
C TYR B 148 -14.86 -10.63 -10.92
N ILE B 149 -14.74 -9.32 -11.14
CA ILE B 149 -15.60 -8.57 -12.08
C ILE B 149 -15.42 -9.19 -13.45
N ASN B 150 -14.19 -9.38 -13.89
CA ASN B 150 -13.92 -9.98 -15.20
C ASN B 150 -14.59 -11.35 -15.32
N ALA B 151 -14.62 -12.16 -14.24
CA ALA B 151 -15.13 -13.55 -14.26
C ALA B 151 -16.66 -13.52 -14.45
N VAL B 152 -17.32 -12.60 -13.78
CA VAL B 152 -18.78 -12.39 -13.95
C VAL B 152 -19.04 -11.97 -15.40
N LEU B 153 -18.31 -10.96 -15.88
CA LEU B 153 -18.54 -10.37 -17.21
C LEU B 153 -18.48 -11.46 -18.28
N ASP B 154 -17.46 -12.32 -18.21
CA ASP B 154 -17.20 -13.44 -19.16
C ASP B 154 -18.31 -14.50 -19.03
N PHE B 155 -18.76 -14.81 -17.81
CA PHE B 155 -19.86 -15.77 -17.54
C PHE B 155 -21.19 -15.27 -18.16
N VAL B 156 -21.61 -14.06 -17.81
CA VAL B 156 -22.85 -13.37 -18.31
C VAL B 156 -22.77 -13.10 -19.83
N GLY B 157 -21.63 -12.65 -20.33
CA GLY B 157 -21.41 -12.41 -21.77
C GLY B 157 -22.54 -11.59 -22.39
N HIS B 158 -22.90 -10.44 -21.78
CA HIS B 158 -23.95 -9.50 -22.23
C HIS B 158 -23.51 -8.03 -22.13
N GLU B 159 -23.62 -7.27 -23.22
CA GLU B 159 -23.59 -5.77 -23.23
C GLU B 159 -25.03 -5.26 -23.20
N THR B 160 -25.20 -4.05 -22.67
CA THR B 160 -26.51 -3.38 -22.41
C THR B 160 -26.38 -1.85 -22.52
N ASN B 161 -27.53 -1.18 -22.49
CA ASN B 161 -27.71 0.29 -22.52
C ASN B 161 -28.76 0.66 -21.49
N LEU B 162 -29.17 -0.29 -20.67
CA LEU B 162 -30.20 -0.04 -19.64
C LEU B 162 -29.63 0.95 -18.65
N LYS B 163 -30.51 1.79 -18.12
CA LYS B 163 -30.32 2.66 -16.94
C LYS B 163 -30.62 1.79 -15.70
N VAL B 164 -29.70 1.76 -14.72
CA VAL B 164 -29.88 0.96 -13.48
C VAL B 164 -29.68 1.83 -12.24
N LEU B 165 -30.58 1.72 -11.27
CA LEU B 165 -30.42 2.29 -9.91
C LEU B 165 -29.91 1.19 -8.98
N TYR B 166 -28.70 1.38 -8.42
CA TYR B 166 -28.03 0.44 -7.50
C TYR B 166 -27.98 1.03 -6.09
N ASP B 167 -28.41 0.23 -5.12
CA ASP B 167 -28.42 0.62 -3.68
C ASP B 167 -27.45 -0.31 -2.95
N GLY B 168 -26.26 0.17 -2.57
CA GLY B 168 -25.19 -0.72 -2.05
C GLY B 168 -25.20 -0.85 -0.53
N ALA B 169 -26.26 -0.36 0.11
CA ALA B 169 -26.46 -0.45 1.57
C ALA B 169 -25.18 -0.02 2.29
N ASN B 170 -24.51 1.01 1.81
CA ASN B 170 -23.32 1.58 2.50
C ASN B 170 -22.27 0.49 2.76
N GLY B 171 -22.29 -0.59 1.98
CA GLY B 171 -21.49 -1.80 2.26
C GLY B 171 -20.64 -2.25 1.10
N ALA B 172 -20.12 -3.46 1.20
CA ALA B 172 -19.02 -4.00 0.35
C ALA B 172 -19.40 -4.03 -1.12
N GLY B 173 -20.69 -4.10 -1.43
CA GLY B 173 -21.21 -4.17 -2.81
C GLY B 173 -20.87 -2.92 -3.61
N SER B 174 -20.89 -1.77 -2.94
CA SER B 174 -20.47 -0.45 -3.51
C SER B 174 -19.10 -0.50 -4.21
N LEU B 175 -18.20 -1.42 -3.87
CA LEU B 175 -16.82 -1.47 -4.47
C LEU B 175 -16.82 -2.39 -5.69
N VAL B 176 -17.95 -3.00 -6.03
CA VAL B 176 -18.04 -4.05 -7.08
C VAL B 176 -19.20 -3.76 -8.05
N ALA B 177 -20.44 -3.76 -7.59
CA ALA B 177 -21.62 -3.76 -8.52
C ALA B 177 -21.61 -2.52 -9.43
N PRO B 178 -21.45 -1.26 -8.94
CA PRO B 178 -21.39 -0.10 -9.84
C PRO B 178 -20.46 -0.30 -11.05
N TYR B 179 -19.29 -0.89 -10.83
CA TYR B 179 -18.18 -1.06 -11.81
C TYR B 179 -18.48 -2.22 -12.77
N LEU B 180 -19.16 -3.26 -12.29
CA LEU B 180 -19.59 -4.42 -13.15
C LEU B 180 -20.75 -3.98 -14.08
N LEU B 181 -21.72 -3.25 -13.56
CA LEU B 181 -22.84 -2.67 -14.33
C LEU B 181 -22.32 -1.71 -15.40
N ARG B 182 -21.46 -0.76 -15.02
CA ARG B 182 -20.80 0.16 -15.98
C ARG B 182 -20.01 -0.61 -17.04
N GLU B 183 -19.28 -1.66 -16.67
CA GLU B 183 -18.50 -2.43 -17.68
C GLU B 183 -19.49 -3.11 -18.67
N MET B 184 -20.71 -3.43 -18.24
CA MET B 184 -21.69 -4.16 -19.11
C MET B 184 -22.32 -3.17 -20.10
N GLY B 185 -22.33 -1.89 -19.73
CA GLY B 185 -22.87 -0.79 -20.54
C GLY B 185 -23.94 -0.05 -19.76
N ALA B 186 -24.31 -0.55 -18.57
CA ALA B 186 -25.37 0.04 -17.72
C ALA B 186 -25.00 1.48 -17.39
N LYS B 187 -25.98 2.38 -17.38
CA LYS B 187 -25.88 3.75 -16.82
C LYS B 187 -26.32 3.65 -15.35
N VAL B 188 -25.39 3.72 -14.41
CA VAL B 188 -25.64 3.51 -12.95
C VAL B 188 -25.88 4.85 -12.25
N LEU B 189 -26.99 4.93 -11.53
CA LEU B 189 -27.28 5.95 -10.49
C LEU B 189 -27.23 5.15 -9.20
N SER B 190 -26.28 5.44 -8.30
CA SER B 190 -25.94 4.64 -7.10
C SER B 190 -26.58 5.31 -5.91
N VAL B 191 -27.07 4.56 -4.93
CA VAL B 191 -27.53 5.20 -3.65
C VAL B 191 -26.95 4.40 -2.50
N ASN B 192 -26.57 5.06 -1.43
CA ASN B 192 -25.87 4.33 -0.33
C ASN B 192 -24.66 3.57 -0.91
N ALA B 193 -23.89 4.18 -1.82
CA ALA B 193 -22.80 3.46 -2.53
C ALA B 193 -21.42 4.00 -2.12
N HIS B 194 -21.36 4.74 -1.01
CA HIS B 194 -20.13 5.00 -0.23
C HIS B 194 -20.13 4.02 0.93
N VAL B 195 -18.97 3.38 1.17
CA VAL B 195 -18.77 2.39 2.25
C VAL B 195 -18.75 3.09 3.61
N ASP B 196 -19.65 2.66 4.52
CA ASP B 196 -19.80 3.24 5.86
C ASP B 196 -20.47 2.22 6.78
N GLY B 197 -19.77 1.84 7.85
CA GLY B 197 -20.20 0.84 8.85
C GLY B 197 -21.17 1.39 9.89
N HIS B 198 -21.64 2.63 9.76
CA HIS B 198 -22.79 3.16 10.55
C HIS B 198 -24.07 2.92 9.74
N PHE B 199 -23.96 2.39 8.54
CA PHE B 199 -25.12 2.11 7.63
C PHE B 199 -26.08 3.30 7.65
N PRO B 200 -25.59 4.53 7.40
CA PRO B 200 -26.40 5.73 7.59
C PRO B 200 -27.63 5.74 6.67
N GLY B 201 -27.50 5.19 5.47
CA GLY B 201 -28.55 5.27 4.43
C GLY B 201 -29.84 4.57 4.79
N ARG B 202 -29.76 3.44 5.49
CA ARG B 202 -30.89 2.51 5.76
C ARG B 202 -30.35 1.29 6.48
N LYS B 203 -31.24 0.57 7.17
CA LYS B 203 -30.97 -0.78 7.68
C LYS B 203 -30.47 -1.58 6.49
N PRO B 204 -29.35 -2.30 6.66
CA PRO B 204 -28.68 -2.92 5.51
C PRO B 204 -29.45 -4.03 4.80
N GLU B 205 -30.35 -4.72 5.51
CA GLU B 205 -31.15 -5.84 4.97
C GLU B 205 -32.13 -5.33 3.90
N PRO B 206 -32.06 -5.83 2.64
CA PRO B 206 -32.95 -5.35 1.57
C PRO B 206 -34.32 -6.05 1.58
N ARG B 207 -34.96 -6.04 2.76
CA ARG B 207 -36.42 -6.26 2.92
C ARG B 207 -37.09 -5.05 2.29
N TYR B 208 -38.18 -5.24 1.56
CA TYR B 208 -39.01 -4.17 0.93
C TYR B 208 -39.22 -2.99 1.91
N GLU B 209 -39.62 -3.27 3.15
CA GLU B 209 -39.91 -2.23 4.17
C GLU B 209 -38.71 -1.29 4.37
N ASN B 210 -37.47 -1.70 4.04
CA ASN B 210 -36.27 -0.84 4.26
C ASN B 210 -35.89 -0.12 2.96
N ILE B 211 -36.32 -0.61 1.79
CA ILE B 211 -35.84 -0.18 0.44
C ILE B 211 -36.99 0.35 -0.43
N ALA B 212 -38.14 0.65 0.17
CA ALA B 212 -39.41 0.98 -0.54
C ALA B 212 -39.35 2.37 -1.18
N TYR B 213 -38.55 3.31 -0.63
CA TYR B 213 -38.20 4.62 -1.27
C TYR B 213 -37.70 4.45 -2.72
N LEU B 214 -37.04 3.35 -3.02
CA LEU B 214 -36.50 3.03 -4.37
C LEU B 214 -37.61 3.01 -5.42
N GLY B 215 -38.80 2.50 -5.03
CA GLY B 215 -39.99 2.43 -5.88
C GLY B 215 -40.24 3.78 -6.54
N LYS B 216 -40.27 4.85 -5.75
CA LYS B 216 -40.63 6.21 -6.23
C LYS B 216 -39.41 6.83 -6.95
N LEU B 217 -38.21 6.55 -6.46
CA LEU B 217 -36.98 6.97 -7.14
C LEU B 217 -36.99 6.40 -8.56
N VAL B 218 -37.40 5.15 -8.73
CA VAL B 218 -37.40 4.52 -10.09
C VAL B 218 -38.21 5.42 -11.03
N ARG B 219 -39.38 5.88 -10.59
CA ARG B 219 -40.30 6.68 -11.45
C ARG B 219 -39.59 7.96 -11.94
N GLU B 220 -39.12 8.81 -11.01
CA GLU B 220 -38.42 10.08 -11.31
C GLU B 220 -37.23 9.88 -12.25
N LEU B 221 -36.35 8.93 -11.95
CA LEU B 221 -35.01 8.79 -12.60
C LEU B 221 -35.17 8.14 -13.97
N GLY B 222 -36.28 7.47 -14.21
CA GLY B 222 -36.56 6.80 -15.48
C GLY B 222 -35.66 5.61 -15.68
N VAL B 223 -35.39 4.82 -14.64
CA VAL B 223 -34.47 3.65 -14.71
C VAL B 223 -35.28 2.40 -15.05
N ASP B 224 -34.64 1.42 -15.70
CA ASP B 224 -35.22 0.15 -16.22
C ASP B 224 -35.42 -0.86 -15.10
N LEU B 225 -34.74 -0.66 -13.99
CA LEU B 225 -34.43 -1.72 -13.02
C LEU B 225 -33.86 -1.05 -11.77
N ALA B 226 -34.20 -1.50 -10.57
CA ALA B 226 -33.44 -1.19 -9.34
C ALA B 226 -32.84 -2.50 -8.78
N ILE B 227 -31.61 -2.39 -8.26
CA ILE B 227 -30.92 -3.49 -7.53
C ILE B 227 -30.50 -2.97 -6.16
N ALA B 228 -30.85 -3.71 -5.09
CA ALA B 228 -30.47 -3.44 -3.69
C ALA B 228 -29.84 -4.68 -3.04
N GLN B 229 -28.92 -4.43 -2.11
CA GLN B 229 -28.04 -5.46 -1.53
C GLN B 229 -27.99 -5.30 0.00
N ASP B 230 -27.39 -6.28 0.68
CA ASP B 230 -26.96 -6.21 2.11
C ASP B 230 -25.49 -5.73 2.18
N GLY B 231 -24.98 -5.60 3.41
CA GLY B 231 -23.67 -5.00 3.75
C GLY B 231 -22.49 -5.80 3.23
N ASP B 232 -22.61 -7.12 3.07
CA ASP B 232 -21.52 -7.93 2.46
C ASP B 232 -21.92 -8.28 1.04
N ALA B 233 -23.05 -7.78 0.57
CA ALA B 233 -23.56 -7.91 -0.81
C ALA B 233 -23.67 -9.38 -1.23
N ASP B 234 -24.26 -10.27 -0.42
CA ASP B 234 -24.66 -11.59 -1.01
C ASP B 234 -26.19 -11.72 -1.14
N ARG B 235 -26.95 -10.72 -0.70
CA ARG B 235 -28.41 -10.58 -0.99
C ARG B 235 -28.64 -9.63 -2.18
N ILE B 236 -29.67 -9.93 -2.97
CA ILE B 236 -30.21 -9.02 -4.03
C ILE B 236 -31.74 -8.96 -3.93
N ALA B 237 -32.27 -7.73 -3.98
CA ALA B 237 -33.68 -7.35 -4.17
C ALA B 237 -33.79 -6.47 -5.41
N VAL B 238 -34.89 -6.59 -6.17
CA VAL B 238 -35.08 -5.83 -7.44
C VAL B 238 -36.44 -5.15 -7.44
N PHE B 239 -36.52 -3.95 -8.06
CA PHE B 239 -37.76 -3.21 -8.44
C PHE B 239 -37.76 -3.08 -9.96
N ASP B 240 -38.93 -3.04 -10.61
CA ASP B 240 -39.07 -2.92 -12.09
C ASP B 240 -39.19 -1.44 -12.49
N GLU B 241 -39.35 -1.19 -13.79
CA GLU B 241 -39.34 0.16 -14.42
C GLU B 241 -40.51 1.00 -13.91
N LYS B 242 -41.58 0.34 -13.44
CA LYS B 242 -42.79 0.99 -12.90
C LYS B 242 -42.52 1.44 -11.48
N GLY B 243 -41.51 0.87 -10.83
CA GLY B 243 -41.18 1.19 -9.43
C GLY B 243 -41.86 0.18 -8.53
N ASN B 244 -42.26 -0.95 -9.12
CA ASN B 244 -42.98 -2.04 -8.41
C ASN B 244 -41.95 -2.99 -7.81
N TYR B 245 -42.13 -3.35 -6.53
CA TYR B 245 -41.27 -4.37 -5.92
C TYR B 245 -41.50 -5.69 -6.67
N VAL B 246 -40.41 -6.37 -7.06
CA VAL B 246 -40.45 -7.74 -7.65
C VAL B 246 -40.01 -8.71 -6.55
N ASP B 247 -40.97 -9.24 -5.78
CA ASP B 247 -40.71 -9.96 -4.51
C ASP B 247 -39.86 -11.19 -4.82
N GLU B 248 -39.44 -11.90 -3.77
CA GLU B 248 -38.21 -12.75 -3.82
C GLU B 248 -38.50 -14.04 -4.60
N ASP B 249 -39.75 -14.53 -4.60
CA ASP B 249 -40.16 -15.73 -5.37
C ASP B 249 -40.26 -15.39 -6.87
N THR B 250 -40.82 -14.23 -7.20
CA THR B 250 -40.91 -13.81 -8.62
C THR B 250 -39.50 -13.81 -9.22
N VAL B 251 -38.52 -13.29 -8.46
CA VAL B 251 -37.08 -13.24 -8.85
C VAL B 251 -36.60 -14.66 -9.03
N ILE B 252 -36.83 -15.52 -8.03
CA ILE B 252 -36.43 -16.95 -8.15
C ILE B 252 -37.21 -17.57 -9.32
N ALA B 253 -38.51 -17.23 -9.44
CA ALA B 253 -39.39 -17.83 -10.46
C ALA B 253 -38.77 -17.58 -11.82
N LEU B 254 -38.41 -16.31 -12.07
CA LEU B 254 -37.82 -15.85 -13.36
C LEU B 254 -36.63 -16.76 -13.68
N PHE B 255 -35.77 -17.00 -12.68
CA PHE B 255 -34.48 -17.73 -12.85
C PHE B 255 -34.77 -19.24 -12.99
N ALA B 256 -35.67 -19.77 -12.14
CA ALA B 256 -36.23 -21.14 -12.28
C ALA B 256 -36.69 -21.35 -13.72
N LYS B 257 -37.55 -20.46 -14.22
CA LYS B 257 -38.18 -20.60 -15.56
C LYS B 257 -37.10 -20.69 -16.64
N LEU B 258 -36.19 -19.72 -16.69
CA LEU B 258 -35.18 -19.66 -17.77
CA LEU B 258 -35.11 -19.61 -17.72
C LEU B 258 -34.23 -20.85 -17.70
N TYR B 259 -33.93 -21.37 -16.51
CA TYR B 259 -32.96 -22.48 -16.33
C TYR B 259 -33.62 -23.77 -16.85
N VAL B 260 -34.87 -23.99 -16.48
CA VAL B 260 -35.64 -25.23 -16.82
C VAL B 260 -35.95 -25.25 -18.33
N GLU B 261 -36.08 -24.09 -18.98
CA GLU B 261 -36.32 -24.00 -20.45
C GLU B 261 -35.05 -24.39 -21.23
N GLU B 262 -33.96 -23.62 -21.13
CA GLU B 262 -32.69 -23.91 -21.85
C GLU B 262 -32.37 -25.40 -21.73
N HIS B 263 -32.47 -25.94 -20.52
CA HIS B 263 -32.17 -27.36 -20.21
C HIS B 263 -33.12 -28.23 -21.05
N GLY B 264 -34.44 -28.03 -20.89
CA GLY B 264 -35.55 -28.89 -21.37
C GLY B 264 -36.16 -29.71 -20.24
N GLY B 265 -36.01 -29.24 -18.99
CA GLY B 265 -36.30 -29.96 -17.73
C GLY B 265 -35.14 -29.83 -16.74
N GLY B 266 -35.02 -30.75 -15.79
CA GLY B 266 -33.96 -30.74 -14.75
C GLY B 266 -34.50 -30.29 -13.42
N THR B 267 -33.72 -30.44 -12.33
CA THR B 267 -34.13 -30.16 -10.94
C THR B 267 -33.72 -28.76 -10.47
N VAL B 268 -34.57 -28.18 -9.62
CA VAL B 268 -34.43 -26.83 -9.03
C VAL B 268 -34.60 -26.95 -7.52
N VAL B 269 -33.55 -26.76 -6.72
CA VAL B 269 -33.67 -26.76 -5.23
C VAL B 269 -33.96 -25.34 -4.74
N VAL B 270 -34.93 -25.17 -3.86
CA VAL B 270 -35.22 -23.83 -3.25
C VAL B 270 -35.41 -24.08 -1.77
N SER B 271 -35.66 -23.03 -0.99
CA SER B 271 -35.85 -23.18 0.47
C SER B 271 -37.28 -23.67 0.75
N ILE B 272 -37.46 -24.25 1.94
CA ILE B 272 -38.75 -24.71 2.47
C ILE B 272 -39.74 -23.54 2.55
N ASP B 273 -39.28 -22.28 2.54
CA ASP B 273 -40.22 -21.13 2.71
C ASP B 273 -40.55 -20.46 1.39
N THR B 274 -39.99 -20.92 0.26
CA THR B 274 -40.33 -20.43 -1.12
C THR B 274 -41.60 -21.15 -1.64
N GLY B 275 -42.53 -20.38 -2.23
CA GLY B 275 -43.90 -20.81 -2.57
C GLY B 275 -44.08 -21.14 -4.03
N SER B 276 -45.33 -21.14 -4.48
CA SER B 276 -45.75 -21.95 -5.66
C SER B 276 -45.52 -21.19 -6.96
N ARG B 277 -45.03 -19.95 -6.91
CA ARG B 277 -44.67 -19.21 -8.14
C ARG B 277 -43.66 -20.08 -8.89
N ILE B 278 -42.83 -20.78 -8.11
CA ILE B 278 -41.65 -21.55 -8.58
C ILE B 278 -42.09 -22.92 -9.11
N ASP B 279 -42.97 -23.61 -8.36
CA ASP B 279 -43.58 -24.92 -8.69
C ASP B 279 -44.29 -24.79 -10.04
N ALA B 280 -45.06 -23.71 -10.24
CA ALA B 280 -45.89 -23.40 -11.43
C ALA B 280 -45.03 -23.34 -12.70
N VAL B 281 -43.95 -22.54 -12.67
CA VAL B 281 -43.16 -22.26 -13.91
C VAL B 281 -42.30 -23.50 -14.22
N VAL B 282 -41.95 -24.26 -13.18
CA VAL B 282 -40.96 -25.39 -13.28
C VAL B 282 -41.64 -26.64 -13.84
N GLU B 283 -42.87 -26.90 -13.40
CA GLU B 283 -43.70 -28.02 -13.92
C GLU B 283 -44.13 -27.64 -15.35
N ARG B 284 -44.57 -26.40 -15.59
CA ARG B 284 -44.97 -25.93 -16.94
C ARG B 284 -43.84 -26.15 -17.95
N ALA B 285 -42.56 -25.96 -17.58
CA ALA B 285 -41.41 -26.08 -18.50
C ALA B 285 -40.73 -27.46 -18.37
N GLY B 286 -41.31 -28.35 -17.56
CA GLY B 286 -41.04 -29.80 -17.64
C GLY B 286 -39.99 -30.27 -16.66
N GLY B 287 -39.75 -29.51 -15.60
CA GLY B 287 -38.73 -29.83 -14.60
C GLY B 287 -39.40 -30.15 -13.28
N ARG B 288 -38.63 -30.56 -12.27
CA ARG B 288 -39.15 -30.86 -10.90
C ARG B 288 -38.47 -29.94 -9.89
N VAL B 289 -39.21 -29.65 -8.81
CA VAL B 289 -38.81 -28.85 -7.60
C VAL B 289 -38.65 -29.80 -6.38
N VAL B 290 -37.45 -29.86 -5.80
CA VAL B 290 -37.14 -30.35 -4.42
C VAL B 290 -37.02 -29.16 -3.46
N ARG B 291 -37.31 -29.36 -2.18
CA ARG B 291 -37.08 -28.33 -1.14
C ARG B 291 -36.13 -28.82 -0.02
N ILE B 292 -35.24 -27.93 0.46
CA ILE B 292 -34.33 -28.13 1.66
C ILE B 292 -34.59 -27.05 2.70
N PRO B 293 -33.97 -27.17 3.90
CA PRO B 293 -33.92 -26.08 4.88
C PRO B 293 -33.09 -24.87 4.43
N LEU B 294 -33.40 -23.69 5.00
CA LEU B 294 -32.60 -22.45 4.89
C LEU B 294 -31.15 -22.77 5.28
N GLY B 295 -30.15 -22.20 4.60
CA GLY B 295 -28.73 -22.38 4.96
C GLY B 295 -27.77 -22.23 3.79
N GLN B 296 -27.57 -23.30 3.01
CA GLN B 296 -26.68 -23.31 1.81
C GLN B 296 -27.42 -23.98 0.67
N PRO B 297 -28.08 -23.22 -0.25
CA PRO B 297 -28.68 -23.80 -1.45
C PRO B 297 -27.84 -24.85 -2.20
N HIS B 298 -26.51 -24.73 -2.20
CA HIS B 298 -25.61 -25.66 -2.93
C HIS B 298 -25.58 -27.06 -2.29
N ASP B 299 -25.94 -27.19 -1.01
CA ASP B 299 -26.16 -28.53 -0.38
C ASP B 299 -27.07 -29.34 -1.33
N GLY B 300 -28.22 -28.77 -1.65
CA GLY B 300 -29.13 -29.19 -2.74
C GLY B 300 -28.40 -29.59 -4.00
N ILE B 301 -27.61 -28.72 -4.61
CA ILE B 301 -27.04 -28.95 -5.97
C ILE B 301 -26.38 -30.33 -6.00
N LYS B 302 -25.44 -30.61 -5.08
CA LYS B 302 -24.73 -31.91 -4.97
C LYS B 302 -25.77 -33.04 -4.84
N ARG B 303 -26.62 -32.93 -3.80
CA ARG B 303 -27.57 -33.96 -3.32
C ARG B 303 -28.60 -34.33 -4.41
N TYR B 304 -29.09 -33.36 -5.18
CA TYR B 304 -30.29 -33.47 -6.06
C TYR B 304 -29.94 -33.11 -7.50
N LYS B 305 -28.66 -33.31 -7.88
CA LYS B 305 -28.01 -32.90 -9.15
C LYS B 305 -28.86 -31.86 -9.88
N ALA B 306 -29.03 -30.69 -9.26
CA ALA B 306 -29.86 -29.56 -9.74
C ALA B 306 -29.01 -28.56 -10.56
N ILE B 307 -29.69 -27.71 -11.33
CA ILE B 307 -29.09 -26.76 -12.31
C ILE B 307 -29.23 -25.33 -11.78
N PHE B 308 -29.97 -25.20 -10.68
CA PHE B 308 -30.32 -23.89 -10.08
C PHE B 308 -30.82 -24.16 -8.65
N ALA B 309 -30.55 -23.21 -7.75
CA ALA B 309 -31.00 -23.23 -6.33
C ALA B 309 -31.12 -21.81 -5.79
N ALA B 310 -31.83 -21.61 -4.70
CA ALA B 310 -32.21 -20.27 -4.20
C ALA B 310 -32.90 -20.40 -2.85
N GLU B 311 -32.82 -19.32 -2.09
CA GLU B 311 -33.72 -19.01 -0.98
C GLU B 311 -34.12 -17.57 -1.26
N PRO B 312 -35.11 -17.00 -0.54
CA PRO B 312 -35.43 -15.59 -0.70
C PRO B 312 -34.14 -14.74 -0.66
N TRP B 313 -33.92 -13.91 -1.69
CA TRP B 313 -32.84 -12.90 -1.89
C TRP B 313 -31.54 -13.54 -2.38
N LYS B 314 -31.43 -14.87 -2.39
CA LYS B 314 -30.12 -15.57 -2.45
C LYS B 314 -30.12 -16.63 -3.52
N LEU B 315 -29.68 -16.29 -4.74
CA LEU B 315 -29.69 -17.26 -5.88
C LEU B 315 -28.30 -17.81 -6.12
N VAL B 316 -28.20 -19.10 -6.48
CA VAL B 316 -26.94 -19.79 -6.85
C VAL B 316 -26.98 -20.14 -8.33
N HIS B 317 -25.86 -19.93 -9.03
CA HIS B 317 -25.66 -20.18 -10.46
C HIS B 317 -24.51 -21.16 -10.63
N PRO B 318 -24.77 -22.48 -10.47
CA PRO B 318 -23.70 -23.45 -10.28
C PRO B 318 -22.81 -23.62 -11.51
N LYS B 319 -23.19 -23.14 -12.69
CA LYS B 319 -22.25 -23.25 -13.84
C LYS B 319 -21.09 -22.27 -13.57
N PHE B 320 -21.40 -21.17 -12.85
CA PHE B 320 -20.42 -20.17 -12.35
C PHE B 320 -19.69 -20.69 -11.11
N GLY B 321 -20.44 -21.00 -10.04
CA GLY B 321 -19.85 -21.58 -8.83
C GLY B 321 -20.89 -21.85 -7.74
N PRO B 322 -20.50 -22.59 -6.68
CA PRO B 322 -21.41 -23.00 -5.61
C PRO B 322 -21.97 -21.90 -4.71
N TRP B 323 -21.46 -20.67 -4.78
CA TRP B 323 -21.79 -19.67 -3.74
C TRP B 323 -22.99 -18.89 -4.24
N ILE B 324 -23.71 -18.27 -3.31
CA ILE B 324 -24.72 -17.25 -3.65
C ILE B 324 -23.98 -16.14 -4.42
N ASP B 325 -24.45 -15.81 -5.62
CA ASP B 325 -23.79 -14.81 -6.46
C ASP B 325 -24.81 -13.85 -7.06
N PRO B 326 -25.15 -12.81 -6.27
CA PRO B 326 -26.01 -11.74 -6.77
C PRO B 326 -25.38 -10.93 -7.90
N PHE B 327 -24.09 -11.09 -8.18
CA PHE B 327 -23.45 -10.24 -9.21
C PHE B 327 -23.80 -10.89 -10.53
N VAL B 328 -23.68 -12.22 -10.56
CA VAL B 328 -24.24 -13.06 -11.66
C VAL B 328 -25.74 -12.78 -11.80
N THR B 329 -26.50 -12.73 -10.72
CA THR B 329 -27.96 -12.54 -10.80
C THR B 329 -28.27 -11.20 -11.51
N MET B 330 -27.82 -10.06 -10.97
CA MET B 330 -28.05 -8.73 -11.63
C MET B 330 -27.57 -8.73 -13.10
N GLY B 331 -26.44 -9.36 -13.44
CA GLY B 331 -25.96 -9.45 -14.83
C GLY B 331 -26.92 -10.22 -15.73
N LEU B 332 -27.49 -11.35 -15.27
CA LEU B 332 -28.45 -12.21 -16.03
C LEU B 332 -29.84 -11.59 -16.05
N LEU B 333 -30.25 -10.85 -15.03
CA LEU B 333 -31.54 -10.12 -15.04
C LEU B 333 -31.51 -9.11 -16.19
N ILE B 334 -30.40 -8.39 -16.33
CA ILE B 334 -30.27 -7.34 -17.37
C ILE B 334 -30.28 -8.03 -18.73
N LYS B 335 -29.53 -9.11 -18.88
CA LYS B 335 -29.53 -9.94 -20.11
C LYS B 335 -30.95 -10.42 -20.40
N LEU B 336 -31.68 -10.89 -19.39
CA LEU B 336 -33.08 -11.38 -19.57
C LEU B 336 -33.86 -10.24 -20.23
N ILE B 337 -33.89 -9.08 -19.57
CA ILE B 337 -34.68 -7.88 -19.97
C ILE B 337 -34.31 -7.44 -21.41
N ASP B 338 -33.03 -7.33 -21.74
CA ASP B 338 -32.59 -6.85 -23.08
C ASP B 338 -33.12 -7.77 -24.18
N GLU B 339 -33.22 -9.07 -23.89
CA GLU B 339 -33.50 -10.15 -24.87
C GLU B 339 -35.01 -10.27 -25.03
N ASN B 340 -35.78 -10.05 -23.94
CA ASN B 340 -37.19 -10.49 -23.80
C ASN B 340 -38.14 -9.31 -23.58
N GLY B 341 -37.67 -8.17 -23.08
CA GLY B 341 -38.46 -6.93 -22.95
C GLY B 341 -38.59 -6.51 -21.49
N PRO B 342 -39.23 -5.35 -21.19
CA PRO B 342 -39.21 -4.78 -19.85
C PRO B 342 -39.56 -5.78 -18.74
N LEU B 343 -39.04 -5.54 -17.55
CA LEU B 343 -39.10 -6.51 -16.43
C LEU B 343 -40.57 -6.70 -16.00
N SER B 344 -41.31 -5.60 -15.77
CA SER B 344 -42.77 -5.58 -15.45
C SER B 344 -43.58 -6.50 -16.40
N GLU B 345 -43.16 -6.66 -17.67
CA GLU B 345 -43.81 -7.55 -18.67
C GLU B 345 -43.46 -8.99 -18.34
N LEU B 346 -42.17 -9.25 -18.05
CA LEU B 346 -41.67 -10.61 -17.76
C LEU B 346 -42.25 -11.12 -16.43
N VAL B 347 -42.67 -10.23 -15.52
CA VAL B 347 -43.23 -10.61 -14.18
C VAL B 347 -44.74 -10.87 -14.28
N LYS B 348 -45.44 -10.26 -15.25
CA LYS B 348 -46.87 -10.60 -15.56
C LYS B 348 -46.96 -12.09 -15.90
N GLU B 349 -46.03 -12.61 -16.71
CA GLU B 349 -45.97 -14.05 -17.14
C GLU B 349 -45.55 -14.99 -15.99
N ILE B 350 -45.73 -14.58 -14.73
CA ILE B 350 -45.44 -15.42 -13.53
C ILE B 350 -46.70 -15.43 -12.67
N PRO B 351 -47.30 -16.62 -12.45
CA PRO B 351 -48.61 -16.72 -11.81
C PRO B 351 -48.52 -15.96 -10.49
N THR B 352 -49.59 -15.25 -10.13
CA THR B 352 -49.74 -14.65 -8.79
C THR B 352 -50.11 -15.77 -7.80
N TYR B 353 -49.55 -15.67 -6.60
CA TYR B 353 -50.06 -16.27 -5.35
C TYR B 353 -49.89 -15.18 -4.30
N TYR B 354 -50.34 -15.42 -3.08
CA TYR B 354 -50.38 -14.38 -2.02
C TYR B 354 -49.90 -15.02 -0.72
N LEU B 355 -48.90 -14.39 -0.11
CA LEU B 355 -48.18 -14.92 1.07
C LEU B 355 -48.47 -14.00 2.26
N LYS B 356 -48.79 -14.57 3.41
CA LYS B 356 -48.80 -13.79 4.68
C LYS B 356 -47.94 -14.56 5.67
N LYS B 357 -47.09 -13.83 6.39
CA LYS B 357 -46.07 -14.37 7.29
C LYS B 357 -46.11 -13.58 8.60
N ALA B 358 -46.05 -14.28 9.73
CA ALA B 358 -45.76 -13.68 11.04
C ALA B 358 -44.95 -14.69 11.88
N ASN B 359 -44.19 -14.16 12.84
CA ASN B 359 -43.45 -14.92 13.86
C ASN B 359 -44.25 -14.80 15.17
N VAL B 360 -44.36 -15.91 15.90
CA VAL B 360 -44.97 -15.99 17.26
C VAL B 360 -43.86 -16.36 18.24
N LEU B 361 -43.54 -15.50 19.21
CA LEU B 361 -42.45 -15.74 20.19
C LEU B 361 -42.71 -17.05 20.92
N CYS B 362 -41.66 -17.84 21.14
CA CYS B 362 -41.65 -19.12 21.87
C CYS B 362 -40.24 -19.37 22.39
N PRO B 363 -40.06 -19.67 23.70
CA PRO B 363 -38.72 -20.00 24.22
C PRO B 363 -37.96 -21.04 23.40
N ASP B 364 -36.66 -20.82 23.17
CA ASP B 364 -35.75 -21.72 22.41
C ASP B 364 -35.91 -23.16 22.95
N GLU B 365 -36.57 -23.31 24.10
CA GLU B 365 -36.62 -24.56 24.90
C GLU B 365 -37.83 -25.41 24.49
N TYR B 366 -38.95 -24.78 24.11
CA TYR B 366 -40.27 -25.45 23.87
C TYR B 366 -40.64 -25.45 22.38
N LYS B 367 -39.71 -25.08 21.49
CA LYS B 367 -39.95 -24.85 20.03
C LYS B 367 -40.38 -26.15 19.32
N ALA B 368 -39.61 -27.24 19.45
CA ALA B 368 -39.95 -28.57 18.88
C ALA B 368 -41.33 -29.03 19.40
N GLU B 369 -41.55 -28.92 20.71
CA GLU B 369 -42.80 -29.27 21.46
C GLU B 369 -44.03 -28.65 20.76
N VAL B 370 -44.05 -27.32 20.58
CA VAL B 370 -45.22 -26.52 20.13
C VAL B 370 -45.63 -26.96 18.72
N VAL B 371 -44.74 -26.73 17.73
CA VAL B 371 -44.87 -27.14 16.30
C VAL B 371 -45.50 -28.54 16.22
N ARG B 372 -44.87 -29.54 16.83
CA ARG B 372 -45.31 -30.96 16.92
C ARG B 372 -46.85 -31.04 16.96
N ARG B 373 -47.47 -30.53 18.03
CA ARG B 373 -48.95 -30.56 18.27
C ARG B 373 -49.66 -29.77 17.16
N ALA B 374 -49.26 -28.51 16.97
CA ALA B 374 -49.89 -27.52 16.07
C ALA B 374 -50.07 -28.08 14.65
N ALA B 375 -49.07 -28.80 14.14
CA ALA B 375 -48.99 -29.26 12.73
C ALA B 375 -49.94 -30.43 12.52
N GLU B 376 -49.93 -31.40 13.43
CA GLU B 376 -50.84 -32.58 13.40
C GLU B 376 -52.29 -32.13 13.59
N GLU B 377 -52.54 -30.99 14.27
CA GLU B 377 -53.89 -30.38 14.42
C GLU B 377 -54.32 -29.77 13.07
N VAL B 378 -53.39 -29.11 12.38
CA VAL B 378 -53.62 -28.49 11.04
C VAL B 378 -53.77 -29.62 10.01
N GLU B 379 -52.98 -30.69 10.12
CA GLU B 379 -53.09 -31.90 9.24
C GLU B 379 -54.50 -32.47 9.31
N ARG B 380 -55.04 -32.66 10.53
CA ARG B 380 -56.41 -33.22 10.78
C ARG B 380 -57.48 -32.27 10.21
N LYS B 381 -57.42 -30.96 10.52
CA LYS B 381 -58.48 -29.97 10.15
C LYS B 381 -58.57 -29.79 8.62
N LEU B 382 -57.59 -30.29 7.84
CA LEU B 382 -57.45 -30.00 6.39
C LEU B 382 -57.18 -31.28 5.60
N SER B 383 -57.49 -32.45 6.16
CA SER B 383 -56.98 -33.77 5.72
C SER B 383 -57.43 -34.15 4.30
N SER B 384 -58.58 -33.62 3.85
CA SER B 384 -59.18 -33.96 2.54
C SER B 384 -58.31 -33.43 1.39
N GLU B 385 -57.50 -32.39 1.65
CA GLU B 385 -56.83 -31.54 0.62
C GLU B 385 -55.33 -31.84 0.53
N ILE B 386 -54.75 -32.37 1.60
CA ILE B 386 -53.28 -32.53 1.81
C ILE B 386 -52.66 -33.33 0.64
N LYS B 387 -51.80 -32.68 -0.15
CA LYS B 387 -51.09 -33.26 -1.33
C LYS B 387 -49.73 -33.84 -0.90
N GLU B 388 -49.13 -33.31 0.18
CA GLU B 388 -47.73 -33.63 0.58
C GLU B 388 -47.44 -32.96 1.93
N VAL B 389 -46.71 -33.67 2.80
CA VAL B 389 -46.13 -33.15 4.07
C VAL B 389 -44.63 -33.49 4.10
N LEU B 390 -43.79 -32.45 4.26
CA LEU B 390 -42.31 -32.50 4.42
C LEU B 390 -41.98 -32.15 5.87
N THR B 391 -41.14 -32.96 6.52
CA THR B 391 -40.75 -32.83 7.95
C THR B 391 -39.28 -32.40 8.02
N ILE B 392 -38.69 -32.02 6.88
CA ILE B 392 -37.22 -31.76 6.73
C ILE B 392 -36.81 -30.55 7.58
N SER B 393 -37.69 -29.55 7.69
CA SER B 393 -37.50 -28.33 8.54
C SER B 393 -38.88 -27.89 9.04
N GLY B 394 -39.22 -28.20 10.29
CA GLY B 394 -40.61 -28.14 10.78
C GLY B 394 -41.52 -29.06 9.97
N PHE B 395 -42.64 -28.51 9.49
CA PHE B 395 -43.67 -29.21 8.67
C PHE B 395 -44.17 -28.24 7.60
N ARG B 396 -43.99 -28.63 6.33
CA ARG B 396 -44.55 -27.89 5.15
C ARG B 396 -45.72 -28.71 4.60
N ILE B 397 -46.94 -28.27 4.92
CA ILE B 397 -48.23 -28.96 4.63
C ILE B 397 -48.79 -28.40 3.32
N ALA B 398 -48.67 -29.14 2.22
CA ALA B 398 -49.07 -28.69 0.86
C ALA B 398 -50.47 -29.22 0.51
N LEU B 399 -51.41 -28.31 0.19
CA LEU B 399 -52.82 -28.64 -0.16
C LEU B 399 -52.94 -28.88 -1.66
N ASN B 400 -54.05 -29.49 -2.10
CA ASN B 400 -54.36 -29.85 -3.52
C ASN B 400 -54.48 -28.57 -4.38
N ASP B 401 -55.06 -27.49 -3.84
CA ASP B 401 -55.31 -26.22 -4.58
C ASP B 401 -54.07 -25.32 -4.56
N GLY B 402 -52.86 -25.88 -4.66
CA GLY B 402 -51.61 -25.11 -4.76
C GLY B 402 -51.25 -24.34 -3.49
N SER B 403 -52.20 -24.10 -2.57
CA SER B 403 -51.91 -23.49 -1.25
C SER B 403 -50.89 -24.34 -0.48
N TRP B 404 -50.32 -23.78 0.60
CA TRP B 404 -49.49 -24.50 1.60
C TRP B 404 -49.43 -23.70 2.90
N ILE B 405 -49.17 -24.43 3.99
CA ILE B 405 -48.85 -23.92 5.37
C ILE B 405 -47.46 -24.46 5.77
N LEU B 406 -46.54 -23.56 6.14
CA LEU B 406 -45.22 -23.89 6.73
C LEU B 406 -45.21 -23.42 8.19
N ILE B 407 -45.01 -24.34 9.13
CA ILE B 407 -44.77 -24.06 10.58
C ILE B 407 -43.40 -24.63 10.97
N ARG B 408 -42.41 -23.73 11.11
CA ARG B 408 -40.96 -24.03 11.21
C ARG B 408 -40.44 -23.45 12.53
N PRO B 409 -39.65 -24.22 13.33
CA PRO B 409 -38.86 -23.62 14.42
C PRO B 409 -37.77 -22.71 13.85
N SER B 410 -37.43 -21.60 14.51
CA SER B 410 -36.34 -20.69 14.09
C SER B 410 -35.00 -21.16 14.68
N GLY B 411 -33.90 -20.48 14.33
CA GLY B 411 -32.50 -20.83 14.71
C GLY B 411 -31.88 -19.81 15.67
N THR B 412 -31.59 -18.60 15.18
CA THR B 412 -30.80 -17.56 15.90
C THR B 412 -31.71 -16.63 16.73
N GLU B 413 -33.03 -16.83 16.65
CA GLU B 413 -34.04 -16.10 17.46
C GLU B 413 -34.86 -17.12 18.25
N PRO B 414 -35.55 -16.67 19.32
CA PRO B 414 -36.49 -17.52 20.05
C PRO B 414 -37.95 -17.33 19.62
N LYS B 415 -38.26 -17.65 18.35
CA LYS B 415 -39.65 -17.61 17.80
C LYS B 415 -39.89 -18.81 16.87
N ILE B 416 -41.16 -19.07 16.56
CA ILE B 416 -41.65 -20.03 15.52
C ILE B 416 -42.15 -19.21 14.32
N ARG B 417 -41.83 -19.65 13.10
CA ARG B 417 -42.12 -18.89 11.86
C ARG B 417 -43.35 -19.50 11.15
N VAL B 418 -44.36 -18.65 10.91
CA VAL B 418 -45.72 -19.04 10.41
C VAL B 418 -45.96 -18.39 9.04
N VAL B 419 -46.22 -19.23 8.03
CA VAL B 419 -46.32 -18.83 6.60
C VAL B 419 -47.54 -19.52 5.96
N ALA B 420 -48.24 -18.81 5.06
CA ALA B 420 -49.31 -19.36 4.18
C ALA B 420 -49.19 -18.77 2.77
N GLU B 421 -49.27 -19.61 1.75
CA GLU B 421 -49.39 -19.15 0.32
C GLU B 421 -50.65 -19.82 -0.27
N ALA B 422 -51.51 -19.05 -0.94
CA ALA B 422 -52.71 -19.54 -1.67
C ALA B 422 -52.80 -18.90 -3.04
N PRO B 423 -53.61 -19.40 -4.00
CA PRO B 423 -53.84 -18.69 -5.26
C PRO B 423 -54.90 -17.56 -5.18
N THR B 424 -55.44 -17.22 -3.99
CA THR B 424 -56.41 -16.09 -3.79
C THR B 424 -56.17 -15.42 -2.44
N GLU B 425 -56.48 -14.11 -2.35
CA GLU B 425 -56.31 -13.27 -1.13
C GLU B 425 -57.17 -13.83 0.02
N LYS B 426 -58.29 -14.46 -0.32
CA LYS B 426 -59.29 -14.98 0.65
C LYS B 426 -58.77 -16.30 1.24
N ARG B 427 -58.36 -17.21 0.35
CA ARG B 427 -57.88 -18.59 0.65
C ARG B 427 -56.56 -18.49 1.42
N ARG B 428 -55.75 -17.47 1.11
CA ARG B 428 -54.56 -17.03 1.91
C ARG B 428 -55.03 -16.62 3.30
N ASP B 429 -55.78 -15.51 3.43
CA ASP B 429 -56.18 -14.88 4.72
C ASP B 429 -56.79 -15.90 5.68
N GLU B 430 -57.48 -16.90 5.12
CA GLU B 430 -58.24 -17.97 5.84
C GLU B 430 -57.26 -18.98 6.47
N LEU B 431 -56.30 -19.49 5.68
CA LEU B 431 -55.30 -20.52 6.08
C LEU B 431 -54.27 -19.98 7.08
N PHE B 432 -53.96 -18.67 7.06
CA PHE B 432 -52.99 -18.00 7.97
C PHE B 432 -53.66 -17.66 9.31
N GLU B 433 -54.75 -16.88 9.30
CA GLU B 433 -55.50 -16.42 10.51
C GLU B 433 -56.11 -17.64 11.23
N MET B 434 -56.03 -18.83 10.61
CA MET B 434 -56.31 -20.14 11.24
C MET B 434 -55.02 -20.71 11.83
N ALA B 435 -53.98 -20.85 11.00
CA ALA B 435 -52.68 -21.48 11.34
C ALA B 435 -51.96 -20.71 12.45
N TYR B 436 -52.01 -19.37 12.41
CA TYR B 436 -51.34 -18.48 13.40
C TYR B 436 -51.96 -18.66 14.80
N SER B 437 -53.29 -18.76 14.88
CA SER B 437 -54.05 -18.80 16.17
C SER B 437 -54.01 -20.20 16.78
N THR B 438 -53.66 -21.23 15.99
CA THR B 438 -53.45 -22.64 16.45
C THR B 438 -52.12 -22.75 17.22
N VAL B 439 -51.06 -22.18 16.65
CA VAL B 439 -49.72 -22.02 17.31
C VAL B 439 -49.90 -21.07 18.50
N SER B 440 -50.52 -19.90 18.29
CA SER B 440 -50.72 -18.85 19.33
C SER B 440 -51.32 -19.45 20.62
N ARG B 441 -52.28 -20.38 20.50
CA ARG B 441 -53.08 -20.91 21.63
C ARG B 441 -52.30 -22.01 22.36
N ILE B 442 -51.58 -22.86 21.63
CA ILE B 442 -50.62 -23.87 22.19
C ILE B 442 -49.53 -23.18 23.04
N VAL B 443 -48.95 -22.08 22.54
CA VAL B 443 -47.88 -21.27 23.21
C VAL B 443 -48.47 -20.63 24.48
N LYS B 444 -49.78 -20.35 24.52
CA LYS B 444 -50.47 -19.93 25.76
C LYS B 444 -51.13 -21.18 26.38
N GLU B 445 -50.30 -22.14 26.78
CA GLU B 445 -50.62 -23.24 27.73
C GLU B 445 -49.39 -23.46 28.62
N ALA B 446 -48.40 -24.21 28.12
CA ALA B 446 -47.17 -24.64 28.81
C ALA B 446 -46.33 -23.41 29.23
N LEU C 2 18.53 3.98 -30.54
CA LEU C 2 18.22 3.99 -29.02
C LEU C 2 18.66 2.70 -28.33
N PHE C 3 18.31 1.53 -28.87
CA PHE C 3 18.72 0.21 -28.28
C PHE C 3 20.16 -0.09 -28.70
N GLY C 4 21.02 -0.41 -27.75
CA GLY C 4 22.35 -0.99 -28.00
C GLY C 4 22.28 -2.48 -27.79
N THR C 5 23.31 -3.07 -27.19
CA THR C 5 23.45 -4.53 -26.93
C THR C 5 22.21 -5.05 -26.18
N ALA C 6 21.96 -4.55 -24.97
CA ALA C 6 21.00 -5.11 -24.00
C ALA C 6 20.04 -4.01 -23.50
N GLY C 7 19.18 -3.52 -24.39
CA GLY C 7 18.22 -2.45 -24.06
C GLY C 7 18.76 -1.05 -24.34
N ILE C 8 18.04 -0.02 -23.88
CA ILE C 8 18.37 1.42 -24.05
C ILE C 8 19.10 1.87 -22.78
N ARG C 9 20.35 2.34 -22.91
CA ARG C 9 21.22 2.70 -21.78
CA ARG C 9 21.26 2.68 -21.80
C ARG C 9 21.85 4.09 -22.04
N GLY C 10 22.11 4.83 -20.98
CA GLY C 10 22.81 6.11 -21.12
C GLY C 10 22.80 6.94 -19.85
N THR C 11 23.47 8.09 -19.93
CA THR C 11 23.63 9.05 -18.83
C THR C 11 22.32 9.84 -18.75
N LEU C 12 21.93 10.15 -17.52
CA LEU C 12 20.73 10.91 -17.21
C LEU C 12 20.88 12.29 -17.86
N TRP C 13 19.82 12.77 -18.52
CA TRP C 13 19.67 14.14 -19.09
C TRP C 13 20.31 14.23 -20.49
N GLU C 14 21.39 13.51 -20.79
CA GLU C 14 22.00 13.44 -22.15
C GLU C 14 21.11 12.59 -23.08
N LYS C 15 21.05 11.29 -22.87
CA LYS C 15 20.26 10.36 -23.70
C LYS C 15 18.97 9.95 -22.97
N VAL C 16 19.06 9.67 -21.68
CA VAL C 16 17.94 9.04 -20.94
C VAL C 16 17.23 10.12 -20.13
N THR C 17 15.94 10.32 -20.43
CA THR C 17 15.08 11.42 -19.94
C THR C 17 13.70 10.87 -19.64
N PRO C 18 12.97 11.59 -18.77
CA PRO C 18 11.55 11.34 -18.54
C PRO C 18 10.80 11.33 -19.89
N GLU C 19 11.07 12.29 -20.77
CA GLU C 19 10.36 12.42 -22.10
C GLU C 19 10.67 11.17 -22.94
N LEU C 20 11.94 10.72 -23.00
CA LEU C 20 12.23 9.43 -23.70
C LEU C 20 11.39 8.30 -23.11
N ALA C 21 11.38 8.12 -21.77
CA ALA C 21 10.74 6.96 -21.12
C ALA C 21 9.23 6.94 -21.40
N MET C 22 8.61 8.12 -21.46
CA MET C 22 7.18 8.24 -21.81
C MET C 22 7.01 7.86 -23.30
N LYS C 23 7.99 8.16 -24.16
CA LYS C 23 7.85 7.86 -25.61
C LYS C 23 7.94 6.33 -25.75
N VAL C 24 8.82 5.70 -24.96
CA VAL C 24 9.09 4.24 -25.10
C VAL C 24 7.81 3.50 -24.70
N GLY C 25 7.13 3.98 -23.66
CA GLY C 25 5.83 3.47 -23.22
C GLY C 25 4.75 3.65 -24.30
N MET C 26 4.67 4.82 -24.88
CA MET C 26 3.73 5.08 -25.99
C MET C 26 4.05 4.12 -27.15
N ALA C 27 5.32 3.88 -27.45
CA ALA C 27 5.74 2.99 -28.55
C ALA C 27 5.34 1.53 -28.20
N VAL C 28 5.60 1.08 -26.97
CA VAL C 28 5.36 -0.34 -26.60
C VAL C 28 3.85 -0.64 -26.71
N GLY C 29 2.99 0.34 -26.42
CA GLY C 29 1.52 0.21 -26.46
C GLY C 29 0.95 0.49 -27.84
N THR C 30 1.81 0.81 -28.81
CA THR C 30 1.52 0.90 -30.27
C THR C 30 1.98 -0.44 -30.91
N TYR C 31 3.17 -0.92 -30.60
CA TYR C 31 3.74 -2.18 -31.15
C TYR C 31 3.02 -3.38 -30.54
N LYS C 32 2.55 -3.26 -29.28
CA LYS C 32 1.99 -4.39 -28.49
C LYS C 32 0.69 -3.96 -27.83
N SER C 33 -0.07 -4.94 -27.37
CA SER C 33 -1.47 -4.77 -26.91
C SER C 33 -1.59 -5.58 -25.63
N GLY C 34 -2.60 -5.28 -24.83
CA GLY C 34 -2.98 -6.14 -23.69
C GLY C 34 -2.33 -5.63 -22.41
N LYS C 35 -1.57 -6.48 -21.72
CA LYS C 35 -1.04 -6.14 -20.37
C LYS C 35 0.46 -5.92 -20.45
N ALA C 36 0.92 -4.92 -19.72
CA ALA C 36 2.33 -4.53 -19.56
C ALA C 36 2.71 -4.62 -18.07
N LEU C 37 3.65 -5.49 -17.79
CA LEU C 37 4.28 -5.62 -16.46
C LEU C 37 5.45 -4.64 -16.38
N VAL C 38 5.42 -3.76 -15.39
CA VAL C 38 6.47 -2.71 -15.23
C VAL C 38 7.30 -2.96 -13.95
N GLY C 39 8.62 -3.00 -14.13
CA GLY C 39 9.58 -3.15 -13.03
C GLY C 39 10.59 -2.02 -13.02
N ARG C 40 11.36 -1.89 -11.95
CA ARG C 40 12.48 -0.91 -11.91
C ARG C 40 13.58 -1.41 -10.98
N ASP C 41 14.77 -0.84 -11.07
CA ASP C 41 15.86 -1.14 -10.11
C ASP C 41 15.87 0.01 -9.08
N GLY C 42 16.96 0.15 -8.33
CA GLY C 42 17.04 1.01 -7.13
C GLY C 42 17.69 2.34 -7.42
N ARG C 43 18.01 2.61 -8.69
CA ARG C 43 18.67 3.87 -9.10
C ARG C 43 17.82 5.06 -8.63
N THR C 44 18.46 6.20 -8.36
CA THR C 44 17.82 7.43 -7.81
C THR C 44 16.80 8.01 -8.83
N SER C 45 16.96 7.72 -10.11
CA SER C 45 16.10 8.21 -11.20
C SER C 45 15.01 7.17 -11.59
N SER C 46 15.05 5.92 -11.11
CA SER C 46 14.15 4.81 -11.56
C SER C 46 12.66 5.12 -11.29
N VAL C 47 12.29 5.65 -10.13
CA VAL C 47 10.85 5.98 -9.90
C VAL C 47 10.40 7.08 -10.88
N MET C 48 11.23 8.09 -11.08
CA MET C 48 10.94 9.20 -12.01
C MET C 48 10.65 8.56 -13.39
N LEU C 49 11.51 7.67 -13.85
CA LEU C 49 11.39 7.14 -15.24
C LEU C 49 10.22 6.15 -15.27
N LYS C 50 9.98 5.42 -14.19
CA LYS C 50 8.86 4.46 -14.12
C LYS C 50 7.54 5.22 -14.22
N ASN C 51 7.37 6.32 -13.50
CA ASN C 51 6.16 7.18 -13.58
C ASN C 51 5.97 7.65 -15.03
N ALA C 52 7.05 8.01 -15.71
CA ALA C 52 6.97 8.49 -17.12
C ALA C 52 6.55 7.30 -18.00
N MET C 53 7.15 6.13 -17.78
CA MET C 53 6.83 4.91 -18.57
C MET C 53 5.35 4.58 -18.40
N ILE C 54 4.84 4.59 -17.17
CA ILE C 54 3.44 4.15 -16.91
C ILE C 54 2.46 5.16 -17.54
N SER C 55 2.86 6.43 -17.57
CA SER C 55 2.06 7.50 -18.22
C SER C 55 1.94 7.19 -19.73
N GLY C 56 3.03 6.74 -20.33
CA GLY C 56 3.12 6.42 -21.78
C GLY C 56 2.25 5.23 -22.11
N LEU C 57 2.48 4.13 -21.40
CA LEU C 57 1.76 2.86 -21.55
C LEU C 57 0.26 3.10 -21.31
N LEU C 58 -0.11 3.78 -20.24
CA LEU C 58 -1.55 4.06 -19.97
C LEU C 58 -2.20 4.76 -21.19
N SER C 59 -1.53 5.76 -21.77
CA SER C 59 -2.03 6.61 -22.89
C SER C 59 -2.43 5.78 -24.11
N THR C 60 -1.91 4.56 -24.28
CA THR C 60 -2.18 3.68 -25.47
C THR C 60 -3.30 2.66 -25.23
N GLY C 61 -3.81 2.58 -24.01
CA GLY C 61 -4.91 1.67 -23.64
C GLY C 61 -4.39 0.36 -23.06
N MET C 62 -3.08 0.20 -22.93
CA MET C 62 -2.51 -1.03 -22.30
C MET C 62 -2.90 -1.02 -20.80
N GLU C 63 -3.10 -2.21 -20.24
CA GLU C 63 -3.35 -2.43 -18.80
C GLU C 63 -2.00 -2.55 -18.12
N VAL C 64 -1.69 -1.61 -17.22
CA VAL C 64 -0.38 -1.59 -16.52
C VAL C 64 -0.49 -2.37 -15.22
N LEU C 65 0.43 -3.34 -15.07
CA LEU C 65 0.63 -4.15 -13.85
C LEU C 65 1.93 -3.61 -13.21
N ASP C 66 1.88 -2.98 -12.03
CA ASP C 66 3.11 -2.26 -11.50
C ASP C 66 3.76 -3.16 -10.46
N ALA C 67 4.91 -3.72 -10.77
CA ALA C 67 5.65 -4.66 -9.90
C ALA C 67 6.66 -3.86 -9.06
N ASP C 68 6.80 -2.57 -9.35
CA ASP C 68 7.80 -1.69 -8.67
C ASP C 68 9.20 -2.33 -8.67
N LEU C 69 9.89 -2.30 -7.53
CA LEU C 69 11.35 -2.59 -7.48
C LEU C 69 11.53 -4.11 -7.41
N ILE C 70 12.07 -4.66 -8.50
CA ILE C 70 12.16 -6.10 -8.81
C ILE C 70 13.44 -6.32 -9.60
N PRO C 71 14.15 -7.45 -9.47
CA PRO C 71 15.28 -7.73 -10.34
C PRO C 71 14.80 -8.14 -11.75
N THR C 72 15.65 -7.93 -12.75
CA THR C 72 15.30 -8.10 -14.19
C THR C 72 14.79 -9.52 -14.43
N PRO C 73 15.51 -10.56 -13.98
CA PRO C 73 15.02 -11.94 -14.12
C PRO C 73 13.61 -12.13 -13.54
N ALA C 74 13.28 -11.54 -12.38
CA ALA C 74 11.89 -11.62 -11.85
C ALA C 74 10.95 -10.88 -12.81
N LEU C 75 11.39 -9.80 -13.43
CA LEU C 75 10.51 -9.10 -14.39
C LEU C 75 10.24 -9.98 -15.65
N ALA C 76 11.23 -10.65 -16.21
CA ALA C 76 11.06 -11.53 -17.41
C ALA C 76 10.11 -12.68 -17.05
N TRP C 77 10.28 -13.28 -15.90
CA TRP C 77 9.46 -14.44 -15.45
C TRP C 77 8.03 -13.97 -15.21
N GLY C 78 7.86 -12.82 -14.54
CA GLY C 78 6.53 -12.31 -14.24
C GLY C 78 5.84 -11.91 -15.53
N THR C 79 6.59 -11.42 -16.50
CA THR C 79 6.04 -11.02 -17.81
C THR C 79 5.45 -12.26 -18.46
N ARG C 80 6.23 -13.36 -18.53
CA ARG C 80 5.74 -14.66 -19.04
C ARG C 80 4.49 -15.08 -18.29
N LYS C 81 4.45 -14.98 -16.96
CA LYS C 81 3.24 -15.37 -16.20
C LYS C 81 2.08 -14.42 -16.52
N LEU C 82 2.29 -13.09 -16.55
CA LEU C 82 1.19 -12.15 -16.23
C LEU C 82 0.75 -11.33 -17.45
N ALA C 83 1.61 -11.16 -18.46
CA ALA C 83 1.45 -10.01 -19.39
C ALA C 83 1.84 -10.37 -20.83
N ASP C 84 1.52 -9.45 -21.72
CA ASP C 84 1.81 -9.49 -23.19
C ASP C 84 3.11 -8.69 -23.47
N ALA C 85 3.48 -7.78 -22.57
CA ALA C 85 4.75 -7.02 -22.66
C ALA C 85 5.32 -6.76 -21.27
N GLY C 86 6.64 -6.58 -21.20
CA GLY C 86 7.38 -6.30 -19.95
C GLY C 86 8.28 -5.10 -20.09
N VAL C 87 8.27 -4.19 -19.12
CA VAL C 87 9.25 -3.09 -19.10
C VAL C 87 10.01 -3.10 -17.78
N MET C 88 11.31 -2.88 -17.90
CA MET C 88 12.25 -2.82 -16.77
C MET C 88 12.97 -1.47 -16.81
N ILE C 89 12.93 -0.68 -15.72
CA ILE C 89 13.75 0.56 -15.64
C ILE C 89 15.09 0.21 -15.01
N THR C 90 16.15 0.19 -15.82
CA THR C 90 17.49 -0.19 -15.35
C THR C 90 18.54 0.25 -16.37
N ALA C 91 19.74 0.57 -15.87
CA ALA C 91 21.01 0.54 -16.62
C ALA C 91 21.92 -0.56 -16.07
N SER C 92 21.38 -1.52 -15.28
CA SER C 92 22.02 -2.82 -14.90
C SER C 92 23.35 -2.64 -14.12
N HIS C 93 24.48 -2.47 -14.82
CA HIS C 93 25.87 -2.51 -14.30
C HIS C 93 26.54 -1.13 -14.44
N ASN C 94 25.86 -0.18 -15.09
CA ASN C 94 26.40 1.18 -15.34
C ASN C 94 26.42 1.99 -14.05
N PRO C 95 27.19 3.09 -13.97
CA PRO C 95 27.22 3.89 -12.76
C PRO C 95 25.87 4.59 -12.49
N PRO C 96 25.70 5.12 -11.25
CA PRO C 96 24.44 5.69 -10.81
C PRO C 96 24.05 6.99 -11.51
N THR C 97 24.99 7.53 -12.32
CA THR C 97 24.69 8.64 -13.26
C THR C 97 23.76 8.16 -14.40
N ASP C 98 23.56 6.86 -14.60
CA ASP C 98 22.90 6.34 -15.83
C ASP C 98 21.61 5.62 -15.47
N ASN C 99 20.74 5.48 -16.45
CA ASN C 99 19.55 4.63 -16.35
C ASN C 99 19.20 4.18 -17.77
N GLY C 100 18.06 3.53 -17.94
CA GLY C 100 17.80 2.80 -19.18
C GLY C 100 16.46 2.11 -19.17
N VAL C 101 16.11 1.51 -20.30
CA VAL C 101 14.89 0.68 -20.43
C VAL C 101 15.27 -0.58 -21.17
N LYS C 102 14.87 -1.70 -20.61
CA LYS C 102 14.75 -3.00 -21.28
C LYS C 102 13.25 -3.28 -21.53
N VAL C 103 12.95 -3.82 -22.72
CA VAL C 103 11.61 -4.30 -23.16
C VAL C 103 11.65 -5.82 -23.37
N PHE C 104 10.55 -6.46 -23.01
CA PHE C 104 10.38 -7.92 -23.06
C PHE C 104 9.05 -8.25 -23.73
N ASN C 105 9.04 -9.38 -24.45
CA ASN C 105 7.82 -9.99 -25.04
C ASN C 105 7.10 -10.80 -23.96
N GLY C 106 5.87 -11.19 -24.25
CA GLY C 106 4.95 -11.97 -23.39
C GLY C 106 5.47 -13.34 -23.03
N ASP C 107 6.43 -13.90 -23.77
CA ASP C 107 7.08 -15.22 -23.47
C ASP C 107 8.35 -15.02 -22.61
N GLY C 108 8.66 -13.77 -22.26
CA GLY C 108 9.76 -13.42 -21.34
C GLY C 108 11.08 -13.28 -22.07
N THR C 109 11.10 -13.23 -23.41
CA THR C 109 12.33 -12.94 -24.20
C THR C 109 12.56 -11.42 -24.25
N GLU C 110 13.82 -11.00 -24.24
CA GLU C 110 14.15 -9.60 -24.56
C GLU C 110 13.71 -9.34 -26.00
N PHE C 111 13.48 -8.08 -26.31
CA PHE C 111 13.16 -7.62 -27.67
C PHE C 111 14.23 -8.02 -28.67
N TYR C 112 13.81 -8.59 -29.80
CA TYR C 112 14.63 -8.93 -31.01
C TYR C 112 14.92 -7.64 -31.77
N VAL C 113 16.00 -7.63 -32.56
CA VAL C 113 16.50 -6.42 -33.30
C VAL C 113 15.34 -5.83 -34.14
N GLU C 114 14.53 -6.67 -34.77
CA GLU C 114 13.38 -6.26 -35.64
C GLU C 114 12.39 -5.45 -34.79
N GLN C 115 12.26 -5.84 -33.52
CA GLN C 115 11.26 -5.28 -32.57
C GLN C 115 11.79 -3.92 -32.11
N GLU C 116 13.11 -3.81 -31.93
CA GLU C 116 13.80 -2.56 -31.52
C GLU C 116 13.63 -1.51 -32.65
N ARG C 117 13.86 -1.87 -33.92
CA ARG C 117 13.65 -0.94 -35.07
C ARG C 117 12.18 -0.52 -35.13
N GLY C 118 11.24 -1.48 -34.99
CA GLY C 118 9.79 -1.18 -34.95
C GLY C 118 9.51 -0.04 -33.98
N LEU C 119 10.03 -0.18 -32.76
CA LEU C 119 9.78 0.81 -31.68
C LEU C 119 10.39 2.17 -32.04
N GLU C 120 11.63 2.16 -32.54
CA GLU C 120 12.42 3.38 -32.86
C GLU C 120 11.71 4.20 -33.95
N GLU C 121 11.26 3.53 -35.01
CA GLU C 121 10.46 4.12 -36.11
C GLU C 121 9.24 4.82 -35.49
N ILE C 122 8.53 4.13 -34.60
CA ILE C 122 7.27 4.65 -33.97
C ILE C 122 7.61 5.92 -33.18
N ILE C 123 8.74 5.90 -32.47
CA ILE C 123 9.19 7.02 -31.58
C ILE C 123 9.55 8.21 -32.46
N PHE C 124 10.30 7.93 -33.54
CA PHE C 124 10.80 8.92 -34.53
C PHE C 124 9.64 9.50 -35.34
N SER C 125 8.55 8.77 -35.59
CA SER C 125 7.37 9.27 -36.35
C SER C 125 6.35 9.99 -35.44
N GLY C 126 6.28 9.66 -34.14
CA GLY C 126 5.28 10.21 -33.20
C GLY C 126 3.89 9.59 -33.36
N ASN C 127 3.73 8.53 -34.17
CA ASN C 127 2.37 7.98 -34.47
C ASN C 127 2.08 6.87 -33.46
N PHE C 128 1.72 7.30 -32.27
CA PHE C 128 1.41 6.43 -31.12
C PHE C 128 -0.07 6.18 -31.09
N ARG C 129 -0.47 4.96 -30.75
CA ARG C 129 -1.88 4.63 -30.47
C ARG C 129 -2.30 5.43 -29.23
N LYS C 130 -3.45 6.07 -29.35
CA LYS C 130 -4.08 6.85 -28.28
C LYS C 130 -5.36 6.11 -27.90
N ALA C 131 -5.52 5.71 -26.64
CA ALA C 131 -6.80 5.25 -26.06
C ALA C 131 -7.83 6.39 -26.04
N ARG C 132 -9.11 6.11 -26.31
CA ARG C 132 -10.21 7.02 -25.90
C ARG C 132 -10.21 7.14 -24.36
N TRP C 133 -10.70 8.27 -23.88
CA TRP C 133 -10.80 8.49 -22.43
C TRP C 133 -11.32 7.22 -21.74
N ASP C 134 -12.29 6.53 -22.33
CA ASP C 134 -13.04 5.45 -21.62
C ASP C 134 -12.33 4.11 -21.76
N GLU C 135 -11.14 4.10 -22.33
CA GLU C 135 -10.35 2.87 -22.50
C GLU C 135 -9.07 2.96 -21.66
N ILE C 136 -8.84 4.03 -20.90
CA ILE C 136 -7.62 4.16 -20.05
C ILE C 136 -7.83 3.26 -18.84
N LYS C 137 -7.00 2.25 -18.65
CA LYS C 137 -7.32 1.21 -17.62
C LYS C 137 -6.60 1.54 -16.32
N PRO C 138 -7.22 1.22 -15.17
CA PRO C 138 -6.59 1.45 -13.88
C PRO C 138 -5.30 0.63 -13.67
N VAL C 139 -4.30 1.19 -12.97
CA VAL C 139 -3.02 0.48 -12.70
C VAL C 139 -3.28 -0.61 -11.65
N ARG C 140 -2.66 -1.77 -11.80
CA ARG C 140 -2.82 -2.90 -10.83
C ARG C 140 -1.43 -3.14 -10.26
N ASN C 141 -1.31 -3.02 -8.92
CA ASN C 141 -0.09 -3.34 -8.19
C ASN C 141 -0.01 -4.85 -8.06
N VAL C 142 1.13 -5.47 -8.39
CA VAL C 142 1.33 -6.93 -8.20
C VAL C 142 2.64 -7.19 -7.44
N GLU C 143 2.65 -8.30 -6.73
CA GLU C 143 3.74 -8.83 -5.89
C GLU C 143 4.27 -10.08 -6.59
N VAL C 144 5.39 -9.98 -7.29
CA VAL C 144 5.99 -11.05 -8.12
C VAL C 144 7.06 -11.85 -7.33
N ILE C 145 7.88 -11.18 -6.52
CA ILE C 145 9.10 -11.79 -5.91
C ILE C 145 8.80 -13.13 -5.27
N PRO C 146 7.87 -13.27 -4.29
CA PRO C 146 7.62 -14.55 -3.64
C PRO C 146 7.18 -15.68 -4.58
N ASP C 147 6.36 -15.35 -5.58
CA ASP C 147 5.99 -16.30 -6.67
C ASP C 147 7.27 -16.68 -7.43
N TYR C 148 8.12 -15.70 -7.70
CA TYR C 148 9.37 -15.94 -8.45
C TYR C 148 10.31 -16.87 -7.67
N ILE C 149 10.48 -16.62 -6.36
CA ILE C 149 11.35 -17.45 -5.48
C ILE C 149 10.80 -18.88 -5.45
N ASN C 150 9.50 -19.06 -5.19
CA ASN C 150 8.86 -20.39 -5.27
C ASN C 150 9.19 -21.05 -6.63
N ALA C 151 9.21 -20.34 -7.75
CA ALA C 151 9.40 -21.02 -9.05
C ALA C 151 10.86 -21.49 -9.14
N VAL C 152 11.80 -20.67 -8.67
CA VAL C 152 13.25 -20.97 -8.72
C VAL C 152 13.56 -22.14 -7.79
N LEU C 153 13.03 -22.15 -6.54
CA LEU C 153 13.17 -23.27 -5.57
C LEU C 153 12.58 -24.55 -6.19
N ASP C 154 11.35 -24.49 -6.70
CA ASP C 154 10.72 -25.64 -7.41
C ASP C 154 11.71 -26.13 -8.48
N PHE C 155 12.23 -25.24 -9.33
CA PHE C 155 13.04 -25.64 -10.49
C PHE C 155 14.36 -26.24 -10.00
N VAL C 156 14.92 -25.72 -8.91
CA VAL C 156 16.27 -26.15 -8.41
C VAL C 156 16.20 -27.51 -7.67
N GLY C 157 15.13 -27.78 -6.92
CA GLY C 157 14.87 -29.05 -6.23
C GLY C 157 16.03 -29.47 -5.33
N HIS C 158 16.58 -28.57 -4.52
CA HIS C 158 17.75 -28.84 -3.66
C HIS C 158 17.68 -28.14 -2.30
N GLU C 159 18.01 -28.87 -1.24
CA GLU C 159 18.21 -28.35 0.13
C GLU C 159 19.71 -28.40 0.42
N THR C 160 20.21 -27.52 1.28
CA THR C 160 21.65 -27.35 1.52
C THR C 160 21.89 -26.95 2.99
N ASN C 161 23.15 -26.94 3.42
CA ASN C 161 23.61 -26.31 4.68
C ASN C 161 24.91 -25.54 4.39
N LEU C 162 25.20 -25.24 3.13
CA LEU C 162 26.38 -24.45 2.75
C LEU C 162 26.29 -23.07 3.39
N LYS C 163 27.45 -22.50 3.70
CA LYS C 163 27.67 -21.08 4.07
C LYS C 163 27.94 -20.31 2.78
N VAL C 164 27.34 -19.12 2.61
CA VAL C 164 27.36 -18.36 1.33
C VAL C 164 27.49 -16.87 1.64
N LEU C 165 28.43 -16.21 0.98
CA LEU C 165 28.62 -14.74 0.95
C LEU C 165 27.84 -14.27 -0.27
N TYR C 166 26.76 -13.53 -0.05
CA TYR C 166 25.99 -12.81 -1.10
C TYR C 166 26.28 -11.30 -1.06
N ASP C 167 26.71 -10.75 -2.20
CA ASP C 167 27.03 -9.31 -2.41
C ASP C 167 26.05 -8.75 -3.44
N GLY C 168 25.07 -7.97 -3.01
CA GLY C 168 23.89 -7.57 -3.81
C GLY C 168 24.11 -6.29 -4.57
N ALA C 169 25.32 -5.78 -4.47
CA ALA C 169 25.71 -4.46 -5.00
C ALA C 169 24.62 -3.43 -4.75
N ASN C 170 24.02 -3.40 -3.59
CA ASN C 170 23.06 -2.34 -3.21
C ASN C 170 21.87 -2.34 -4.19
N GLY C 171 21.51 -3.50 -4.74
CA GLY C 171 20.55 -3.53 -5.85
C GLY C 171 19.47 -4.57 -5.66
N ALA C 172 18.64 -4.73 -6.68
CA ALA C 172 17.34 -5.41 -6.66
C ALA C 172 17.51 -6.89 -6.28
N GLY C 173 18.68 -7.46 -6.57
CA GLY C 173 19.01 -8.83 -6.13
C GLY C 173 18.88 -8.99 -4.64
N SER C 174 19.16 -7.93 -3.89
CA SER C 174 19.12 -7.92 -2.41
C SER C 174 17.70 -8.27 -1.90
N LEU C 175 16.65 -8.01 -2.68
CA LEU C 175 15.24 -8.35 -2.30
C LEU C 175 14.83 -9.80 -2.65
N VAL C 176 15.71 -10.62 -3.23
CA VAL C 176 15.39 -11.98 -3.74
C VAL C 176 16.50 -12.97 -3.36
N ALA C 177 17.75 -12.75 -3.77
CA ALA C 177 18.83 -13.77 -3.58
C ALA C 177 18.94 -14.19 -2.10
N PRO C 178 19.05 -13.27 -1.10
CA PRO C 178 19.23 -13.69 0.28
C PRO C 178 18.09 -14.60 0.74
N TYR C 179 16.85 -14.36 0.29
CA TYR C 179 15.64 -15.11 0.75
C TYR C 179 15.64 -16.45 0.04
N LEU C 180 15.95 -16.49 -1.25
CA LEU C 180 16.01 -17.76 -2.03
C LEU C 180 17.11 -18.67 -1.43
N LEU C 181 18.28 -18.12 -1.14
CA LEU C 181 19.33 -18.93 -0.45
C LEU C 181 18.84 -19.40 0.93
N ARG C 182 18.25 -18.53 1.74
CA ARG C 182 17.88 -18.96 3.11
C ARG C 182 16.88 -20.12 3.01
N GLU C 183 15.90 -20.03 2.11
CA GLU C 183 14.84 -21.05 1.95
C GLU C 183 15.43 -22.40 1.48
N MET C 184 16.53 -22.38 0.74
CA MET C 184 17.22 -23.63 0.31
C MET C 184 17.90 -24.32 1.51
N GLY C 185 18.05 -23.63 2.64
CA GLY C 185 18.88 -24.03 3.80
C GLY C 185 20.23 -23.33 3.92
N ALA C 186 20.59 -22.40 3.01
CA ALA C 186 21.96 -21.80 3.07
C ALA C 186 22.04 -20.83 4.25
N LYS C 187 23.21 -20.76 4.87
CA LYS C 187 23.61 -19.80 5.91
C LYS C 187 24.17 -18.58 5.17
N VAL C 188 23.33 -17.58 4.96
CA VAL C 188 23.70 -16.41 4.11
C VAL C 188 24.32 -15.34 4.99
N LEU C 189 25.54 -14.95 4.69
CA LEU C 189 26.07 -13.63 5.11
C LEU C 189 26.03 -12.65 3.92
N SER C 190 25.32 -11.52 4.01
CA SER C 190 25.10 -10.62 2.85
C SER C 190 26.04 -9.42 2.97
N VAL C 191 26.58 -8.92 1.85
CA VAL C 191 27.27 -7.61 1.84
C VAL C 191 26.57 -6.74 0.79
N ASN C 192 26.39 -5.46 1.09
CA ASN C 192 25.72 -4.55 0.14
C ASN C 192 24.34 -5.10 -0.19
N ALA C 193 23.59 -5.57 0.81
CA ALA C 193 22.27 -6.18 0.57
C ALA C 193 21.13 -5.29 1.11
N HIS C 194 21.40 -4.00 1.24
CA HIS C 194 20.41 -2.93 1.49
C HIS C 194 20.40 -2.15 0.21
N VAL C 195 19.20 -1.94 -0.35
CA VAL C 195 19.04 -1.26 -1.65
C VAL C 195 19.46 0.21 -1.50
N ASP C 196 20.28 0.72 -2.38
CA ASP C 196 20.65 2.16 -2.34
C ASP C 196 21.14 2.52 -3.73
N GLY C 197 20.52 3.52 -4.32
CA GLY C 197 20.83 3.98 -5.68
C GLY C 197 22.19 4.66 -5.77
N HIS C 198 22.86 4.93 -4.66
CA HIS C 198 24.19 5.58 -4.67
C HIS C 198 25.24 4.47 -4.83
N PHE C 199 24.84 3.20 -4.78
CA PHE C 199 25.79 2.08 -4.94
C PHE C 199 26.99 2.33 -4.01
N PRO C 200 26.78 2.57 -2.71
CA PRO C 200 27.88 2.95 -1.81
C PRO C 200 28.92 1.83 -1.57
N GLY C 201 28.51 0.55 -1.62
CA GLY C 201 29.40 -0.59 -1.34
C GLY C 201 30.54 -0.61 -2.34
N ARG C 202 30.24 -0.54 -3.62
CA ARG C 202 31.21 -0.73 -4.73
C ARG C 202 30.50 -0.37 -6.03
N LYS C 203 31.24 -0.21 -7.12
CA LYS C 203 30.64 -0.16 -8.48
C LYS C 203 29.84 -1.44 -8.70
N PRO C 204 28.61 -1.34 -9.21
CA PRO C 204 27.71 -2.49 -9.25
C PRO C 204 28.12 -3.55 -10.29
N GLU C 205 28.94 -3.19 -11.29
CA GLU C 205 29.37 -4.22 -12.26
C GLU C 205 30.31 -5.22 -11.56
N PRO C 206 29.97 -6.53 -11.47
CA PRO C 206 30.79 -7.49 -10.75
C PRO C 206 31.93 -8.09 -11.60
N ARG C 207 32.65 -7.24 -12.30
CA ARG C 207 34.06 -7.49 -12.71
C ARG C 207 34.84 -7.85 -11.44
N TYR C 208 35.85 -8.71 -11.56
CA TYR C 208 36.81 -9.06 -10.48
C TYR C 208 37.32 -7.85 -9.68
N GLU C 209 37.71 -6.77 -10.35
CA GLU C 209 38.46 -5.65 -9.74
C GLU C 209 37.51 -4.79 -8.90
N ASN C 210 36.19 -4.91 -9.07
CA ASN C 210 35.22 -4.19 -8.20
C ASN C 210 34.88 -5.07 -7.00
N ILE C 211 35.11 -6.38 -7.05
CA ILE C 211 34.61 -7.31 -6.02
C ILE C 211 35.77 -8.14 -5.46
N ALA C 212 37.01 -7.68 -5.67
CA ALA C 212 38.26 -8.41 -5.31
C ALA C 212 38.24 -8.74 -3.81
N TYR C 213 37.73 -7.82 -3.00
CA TYR C 213 37.72 -7.93 -1.51
C TYR C 213 36.99 -9.19 -1.06
N LEU C 214 36.09 -9.71 -1.88
CA LEU C 214 35.21 -10.82 -1.48
C LEU C 214 36.08 -12.05 -1.20
N GLY C 215 37.16 -12.23 -1.97
CA GLY C 215 38.01 -13.44 -1.85
C GLY C 215 38.66 -13.51 -0.47
N LYS C 216 39.13 -12.37 0.00
CA LYS C 216 39.63 -12.10 1.37
C LYS C 216 38.53 -12.38 2.42
N LEU C 217 37.31 -11.83 2.27
CA LEU C 217 36.20 -12.12 3.23
C LEU C 217 35.89 -13.62 3.21
N VAL C 218 35.98 -14.31 2.07
CA VAL C 218 35.59 -15.76 2.04
C VAL C 218 36.42 -16.54 3.05
N ARG C 219 37.74 -16.40 2.96
CA ARG C 219 38.71 -17.06 3.87
C ARG C 219 38.34 -16.71 5.32
N GLU C 220 38.35 -15.43 5.71
CA GLU C 220 38.20 -15.02 7.14
C GLU C 220 36.94 -15.68 7.68
N LEU C 221 35.90 -15.79 6.85
CA LEU C 221 34.52 -16.06 7.30
C LEU C 221 34.17 -17.54 7.21
N GLY C 222 35.03 -18.34 6.57
CA GLY C 222 34.83 -19.79 6.39
C GLY C 222 33.65 -20.14 5.50
N VAL C 223 33.38 -19.37 4.43
CA VAL C 223 32.19 -19.63 3.55
C VAL C 223 32.59 -20.56 2.38
N ASP C 224 31.62 -21.30 1.85
CA ASP C 224 31.81 -22.39 0.83
C ASP C 224 31.82 -21.84 -0.60
N LEU C 225 31.37 -20.60 -0.76
CA LEU C 225 30.89 -19.97 -2.03
C LEU C 225 30.71 -18.48 -1.76
N ALA C 226 31.20 -17.61 -2.62
CA ALA C 226 30.73 -16.22 -2.68
C ALA C 226 29.99 -16.01 -4.01
N ILE C 227 28.91 -15.21 -3.97
CA ILE C 227 28.09 -14.83 -5.15
C ILE C 227 27.97 -13.32 -5.12
N ALA C 228 28.29 -12.67 -6.22
CA ALA C 228 28.16 -11.22 -6.43
C ALA C 228 27.29 -10.98 -7.68
N GLN C 229 26.38 -9.99 -7.59
CA GLN C 229 25.49 -9.54 -8.69
C GLN C 229 25.73 -8.05 -9.05
N ASP C 230 25.03 -7.62 -10.11
CA ASP C 230 24.91 -6.19 -10.53
C ASP C 230 23.66 -5.55 -9.88
N GLY C 231 23.34 -4.35 -10.36
CA GLY C 231 22.30 -3.46 -9.85
C GLY C 231 20.90 -4.02 -10.06
N ASP C 232 20.65 -4.68 -11.20
CA ASP C 232 19.30 -5.24 -11.51
C ASP C 232 19.37 -6.72 -11.30
N ALA C 233 20.50 -7.22 -10.82
CA ALA C 233 20.71 -8.66 -10.59
C ALA C 233 20.41 -9.50 -11.86
N ASP C 234 20.79 -9.07 -13.07
CA ASP C 234 20.81 -10.05 -14.19
C ASP C 234 22.21 -10.68 -14.35
N ARG C 235 23.25 -10.21 -13.65
CA ARG C 235 24.62 -10.81 -13.72
C ARG C 235 24.95 -11.61 -12.45
N ILE C 236 25.86 -12.57 -12.58
CA ILE C 236 26.42 -13.38 -11.46
C ILE C 236 27.92 -13.57 -11.69
N ALA C 237 28.66 -13.51 -10.58
CA ALA C 237 30.11 -13.68 -10.43
C ALA C 237 30.34 -14.50 -9.16
N VAL C 238 31.35 -15.39 -9.16
CA VAL C 238 31.53 -16.33 -8.02
C VAL C 238 33.00 -16.44 -7.58
N PHE C 239 33.19 -16.70 -6.29
CA PHE C 239 34.48 -17.03 -5.65
C PHE C 239 34.26 -18.35 -4.95
N ASP C 240 35.28 -19.22 -4.86
CA ASP C 240 35.18 -20.55 -4.23
C ASP C 240 35.57 -20.45 -2.76
N GLU C 241 35.64 -21.59 -2.07
CA GLU C 241 35.83 -21.66 -0.59
C GLU C 241 37.25 -21.23 -0.18
N LYS C 242 38.14 -21.03 -1.15
CA LYS C 242 39.54 -20.63 -0.87
C LYS C 242 39.70 -19.15 -1.17
N GLY C 243 38.66 -18.48 -1.64
CA GLY C 243 38.76 -17.06 -2.02
C GLY C 243 39.36 -16.90 -3.39
N ASN C 244 39.30 -17.94 -4.23
CA ASN C 244 39.75 -17.88 -5.65
C ASN C 244 38.58 -17.33 -6.48
N TYR C 245 38.79 -16.26 -7.23
CA TYR C 245 37.84 -15.82 -8.26
C TYR C 245 37.72 -16.93 -9.31
N VAL C 246 36.53 -17.50 -9.46
CA VAL C 246 36.17 -18.42 -10.56
C VAL C 246 35.80 -17.55 -11.75
N ASP C 247 36.60 -17.58 -12.83
CA ASP C 247 36.40 -16.58 -13.91
C ASP C 247 35.17 -16.99 -14.71
N GLU C 248 34.64 -16.03 -15.48
CA GLU C 248 33.30 -16.11 -16.10
C GLU C 248 33.27 -17.31 -17.05
N ASP C 249 34.35 -17.62 -17.80
CA ASP C 249 34.41 -18.81 -18.70
C ASP C 249 34.34 -20.10 -17.85
N THR C 250 34.99 -20.13 -16.70
CA THR C 250 34.91 -21.35 -15.85
C THR C 250 33.46 -21.62 -15.41
N VAL C 251 32.70 -20.58 -15.05
CA VAL C 251 31.30 -20.70 -14.55
C VAL C 251 30.47 -21.25 -15.70
N ILE C 252 30.53 -20.60 -16.87
CA ILE C 252 29.83 -21.10 -18.09
C ILE C 252 30.20 -22.59 -18.34
N ALA C 253 31.48 -22.97 -18.15
CA ALA C 253 31.99 -24.30 -18.57
C ALA C 253 31.43 -25.36 -17.63
N LEU C 254 31.43 -25.10 -16.31
CA LEU C 254 30.80 -26.00 -15.31
C LEU C 254 29.40 -26.38 -15.80
N PHE C 255 28.63 -25.38 -16.26
CA PHE C 255 27.23 -25.54 -16.70
C PHE C 255 27.14 -26.13 -18.14
N ALA C 256 27.99 -25.71 -19.10
CA ALA C 256 28.04 -26.40 -20.42
C ALA C 256 28.21 -27.92 -20.24
N LYS C 257 29.15 -28.33 -19.38
CA LYS C 257 29.53 -29.74 -19.14
C LYS C 257 28.36 -30.46 -18.47
N LEU C 258 27.80 -29.84 -17.42
CA LEU C 258 26.62 -30.38 -16.67
C LEU C 258 25.49 -30.66 -17.68
N TYR C 259 25.15 -29.68 -18.54
CA TYR C 259 23.99 -29.73 -19.48
C TYR C 259 24.31 -30.75 -20.58
N VAL C 260 25.55 -30.83 -21.04
CA VAL C 260 25.89 -31.73 -22.17
C VAL C 260 26.03 -33.20 -21.69
N GLU C 261 26.57 -33.44 -20.51
CA GLU C 261 26.61 -34.78 -19.87
C GLU C 261 25.16 -35.26 -19.68
N GLU C 262 24.27 -34.42 -19.18
CA GLU C 262 22.84 -34.80 -18.98
C GLU C 262 22.24 -35.35 -20.29
N HIS C 263 22.29 -34.59 -21.39
CA HIS C 263 21.58 -34.89 -22.67
C HIS C 263 22.40 -35.88 -23.51
N GLY C 264 23.55 -36.36 -23.01
CA GLY C 264 24.62 -36.93 -23.86
C GLY C 264 24.67 -36.25 -25.23
N GLY C 265 24.98 -34.94 -25.24
CA GLY C 265 25.13 -34.14 -26.48
C GLY C 265 24.35 -32.83 -26.41
N GLY C 266 24.03 -32.28 -27.57
CA GLY C 266 23.16 -31.11 -27.73
C GLY C 266 24.00 -29.90 -28.05
N THR C 267 23.36 -28.81 -28.47
CA THR C 267 24.04 -27.53 -28.82
C THR C 267 24.04 -26.52 -27.65
N VAL C 268 25.22 -25.98 -27.38
CA VAL C 268 25.48 -24.89 -26.41
C VAL C 268 25.81 -23.62 -27.20
N VAL C 269 25.12 -22.50 -26.91
CA VAL C 269 25.24 -21.18 -27.58
C VAL C 269 25.88 -20.20 -26.59
N VAL C 270 27.08 -19.74 -26.89
CA VAL C 270 27.89 -18.85 -26.05
C VAL C 270 28.27 -17.68 -26.92
N SER C 271 28.68 -16.58 -26.33
CA SER C 271 28.93 -15.37 -27.13
C SER C 271 30.27 -15.54 -27.83
N ILE C 272 30.54 -14.63 -28.74
CA ILE C 272 31.74 -14.59 -29.61
C ILE C 272 32.99 -14.39 -28.76
N ASP C 273 32.87 -14.03 -27.47
CA ASP C 273 34.05 -13.64 -26.64
C ASP C 273 34.16 -14.56 -25.44
N THR C 274 33.42 -15.68 -25.44
CA THR C 274 33.68 -16.77 -24.48
C THR C 274 34.60 -17.80 -25.16
N GLY C 275 35.61 -18.26 -24.45
CA GLY C 275 36.71 -19.00 -25.07
C GLY C 275 36.63 -20.50 -24.91
N SER C 276 37.81 -21.11 -24.86
CA SER C 276 38.07 -22.50 -25.28
C SER C 276 37.71 -23.48 -24.18
N ARG C 277 37.54 -23.02 -22.93
CA ARG C 277 37.23 -24.01 -21.88
C ARG C 277 35.80 -24.52 -22.12
N ILE C 278 34.96 -23.75 -22.80
CA ILE C 278 33.59 -24.22 -23.17
C ILE C 278 33.74 -25.35 -24.21
N ASP C 279 34.52 -25.09 -25.27
CA ASP C 279 34.74 -26.04 -26.39
C ASP C 279 35.31 -27.34 -25.80
N ALA C 280 36.31 -27.26 -24.92
CA ALA C 280 36.94 -28.46 -24.32
C ALA C 280 35.89 -29.34 -23.65
N VAL C 281 35.06 -28.81 -22.75
CA VAL C 281 34.12 -29.70 -21.98
C VAL C 281 32.94 -30.07 -22.90
N VAL C 282 32.56 -29.25 -23.85
CA VAL C 282 31.35 -29.56 -24.66
C VAL C 282 31.68 -30.71 -25.63
N GLU C 283 32.80 -30.61 -26.34
CA GLU C 283 33.22 -31.67 -27.31
C GLU C 283 33.56 -32.95 -26.53
N ARG C 284 34.27 -32.87 -25.39
CA ARG C 284 34.64 -34.09 -24.59
C ARG C 284 33.41 -34.87 -24.12
N ALA C 285 32.21 -34.29 -24.08
CA ALA C 285 30.95 -34.96 -23.67
C ALA C 285 30.01 -35.07 -24.86
N GLY C 286 30.50 -34.81 -26.07
CA GLY C 286 29.80 -35.14 -27.32
C GLY C 286 28.78 -34.11 -27.76
N GLY C 287 28.89 -32.87 -27.26
CA GLY C 287 28.05 -31.75 -27.73
C GLY C 287 28.82 -30.86 -28.67
N ARG C 288 28.14 -29.87 -29.23
CA ARG C 288 28.76 -28.84 -30.11
C ARG C 288 28.48 -27.41 -29.59
N VAL C 289 29.43 -26.50 -29.86
CA VAL C 289 29.36 -25.06 -29.52
C VAL C 289 29.10 -24.27 -30.80
N VAL C 290 28.05 -23.45 -30.80
CA VAL C 290 27.77 -22.34 -31.76
C VAL C 290 27.96 -20.99 -31.06
N ARG C 291 28.58 -20.02 -31.73
CA ARG C 291 28.79 -18.66 -31.19
C ARG C 291 27.81 -17.67 -31.84
N ILE C 292 27.37 -16.69 -31.07
CA ILE C 292 26.54 -15.55 -31.54
C ILE C 292 27.14 -14.28 -30.96
N PRO C 293 26.71 -13.10 -31.44
CA PRO C 293 27.11 -11.85 -30.79
C PRO C 293 26.55 -11.71 -29.36
N LEU C 294 27.29 -11.02 -28.51
CA LEU C 294 26.89 -10.47 -27.18
C LEU C 294 25.44 -9.94 -27.20
N GLY C 295 24.72 -10.12 -26.07
CA GLY C 295 23.44 -9.44 -25.73
C GLY C 295 22.20 -10.25 -26.05
N GLN C 296 22.31 -11.30 -26.87
CA GLN C 296 21.12 -12.02 -27.38
C GLN C 296 21.14 -13.48 -26.92
N PRO C 297 21.62 -13.86 -25.71
CA PRO C 297 21.92 -15.28 -25.43
C PRO C 297 20.68 -16.16 -25.60
N HIS C 298 19.48 -15.59 -25.36
CA HIS C 298 18.15 -16.22 -25.58
C HIS C 298 17.97 -16.60 -27.07
N ASP C 299 18.53 -15.83 -28.04
CA ASP C 299 18.35 -16.03 -29.51
C ASP C 299 18.92 -17.39 -29.93
N GLY C 300 19.91 -17.89 -29.20
CA GLY C 300 20.49 -19.23 -29.39
C GLY C 300 19.43 -20.30 -29.29
N ILE C 301 18.52 -20.22 -28.31
CA ILE C 301 17.52 -21.28 -28.00
C ILE C 301 16.70 -21.59 -29.27
N LYS C 302 15.89 -20.64 -29.78
CA LYS C 302 15.02 -20.90 -30.96
C LYS C 302 15.89 -21.18 -32.19
N ARG C 303 16.76 -20.23 -32.55
CA ARG C 303 17.72 -20.33 -33.68
C ARG C 303 18.42 -21.70 -33.74
N TYR C 304 19.16 -22.12 -32.70
CA TYR C 304 20.08 -23.30 -32.80
C TYR C 304 19.63 -24.47 -31.91
N LYS C 305 18.39 -24.45 -31.41
CA LYS C 305 17.77 -25.50 -30.55
C LYS C 305 18.65 -25.81 -29.31
N ALA C 306 19.23 -24.78 -28.69
CA ALA C 306 20.27 -24.90 -27.63
C ALA C 306 19.68 -25.35 -26.27
N ILE C 307 20.44 -26.17 -25.54
CA ILE C 307 20.05 -26.73 -24.21
C ILE C 307 20.58 -25.79 -23.09
N PHE C 308 21.60 -25.01 -23.39
CA PHE C 308 22.22 -24.03 -22.49
C PHE C 308 22.79 -22.91 -23.38
N ALA C 309 22.74 -21.67 -22.90
CA ALA C 309 23.24 -20.47 -23.59
C ALA C 309 23.80 -19.55 -22.52
N ALA C 310 24.88 -18.84 -22.84
CA ALA C 310 25.61 -18.03 -21.86
C ALA C 310 26.45 -17.00 -22.57
N GLU C 311 26.77 -15.93 -21.87
CA GLU C 311 27.86 -14.99 -22.19
C GLU C 311 28.45 -14.66 -20.81
N PRO C 312 29.65 -14.09 -20.74
CA PRO C 312 30.30 -13.95 -19.46
C PRO C 312 29.33 -13.19 -18.52
N TRP C 313 29.23 -13.69 -17.29
CA TRP C 313 28.32 -13.27 -16.18
C TRP C 313 26.85 -13.61 -16.42
N LYS C 314 26.42 -14.03 -17.61
CA LYS C 314 24.97 -14.16 -17.91
C LYS C 314 24.54 -15.51 -18.53
N LEU C 315 23.97 -16.40 -17.71
CA LEU C 315 23.64 -17.81 -18.05
C LEU C 315 22.15 -17.94 -18.29
N VAL C 316 21.76 -18.71 -19.30
CA VAL C 316 20.34 -19.03 -19.58
C VAL C 316 20.13 -20.52 -19.33
N HIS C 317 19.01 -20.85 -18.69
CA HIS C 317 18.54 -22.19 -18.28
C HIS C 317 17.22 -22.39 -18.98
N PRO C 318 17.27 -22.74 -20.29
CA PRO C 318 16.11 -22.73 -21.15
C PRO C 318 14.96 -23.51 -20.52
N LYS C 319 15.25 -24.57 -19.77
CA LYS C 319 14.16 -25.42 -19.22
C LYS C 319 13.31 -24.60 -18.20
N PHE C 320 13.87 -23.54 -17.61
CA PHE C 320 13.13 -22.66 -16.68
C PHE C 320 12.57 -21.45 -17.44
N GLY C 321 13.39 -20.82 -18.27
CA GLY C 321 12.86 -19.71 -19.06
C GLY C 321 13.88 -19.16 -20.02
N PRO C 322 13.42 -18.46 -21.06
CA PRO C 322 14.34 -17.91 -22.06
C PRO C 322 14.90 -16.55 -21.66
N TRP C 323 15.31 -16.41 -20.41
CA TRP C 323 15.94 -15.16 -19.91
C TRP C 323 17.17 -15.57 -19.13
N ILE C 324 18.08 -14.64 -19.00
CA ILE C 324 19.24 -14.74 -18.09
C ILE C 324 18.68 -14.87 -16.65
N ASP C 325 19.09 -15.91 -15.94
CA ASP C 325 18.52 -16.25 -14.62
C ASP C 325 19.65 -16.67 -13.69
N PRO C 326 20.30 -15.69 -13.05
CA PRO C 326 21.33 -15.99 -12.06
C PRO C 326 20.78 -16.59 -10.75
N PHE C 327 19.46 -16.56 -10.52
CA PHE C 327 18.86 -17.15 -9.31
C PHE C 327 18.86 -18.68 -9.47
N VAL C 328 18.40 -19.15 -10.64
CA VAL C 328 18.58 -20.57 -11.06
C VAL C 328 20.07 -20.93 -10.99
N THR C 329 20.98 -20.05 -11.43
CA THR C 329 22.44 -20.36 -11.47
C THR C 329 22.96 -20.61 -10.05
N MET C 330 22.69 -19.71 -9.13
CA MET C 330 23.33 -19.78 -7.80
C MET C 330 22.75 -21.00 -7.09
N GLY C 331 21.47 -21.23 -7.25
CA GLY C 331 20.81 -22.45 -6.75
C GLY C 331 21.45 -23.72 -7.30
N LEU C 332 21.70 -23.80 -8.62
CA LEU C 332 22.31 -25.02 -9.21
C LEU C 332 23.78 -25.12 -8.79
N LEU C 333 24.54 -24.03 -8.63
CA LEU C 333 25.94 -24.12 -8.14
C LEU C 333 25.94 -24.77 -6.75
N ILE C 334 25.04 -24.35 -5.88
CA ILE C 334 25.01 -24.95 -4.52
C ILE C 334 24.78 -26.46 -4.69
N LYS C 335 23.81 -26.86 -5.51
CA LYS C 335 23.47 -28.28 -5.78
C LYS C 335 24.69 -29.01 -6.38
N LEU C 336 25.36 -28.41 -7.34
CA LEU C 336 26.63 -28.94 -7.90
C LEU C 336 27.57 -29.27 -6.75
N ILE C 337 27.86 -28.31 -5.87
CA ILE C 337 28.90 -28.37 -4.80
C ILE C 337 28.55 -29.45 -3.75
N ASP C 338 27.28 -29.55 -3.38
CA ASP C 338 26.80 -30.52 -2.35
C ASP C 338 26.83 -31.96 -2.88
N GLU C 339 26.75 -32.11 -4.20
CA GLU C 339 26.63 -33.43 -4.89
C GLU C 339 27.98 -33.89 -5.47
N ASN C 340 28.96 -33.00 -5.66
CA ASN C 340 30.23 -33.37 -6.35
C ASN C 340 31.46 -33.05 -5.50
N GLY C 341 31.35 -32.09 -4.57
CA GLY C 341 32.48 -31.69 -3.72
C GLY C 341 32.76 -30.20 -3.77
N PRO C 342 33.74 -29.72 -2.97
CA PRO C 342 34.02 -28.28 -2.88
C PRO C 342 34.18 -27.64 -4.25
N LEU C 343 33.93 -26.34 -4.33
CA LEU C 343 33.90 -25.62 -5.62
C LEU C 343 35.31 -25.66 -6.20
N SER C 344 36.35 -25.40 -5.39
CA SER C 344 37.75 -25.29 -5.89
C SER C 344 38.16 -26.56 -6.60
N GLU C 345 37.68 -27.72 -6.14
CA GLU C 345 37.98 -29.05 -6.74
C GLU C 345 37.27 -29.13 -8.08
N LEU C 346 36.01 -28.69 -8.16
CA LEU C 346 35.19 -28.77 -9.42
C LEU C 346 35.85 -27.92 -10.51
N VAL C 347 36.41 -26.75 -10.19
CA VAL C 347 37.03 -25.89 -11.23
C VAL C 347 38.37 -26.48 -11.70
N LYS C 348 38.98 -27.40 -10.92
CA LYS C 348 40.24 -28.10 -11.34
C LYS C 348 39.94 -29.01 -12.52
N GLU C 349 38.76 -29.65 -12.57
CA GLU C 349 38.29 -30.52 -13.68
C GLU C 349 37.96 -29.69 -14.93
N ILE C 350 38.28 -28.37 -14.95
CA ILE C 350 38.05 -27.51 -16.15
C ILE C 350 39.43 -27.23 -16.69
N PRO C 351 39.68 -27.47 -18.00
CA PRO C 351 40.99 -27.18 -18.60
C PRO C 351 41.32 -25.69 -18.52
N THR C 352 42.60 -25.43 -18.36
CA THR C 352 43.16 -24.07 -18.20
C THR C 352 43.40 -23.48 -19.57
N TYR C 353 42.87 -22.30 -19.82
CA TYR C 353 43.36 -21.42 -20.89
C TYR C 353 43.79 -20.13 -20.22
N TYR C 354 44.55 -19.33 -20.95
CA TYR C 354 45.13 -18.05 -20.49
C TYR C 354 44.65 -16.97 -21.46
N LEU C 355 43.85 -16.01 -20.99
CA LEU C 355 43.30 -14.90 -21.82
C LEU C 355 44.05 -13.62 -21.48
N LYS C 356 44.05 -12.67 -22.41
CA LYS C 356 44.67 -11.34 -22.27
C LYS C 356 43.90 -10.38 -23.17
N LYS C 357 43.32 -9.34 -22.56
CA LYS C 357 42.45 -8.37 -23.26
C LYS C 357 42.98 -6.96 -22.99
N ALA C 358 42.75 -6.08 -23.96
CA ALA C 358 42.89 -4.62 -23.83
C ALA C 358 42.08 -3.99 -24.97
N ASN C 359 41.85 -2.68 -24.91
CA ASN C 359 41.15 -1.89 -25.95
C ASN C 359 42.21 -1.10 -26.70
N VAL C 360 41.90 -0.63 -27.91
CA VAL C 360 42.78 0.36 -28.61
C VAL C 360 41.88 1.46 -29.16
N LEU C 361 42.19 2.71 -28.82
CA LEU C 361 41.40 3.90 -29.21
C LEU C 361 41.40 3.99 -30.73
N CYS C 362 40.22 4.16 -31.33
CA CYS C 362 40.01 4.40 -32.78
C CYS C 362 38.81 5.34 -32.99
N PRO C 363 38.96 6.43 -33.76
CA PRO C 363 37.80 7.23 -34.18
C PRO C 363 36.67 6.40 -34.81
N ASP C 364 35.41 6.62 -34.37
CA ASP C 364 34.19 5.91 -34.81
C ASP C 364 34.11 5.85 -36.35
N GLU C 365 34.57 6.91 -37.03
CA GLU C 365 34.47 7.08 -38.52
C GLU C 365 35.31 6.02 -39.26
N TYR C 366 36.33 5.43 -38.61
CA TYR C 366 37.25 4.42 -39.19
C TYR C 366 36.93 3.01 -38.66
N LYS C 367 37.14 2.75 -37.37
CA LYS C 367 36.75 1.52 -36.62
C LYS C 367 36.57 0.33 -37.58
N ALA C 368 35.43 0.27 -38.30
CA ALA C 368 35.05 -0.85 -39.21
C ALA C 368 36.22 -1.19 -40.16
N GLU C 369 36.79 -0.19 -40.84
CA GLU C 369 37.91 -0.28 -41.81
C GLU C 369 39.14 -0.89 -41.13
N VAL C 370 39.51 -0.39 -39.94
CA VAL C 370 40.75 -0.78 -39.19
C VAL C 370 40.64 -2.26 -38.79
N VAL C 371 39.45 -2.71 -38.37
CA VAL C 371 39.21 -4.12 -37.94
C VAL C 371 39.28 -5.02 -39.17
N ARG C 372 38.59 -4.69 -40.27
CA ARG C 372 38.53 -5.51 -41.51
C ARG C 372 39.96 -5.77 -42.02
N ARG C 373 40.79 -4.74 -42.07
CA ARG C 373 42.17 -4.79 -42.64
C ARG C 373 43.09 -5.58 -41.70
N ALA C 374 43.03 -5.29 -40.39
CA ALA C 374 43.79 -5.95 -39.30
C ALA C 374 43.53 -7.47 -39.25
N ALA C 375 42.29 -7.88 -39.54
CA ALA C 375 41.81 -9.28 -39.44
C ALA C 375 42.32 -10.06 -40.65
N GLU C 376 42.26 -9.45 -41.84
CA GLU C 376 42.86 -9.99 -43.07
C GLU C 376 44.36 -10.17 -42.84
N GLU C 377 45.00 -9.26 -42.10
CA GLU C 377 46.47 -9.28 -41.90
C GLU C 377 46.88 -10.33 -40.87
N VAL C 378 46.04 -10.63 -39.87
CA VAL C 378 46.39 -11.56 -38.75
C VAL C 378 46.12 -12.99 -39.23
N GLU C 379 45.05 -13.18 -40.01
CA GLU C 379 44.68 -14.42 -40.73
C GLU C 379 45.92 -14.87 -41.53
N ARG C 380 46.33 -14.05 -42.51
CA ARG C 380 47.51 -14.31 -43.38
C ARG C 380 48.71 -14.70 -42.51
N LYS C 381 49.02 -13.94 -41.46
CA LYS C 381 50.18 -14.24 -40.60
C LYS C 381 49.98 -15.59 -39.88
N LEU C 382 48.73 -16.07 -39.73
CA LEU C 382 48.42 -17.27 -38.94
C LEU C 382 47.85 -18.36 -39.86
N SER C 383 48.11 -18.25 -41.19
CA SER C 383 47.38 -19.00 -42.23
C SER C 383 47.63 -20.50 -42.06
N SER C 384 48.83 -20.89 -41.64
CA SER C 384 49.18 -22.30 -41.42
C SER C 384 48.36 -22.90 -40.27
N GLU C 385 47.52 -22.13 -39.57
CA GLU C 385 46.99 -22.52 -38.24
C GLU C 385 45.46 -22.39 -38.15
N ILE C 386 44.81 -21.84 -39.17
CA ILE C 386 43.40 -21.39 -39.05
C ILE C 386 42.45 -22.57 -39.00
N LYS C 387 41.71 -22.68 -37.89
CA LYS C 387 40.57 -23.62 -37.74
C LYS C 387 39.34 -22.98 -38.38
N GLU C 388 39.11 -21.70 -38.10
CA GLU C 388 37.81 -21.01 -38.37
C GLU C 388 37.92 -19.49 -38.14
N VAL C 389 37.19 -18.73 -38.94
CA VAL C 389 37.08 -17.26 -38.81
C VAL C 389 35.61 -16.89 -38.83
N LEU C 390 35.03 -16.54 -37.67
CA LEU C 390 33.61 -16.07 -37.61
C LEU C 390 33.61 -14.56 -37.90
N THR C 391 32.62 -14.09 -38.64
CA THR C 391 32.48 -12.67 -39.04
C THR C 391 31.20 -12.06 -38.44
N ILE C 392 30.33 -12.85 -37.78
CA ILE C 392 28.96 -12.41 -37.33
C ILE C 392 29.04 -11.18 -36.42
N SER C 393 30.16 -10.96 -35.73
CA SER C 393 30.39 -9.75 -34.94
C SER C 393 31.89 -9.55 -34.83
N GLY C 394 32.42 -8.56 -35.52
CA GLY C 394 33.86 -8.39 -35.71
C GLY C 394 34.45 -9.65 -36.34
N PHE C 395 35.67 -9.99 -35.93
CA PHE C 395 36.45 -11.11 -36.51
C PHE C 395 36.96 -11.95 -35.34
N ARG C 396 36.49 -13.19 -35.23
CA ARG C 396 36.99 -14.21 -34.26
C ARG C 396 37.76 -15.29 -35.06
N ILE C 397 39.05 -15.41 -34.79
CA ILE C 397 40.02 -16.27 -35.53
C ILE C 397 40.43 -17.40 -34.61
N ALA C 398 39.81 -18.56 -34.80
CA ALA C 398 40.13 -19.81 -34.08
C ALA C 398 41.28 -20.53 -34.82
N LEU C 399 42.27 -21.02 -34.07
CA LEU C 399 43.44 -21.81 -34.53
C LEU C 399 43.30 -23.29 -34.12
N ASN C 400 44.11 -24.14 -34.76
CA ASN C 400 43.99 -25.61 -34.68
C ASN C 400 44.22 -26.03 -33.23
N ASP C 401 45.07 -25.31 -32.49
CA ASP C 401 45.57 -25.74 -31.14
C ASP C 401 44.61 -25.31 -30.00
N GLY C 402 43.51 -24.62 -30.33
CA GLY C 402 42.44 -24.16 -29.40
C GLY C 402 42.56 -22.67 -29.06
N SER C 403 43.66 -22.02 -29.44
CA SER C 403 43.85 -20.56 -29.37
C SER C 403 42.87 -19.81 -30.26
N TRP C 404 42.74 -18.52 -29.94
CA TRP C 404 41.86 -17.63 -30.73
C TRP C 404 42.09 -16.15 -30.39
N ILE C 405 41.69 -15.32 -31.34
CA ILE C 405 41.85 -13.85 -31.37
C ILE C 405 40.45 -13.28 -31.62
N LEU C 406 40.01 -12.33 -30.80
CA LEU C 406 38.84 -11.51 -31.18
C LEU C 406 39.33 -10.08 -31.47
N ILE C 407 39.00 -9.55 -32.64
CA ILE C 407 39.18 -8.10 -32.96
C ILE C 407 37.81 -7.57 -33.40
N ARG C 408 37.25 -6.63 -32.62
CA ARG C 408 35.83 -6.22 -32.62
C ARG C 408 35.71 -4.75 -32.22
N PRO C 409 34.97 -3.93 -33.01
CA PRO C 409 34.63 -2.56 -32.61
C PRO C 409 33.34 -2.55 -31.76
N SER C 410 33.38 -2.09 -30.49
CA SER C 410 32.13 -1.92 -29.69
C SER C 410 31.23 -0.95 -30.47
N GLY C 411 29.93 -1.20 -30.51
CA GLY C 411 28.94 -0.42 -31.29
C GLY C 411 28.50 0.85 -30.56
N THR C 412 29.33 1.36 -29.65
CA THR C 412 29.01 2.45 -28.69
C THR C 412 30.29 2.86 -27.93
N GLU C 413 31.24 3.50 -28.61
CA GLU C 413 32.54 4.00 -28.05
C GLU C 413 33.61 4.05 -29.14
N PRO C 414 34.60 4.96 -29.01
CA PRO C 414 35.62 5.13 -30.05
C PRO C 414 36.84 4.23 -29.82
N LYS C 415 36.63 2.90 -29.76
CA LYS C 415 37.71 1.92 -29.47
C LYS C 415 37.43 0.56 -30.14
N ILE C 416 38.48 -0.27 -30.25
CA ILE C 416 38.46 -1.65 -30.81
C ILE C 416 38.84 -2.64 -29.71
N ARG C 417 37.97 -3.62 -29.41
CA ARG C 417 38.25 -4.64 -28.36
C ARG C 417 39.13 -5.74 -28.96
N VAL C 418 40.15 -6.14 -28.20
CA VAL C 418 41.21 -7.07 -28.65
C VAL C 418 41.40 -8.13 -27.56
N VAL C 419 40.96 -9.35 -27.85
CA VAL C 419 41.14 -10.54 -26.96
C VAL C 419 42.09 -11.54 -27.63
N ALA C 420 42.87 -12.27 -26.84
CA ALA C 420 43.57 -13.48 -27.29
C ALA C 420 43.66 -14.47 -26.12
N GLU C 421 43.32 -15.73 -26.38
CA GLU C 421 43.44 -16.85 -25.42
C GLU C 421 44.16 -17.99 -26.14
N ALA C 422 44.92 -18.80 -25.40
CA ALA C 422 45.83 -19.87 -25.87
C ALA C 422 45.98 -20.90 -24.77
N PRO C 423 46.26 -22.19 -25.07
CA PRO C 423 46.56 -23.15 -24.03
C PRO C 423 47.76 -22.76 -23.15
N THR C 424 48.59 -21.82 -23.57
CA THR C 424 49.85 -21.54 -22.86
C THR C 424 50.00 -20.02 -22.72
N GLU C 425 50.82 -19.62 -21.75
CA GLU C 425 51.14 -18.23 -21.36
C GLU C 425 51.90 -17.56 -22.51
N LYS C 426 52.93 -18.24 -23.04
CA LYS C 426 53.77 -17.74 -24.15
C LYS C 426 52.87 -17.47 -25.37
N ARG C 427 51.98 -18.40 -25.67
CA ARG C 427 51.13 -18.34 -26.88
C ARG C 427 50.12 -17.20 -26.72
N ARG C 428 49.51 -17.11 -25.53
CA ARG C 428 48.69 -15.97 -25.08
C ARG C 428 49.42 -14.69 -25.45
N ASP C 429 50.56 -14.46 -24.79
CA ASP C 429 51.38 -13.23 -24.94
C ASP C 429 51.66 -13.04 -26.45
N GLU C 430 52.27 -14.02 -27.13
CA GLU C 430 52.69 -13.93 -28.56
C GLU C 430 51.49 -13.55 -29.47
N LEU C 431 50.35 -14.23 -29.33
CA LEU C 431 49.14 -13.95 -30.15
C LEU C 431 48.55 -12.57 -29.81
N PHE C 432 48.51 -12.20 -28.52
CA PHE C 432 47.96 -10.89 -28.08
C PHE C 432 48.91 -9.78 -28.55
N GLU C 433 50.22 -10.02 -28.53
CA GLU C 433 51.25 -9.03 -28.98
C GLU C 433 50.96 -8.75 -30.45
N MET C 434 50.77 -9.80 -31.25
CA MET C 434 50.59 -9.68 -32.72
C MET C 434 49.32 -8.86 -33.04
N ALA C 435 48.19 -9.21 -32.41
CA ALA C 435 46.86 -8.63 -32.71
C ALA C 435 46.77 -7.20 -32.17
N TYR C 436 47.21 -6.98 -30.92
CA TYR C 436 47.15 -5.65 -30.26
C TYR C 436 47.98 -4.65 -31.08
N SER C 437 49.25 -4.99 -31.35
CA SER C 437 50.23 -4.13 -32.07
C SER C 437 49.78 -3.93 -33.53
N THR C 438 49.25 -4.97 -34.18
CA THR C 438 48.77 -4.90 -35.59
C THR C 438 47.67 -3.83 -35.69
N VAL C 439 46.74 -3.81 -34.73
CA VAL C 439 45.53 -2.94 -34.70
C VAL C 439 46.00 -1.51 -34.39
N SER C 440 46.78 -1.38 -33.30
CA SER C 440 47.48 -0.16 -32.82
C SER C 440 48.19 0.55 -33.98
N ARG C 441 48.94 -0.18 -34.83
CA ARG C 441 49.62 0.40 -36.02
C ARG C 441 48.55 0.96 -36.98
N ILE C 442 47.60 0.13 -37.42
CA ILE C 442 46.66 0.45 -38.55
C ILE C 442 45.76 1.64 -38.18
N VAL C 443 45.50 1.84 -36.89
CA VAL C 443 44.72 3.00 -36.37
C VAL C 443 45.37 4.30 -36.84
N LYS C 444 46.67 4.44 -36.60
CA LYS C 444 47.44 5.71 -36.65
C LYS C 444 47.76 6.10 -38.09
N GLU C 445 47.69 5.17 -39.05
CA GLU C 445 47.84 5.45 -40.50
C GLU C 445 46.64 6.26 -41.00
N ALA C 446 45.42 5.83 -40.66
CA ALA C 446 44.16 6.53 -40.99
C ALA C 446 44.05 7.85 -40.21
N GLU C 447 45.01 8.14 -39.31
CA GLU C 447 45.20 9.46 -38.64
C GLU C 447 46.37 10.21 -39.31
N LEU D 2 5.09 -10.35 34.17
CA LEU D 2 5.26 -10.16 32.64
C LEU D 2 6.50 -9.30 32.28
N PHE D 3 6.55 -8.02 32.66
CA PHE D 3 7.72 -7.13 32.36
C PHE D 3 8.95 -7.63 33.14
N GLY D 4 10.05 -7.89 32.43
CA GLY D 4 11.42 -7.89 32.96
C GLY D 4 11.93 -6.47 33.02
N THR D 5 13.26 -6.29 32.86
CA THR D 5 13.94 -4.97 32.97
C THR D 5 13.71 -4.17 31.67
N ALA D 6 13.61 -4.84 30.52
CA ALA D 6 13.63 -4.22 29.18
C ALA D 6 12.31 -4.50 28.42
N GLY D 7 11.17 -4.67 29.13
CA GLY D 7 9.86 -5.00 28.56
C GLY D 7 9.47 -6.47 28.77
N ILE D 8 8.43 -6.90 28.07
CA ILE D 8 7.94 -8.30 28.06
C ILE D 8 8.68 -9.06 26.95
N ARG D 9 9.34 -10.14 27.33
CA ARG D 9 10.28 -10.91 26.47
C ARG D 9 10.07 -12.38 26.78
N GLY D 10 10.06 -13.25 25.77
CA GLY D 10 10.22 -14.68 26.01
C GLY D 10 10.15 -15.48 24.73
N THR D 11 10.18 -16.80 24.89
CA THR D 11 10.09 -17.80 23.82
C THR D 11 8.64 -17.86 23.36
N LEU D 12 8.47 -18.03 22.06
CA LEU D 12 7.15 -18.12 21.43
C LEU D 12 6.46 -19.36 22.00
N TRP D 13 5.17 -19.23 22.33
CA TRP D 13 4.19 -20.27 22.72
C TRP D 13 4.23 -20.52 24.24
N GLU D 14 5.42 -20.55 24.85
CA GLU D 14 5.64 -20.69 26.32
C GLU D 14 5.14 -19.42 27.01
N LYS D 15 5.85 -18.29 26.87
CA LYS D 15 5.43 -17.00 27.48
C LYS D 15 4.73 -16.11 26.46
N VAL D 16 5.24 -15.98 25.23
CA VAL D 16 4.74 -14.93 24.31
C VAL D 16 3.83 -15.57 23.24
N THR D 17 2.60 -15.08 23.22
CA THR D 17 1.49 -15.66 22.47
C THR D 17 0.72 -14.52 21.84
N PRO D 18 -0.03 -14.82 20.77
CA PRO D 18 -1.04 -13.90 20.24
C PRO D 18 -2.00 -13.42 21.33
N GLU D 19 -2.45 -14.36 22.16
CA GLU D 19 -3.45 -14.10 23.25
C GLU D 19 -2.88 -12.99 24.14
N LEU D 20 -1.66 -13.18 24.66
CA LEU D 20 -0.98 -12.16 25.50
C LEU D 20 -0.85 -10.85 24.76
N ALA D 21 -0.38 -10.86 23.52
CA ALA D 21 -0.16 -9.58 22.77
C ALA D 21 -1.48 -8.82 22.66
N MET D 22 -2.59 -9.54 22.44
CA MET D 22 -3.95 -8.93 22.42
CA MET D 22 -3.96 -8.94 22.42
C MET D 22 -4.28 -8.41 23.83
N LYS D 23 -3.85 -9.13 24.86
CA LYS D 23 -4.14 -8.69 26.25
C LYS D 23 -3.36 -7.40 26.51
N VAL D 24 -2.15 -7.29 25.97
CA VAL D 24 -1.31 -6.11 26.28
C VAL D 24 -1.95 -4.89 25.60
N GLY D 25 -2.39 -5.02 24.34
CA GLY D 25 -3.08 -3.92 23.64
C GLY D 25 -4.32 -3.50 24.44
N MET D 26 -5.09 -4.48 24.86
CA MET D 26 -6.34 -4.21 25.61
CA MET D 26 -6.34 -4.22 25.61
C MET D 26 -5.97 -3.45 26.88
N ALA D 27 -4.89 -3.85 27.55
CA ALA D 27 -4.44 -3.16 28.79
C ALA D 27 -3.84 -1.77 28.46
N VAL D 28 -3.16 -1.60 27.33
CA VAL D 28 -2.55 -0.29 27.02
C VAL D 28 -3.69 0.72 26.78
N GLY D 29 -4.82 0.26 26.25
CA GLY D 29 -5.96 1.13 25.89
C GLY D 29 -6.97 1.33 27.02
N THR D 30 -6.72 0.71 28.17
CA THR D 30 -7.45 0.88 29.45
C THR D 30 -6.65 1.86 30.31
N TYR D 31 -5.32 1.69 30.38
CA TYR D 31 -4.37 2.53 31.12
C TYR D 31 -4.17 3.89 30.42
N LYS D 32 -4.04 3.88 29.10
CA LYS D 32 -3.74 5.10 28.31
C LYS D 32 -4.85 5.32 27.31
N SER D 33 -4.90 6.50 26.73
CA SER D 33 -5.95 6.77 25.70
C SER D 33 -5.45 7.73 24.63
N GLY D 34 -6.28 7.98 23.61
CA GLY D 34 -5.93 8.79 22.43
C GLY D 34 -5.31 7.92 21.37
N LYS D 35 -4.01 8.08 21.10
CA LYS D 35 -3.37 7.46 19.90
C LYS D 35 -2.20 6.58 20.30
N ALA D 36 -2.12 5.39 19.70
CA ALA D 36 -1.04 4.40 19.91
C ALA D 36 -0.20 4.26 18.62
N LEU D 37 1.11 4.48 18.69
CA LEU D 37 1.99 4.22 17.52
C LEU D 37 2.51 2.78 17.64
N VAL D 38 2.27 1.97 16.62
CA VAL D 38 2.69 0.54 16.67
C VAL D 38 3.79 0.29 15.63
N GLY D 39 4.80 -0.42 16.09
CA GLY D 39 5.91 -0.87 15.25
C GLY D 39 6.33 -2.27 15.62
N ARG D 40 7.22 -2.85 14.82
CA ARG D 40 7.67 -4.25 14.98
C ARG D 40 9.07 -4.43 14.39
N ASP D 41 9.75 -5.50 14.79
CA ASP D 41 11.07 -5.84 14.23
C ASP D 41 10.78 -6.92 13.17
N GLY D 42 11.82 -7.60 12.73
CA GLY D 42 11.78 -8.45 11.53
C GLY D 42 11.53 -9.90 11.86
N ARG D 43 11.28 -10.25 13.11
CA ARG D 43 11.17 -11.67 13.54
C ARG D 43 10.00 -12.30 12.79
N THR D 44 10.04 -13.62 12.68
CA THR D 44 9.00 -14.38 11.91
C THR D 44 7.62 -14.22 12.58
N SER D 45 7.59 -13.98 13.89
CA SER D 45 6.35 -13.98 14.69
C SER D 45 5.82 -12.56 14.82
N SER D 46 6.55 -11.54 14.36
CA SER D 46 6.25 -10.12 14.68
C SER D 46 4.95 -9.65 14.01
N VAL D 47 4.69 -9.97 12.74
CA VAL D 47 3.42 -9.53 12.13
C VAL D 47 2.22 -10.18 12.86
N MET D 48 2.37 -11.47 13.22
CA MET D 48 1.34 -12.24 13.97
C MET D 48 1.03 -11.47 15.27
N LEU D 49 2.05 -11.04 16.02
CA LEU D 49 1.86 -10.42 17.35
C LEU D 49 1.38 -8.97 17.17
N LYS D 50 1.77 -8.29 16.09
CA LYS D 50 1.37 -6.90 15.79
C LYS D 50 -0.13 -6.95 15.49
N ASN D 51 -0.59 -7.88 14.65
CA ASN D 51 -2.04 -8.01 14.32
C ASN D 51 -2.82 -8.26 15.63
N ALA D 52 -2.34 -9.07 16.57
CA ALA D 52 -3.03 -9.30 17.87
C ALA D 52 -3.08 -7.98 18.66
N MET D 53 -1.95 -7.30 18.69
CA MET D 53 -1.74 -6.09 19.50
C MET D 53 -2.74 -5.05 19.02
N ILE D 54 -2.82 -4.90 17.71
CA ILE D 54 -3.67 -3.90 17.05
C ILE D 54 -5.14 -4.24 17.33
N SER D 55 -5.50 -5.52 17.27
CA SER D 55 -6.86 -5.99 17.58
C SER D 55 -7.25 -5.53 18.99
N GLY D 56 -6.32 -5.68 19.93
CA GLY D 56 -6.41 -5.28 21.36
C GLY D 56 -6.57 -3.79 21.54
N LEU D 57 -5.67 -3.02 20.92
CA LEU D 57 -5.66 -1.54 21.00
C LEU D 57 -6.97 -1.02 20.38
N LEU D 58 -7.28 -1.39 19.14
CA LEU D 58 -8.58 -1.04 18.50
C LEU D 58 -9.78 -1.32 19.42
N SER D 59 -9.77 -2.41 20.19
CA SER D 59 -10.97 -2.83 20.96
C SER D 59 -11.27 -1.82 22.07
N THR D 60 -10.25 -1.07 22.53
CA THR D 60 -10.38 -0.05 23.61
C THR D 60 -10.75 1.35 23.10
N GLY D 61 -10.87 1.58 21.78
CA GLY D 61 -11.19 2.92 21.24
C GLY D 61 -9.96 3.78 20.91
N MET D 62 -8.75 3.35 21.23
CA MET D 62 -7.51 4.04 20.80
C MET D 62 -7.43 4.07 19.27
N GLU D 63 -6.98 5.19 18.72
CA GLU D 63 -6.60 5.34 17.30
C GLU D 63 -5.20 4.73 17.12
N VAL D 64 -5.11 3.66 16.35
CA VAL D 64 -3.82 2.98 16.03
C VAL D 64 -3.16 3.73 14.88
N LEU D 65 -1.90 4.13 15.04
CA LEU D 65 -1.06 4.56 13.90
C LEU D 65 -0.05 3.44 13.62
N ASP D 66 -0.16 2.80 12.42
CA ASP D 66 0.65 1.58 12.12
C ASP D 66 1.90 2.01 11.34
N ALA D 67 3.05 1.93 11.99
CA ALA D 67 4.39 2.25 11.44
C ALA D 67 5.03 0.99 10.86
N ASP D 68 4.51 -0.18 11.24
CA ASP D 68 4.99 -1.53 10.82
C ASP D 68 6.49 -1.70 11.19
N LEU D 69 7.35 -2.12 10.24
CA LEU D 69 8.73 -2.58 10.55
C LEU D 69 9.62 -1.36 10.82
N ILE D 70 10.11 -1.19 12.02
CA ILE D 70 10.83 0.07 12.39
C ILE D 70 11.79 -0.31 13.51
N PRO D 71 12.97 0.33 13.59
CA PRO D 71 13.82 0.14 14.75
C PRO D 71 13.18 0.79 16.01
N THR D 72 13.52 0.31 17.20
CA THR D 72 12.86 0.71 18.48
C THR D 72 13.04 2.21 18.74
N PRO D 73 14.27 2.74 18.56
CA PRO D 73 14.50 4.18 18.69
C PRO D 73 13.57 5.05 17.87
N ALA D 74 13.35 4.68 16.63
CA ALA D 74 12.45 5.41 15.74
C ALA D 74 11.01 5.27 16.26
N LEU D 75 10.67 4.14 16.88
CA LEU D 75 9.32 4.04 17.45
C LEU D 75 9.18 5.00 18.64
N ALA D 76 10.21 5.09 19.49
CA ALA D 76 10.29 6.01 20.65
C ALA D 76 10.20 7.45 20.13
N TRP D 77 11.02 7.79 19.14
CA TRP D 77 10.97 9.16 18.54
C TRP D 77 9.57 9.42 17.97
N GLY D 78 9.02 8.47 17.21
CA GLY D 78 7.76 8.69 16.47
C GLY D 78 6.61 8.80 17.46
N THR D 79 6.69 8.06 18.56
CA THR D 79 5.71 8.13 19.66
C THR D 79 5.66 9.56 20.20
N ARG D 80 6.80 10.14 20.57
CA ARG D 80 6.88 11.54 21.02
C ARG D 80 6.22 12.47 19.99
N LYS D 81 6.47 12.25 18.70
CA LYS D 81 6.00 13.23 17.68
C LYS D 81 4.49 13.07 17.49
N LEU D 82 3.93 11.86 17.58
CA LEU D 82 2.64 11.54 16.91
C LEU D 82 1.55 11.07 17.89
N ALA D 83 1.92 10.46 19.00
CA ALA D 83 1.02 9.52 19.71
C ALA D 83 1.07 9.72 21.24
N ASP D 84 0.14 9.06 21.91
CA ASP D 84 -0.10 9.16 23.37
C ASP D 84 0.57 8.00 24.06
N ALA D 85 0.78 6.93 23.31
CA ALA D 85 1.42 5.66 23.70
C ALA D 85 2.04 5.06 22.44
N GLY D 86 3.05 4.24 22.63
CA GLY D 86 3.81 3.56 21.57
C GLY D 86 3.98 2.10 21.95
N VAL D 87 3.95 1.23 20.96
CA VAL D 87 4.15 -0.23 21.20
C VAL D 87 5.10 -0.76 20.14
N MET D 88 6.10 -1.50 20.60
CA MET D 88 7.15 -2.09 19.77
C MET D 88 7.07 -3.61 19.95
N ILE D 89 6.90 -4.38 18.86
CA ILE D 89 6.95 -5.87 18.88
C ILE D 89 8.41 -6.31 18.67
N THR D 90 9.06 -6.77 19.73
CA THR D 90 10.48 -7.20 19.63
C THR D 90 10.92 -7.96 20.88
N ALA D 91 11.95 -8.79 20.69
CA ALA D 91 12.77 -9.44 21.72
C ALA D 91 14.22 -9.00 21.51
N SER D 92 14.46 -7.92 20.74
CA SER D 92 15.73 -7.13 20.61
C SER D 92 16.92 -8.00 20.16
N HIS D 93 17.55 -8.72 21.08
CA HIS D 93 18.85 -9.41 20.92
C HIS D 93 18.67 -10.92 21.16
N ASN D 94 17.46 -11.35 21.51
CA ASN D 94 17.16 -12.77 21.81
C ASN D 94 17.12 -13.55 20.50
N PRO D 95 17.28 -14.88 20.57
CA PRO D 95 17.19 -15.68 19.34
C PRO D 95 15.79 -15.63 18.70
N PRO D 96 15.68 -16.14 17.43
CA PRO D 96 14.44 -16.03 16.65
C PRO D 96 13.28 -16.93 17.12
N THR D 97 13.55 -17.78 18.11
CA THR D 97 12.54 -18.52 18.90
C THR D 97 11.70 -17.53 19.75
N ASP D 98 12.18 -16.29 19.96
CA ASP D 98 11.67 -15.39 21.03
C ASP D 98 10.98 -14.17 20.39
N ASN D 99 10.03 -13.62 21.10
CA ASN D 99 9.53 -12.27 20.80
C ASN D 99 9.14 -11.60 22.12
N GLY D 100 8.51 -10.43 22.02
CA GLY D 100 8.11 -9.68 23.21
C GLY D 100 7.40 -8.40 22.80
N VAL D 101 7.18 -7.53 23.78
CA VAL D 101 6.51 -6.22 23.62
C VAL D 101 7.24 -5.25 24.52
N LYS D 102 7.67 -4.12 24.00
CA LYS D 102 8.11 -2.92 24.77
C LYS D 102 6.99 -1.88 24.67
N VAL D 103 6.67 -1.20 25.77
CA VAL D 103 5.62 -0.15 25.85
C VAL D 103 6.29 1.20 26.16
N PHE D 104 5.91 2.25 25.42
CA PHE D 104 6.45 3.63 25.57
C PHE D 104 5.29 4.59 25.87
N ASN D 105 5.64 5.70 26.56
CA ASN D 105 4.77 6.83 26.91
C ASN D 105 4.86 7.85 25.78
N GLY D 106 3.92 8.80 25.73
CA GLY D 106 3.81 9.95 24.81
C GLY D 106 5.00 10.90 24.83
N ASP D 107 5.91 10.81 25.78
CA ASP D 107 7.18 11.62 25.73
C ASP D 107 8.37 10.79 25.21
N GLY D 108 8.16 9.51 24.89
CA GLY D 108 9.14 8.63 24.21
C GLY D 108 9.92 7.75 25.17
N THR D 109 9.60 7.83 26.47
CA THR D 109 10.23 7.06 27.56
C THR D 109 9.59 5.68 27.62
N GLU D 110 10.36 4.63 27.85
CA GLU D 110 9.91 3.27 28.20
C GLU D 110 9.05 3.37 29.46
N PHE D 111 8.07 2.48 29.63
CA PHE D 111 7.16 2.37 30.81
C PHE D 111 8.01 2.45 32.09
N TYR D 112 7.55 3.12 33.15
CA TYR D 112 8.20 3.08 34.49
C TYR D 112 7.72 1.82 35.23
N VAL D 113 8.50 1.34 36.21
CA VAL D 113 8.20 0.13 37.04
C VAL D 113 6.74 0.18 37.52
N GLU D 114 6.31 1.36 37.99
CA GLU D 114 4.95 1.68 38.52
C GLU D 114 3.91 1.46 37.41
N GLN D 115 4.20 1.87 36.17
CA GLN D 115 3.28 1.76 35.02
C GLN D 115 3.15 0.30 34.56
N GLU D 116 4.24 -0.47 34.62
CA GLU D 116 4.26 -1.92 34.23
C GLU D 116 3.29 -2.67 35.15
N ARG D 117 3.41 -2.45 36.46
CA ARG D 117 2.55 -3.13 37.48
C ARG D 117 1.08 -2.72 37.23
N GLY D 118 0.83 -1.46 36.88
CA GLY D 118 -0.50 -1.03 36.40
C GLY D 118 -1.01 -2.01 35.36
N LEU D 119 -0.22 -2.24 34.31
CA LEU D 119 -0.68 -2.92 33.08
C LEU D 119 -0.98 -4.37 33.42
N GLU D 120 -0.11 -4.97 34.23
CA GLU D 120 -0.24 -6.36 34.72
C GLU D 120 -1.52 -6.49 35.55
N GLU D 121 -1.78 -5.55 36.47
CA GLU D 121 -3.04 -5.56 37.27
C GLU D 121 -4.21 -5.64 36.30
N ILE D 122 -4.23 -4.80 35.26
CA ILE D 122 -5.35 -4.81 34.26
C ILE D 122 -5.38 -6.17 33.53
N ILE D 123 -4.22 -6.72 33.15
CA ILE D 123 -4.22 -8.03 32.43
C ILE D 123 -4.77 -9.11 33.37
N PHE D 124 -4.21 -9.24 34.59
CA PHE D 124 -4.66 -10.26 35.59
C PHE D 124 -6.19 -10.12 35.87
N SER D 125 -6.73 -8.89 35.90
CA SER D 125 -8.18 -8.66 36.22
C SER D 125 -9.09 -8.95 35.04
N GLY D 126 -8.61 -8.80 33.79
CA GLY D 126 -9.45 -8.78 32.58
C GLY D 126 -10.33 -7.53 32.51
N ASN D 127 -10.09 -6.51 33.32
CA ASN D 127 -11.01 -5.34 33.39
C ASN D 127 -10.63 -4.31 32.32
N PHE D 128 -10.97 -4.60 31.07
CA PHE D 128 -10.51 -3.84 29.89
C PHE D 128 -11.58 -2.84 29.46
N ARG D 129 -11.14 -1.63 29.13
CA ARG D 129 -12.00 -0.63 28.47
C ARG D 129 -12.40 -1.20 27.10
N LYS D 130 -13.70 -1.27 26.87
CA LYS D 130 -14.33 -1.68 25.62
C LYS D 130 -14.97 -0.43 24.99
N ALA D 131 -14.67 -0.18 23.72
CA ALA D 131 -15.26 0.90 22.91
C ALA D 131 -16.70 0.51 22.57
N ARG D 132 -17.63 1.44 22.38
CA ARG D 132 -18.86 1.11 21.61
C ARG D 132 -18.47 0.89 20.14
N TRP D 133 -19.24 0.07 19.44
CA TRP D 133 -19.06 -0.20 17.99
C TRP D 133 -18.72 1.09 17.24
N ASP D 134 -19.36 2.22 17.58
CA ASP D 134 -19.29 3.49 16.79
C ASP D 134 -18.12 4.37 17.26
N GLU D 135 -17.29 3.88 18.19
CA GLU D 135 -16.06 4.58 18.69
C GLU D 135 -14.80 3.84 18.19
N ILE D 136 -14.93 2.78 17.37
CA ILE D 136 -13.74 2.00 16.93
C ILE D 136 -13.06 2.79 15.81
N LYS D 137 -11.83 3.24 15.99
CA LYS D 137 -11.19 4.17 15.01
C LYS D 137 -10.48 3.36 13.91
N PRO D 138 -10.56 3.84 12.65
CA PRO D 138 -9.79 3.23 11.56
C PRO D 138 -8.28 3.33 11.78
N VAL D 139 -7.54 2.29 11.38
CA VAL D 139 -6.05 2.26 11.41
C VAL D 139 -5.57 3.32 10.39
N ARG D 140 -4.49 4.01 10.72
CA ARG D 140 -3.74 4.98 9.87
C ARG D 140 -2.31 4.47 9.74
N ASN D 141 -1.91 4.18 8.50
CA ASN D 141 -0.52 3.77 8.15
C ASN D 141 0.32 5.05 8.20
N VAL D 142 1.49 5.03 8.84
CA VAL D 142 2.38 6.24 8.90
C VAL D 142 3.76 5.83 8.47
N GLU D 143 4.52 6.76 7.91
CA GLU D 143 5.93 6.51 7.48
C GLU D 143 6.84 7.37 8.37
N VAL D 144 7.54 6.77 9.33
CA VAL D 144 8.37 7.46 10.36
C VAL D 144 9.86 7.56 9.98
N ILE D 145 10.42 6.56 9.28
CA ILE D 145 11.89 6.42 9.10
C ILE D 145 12.51 7.66 8.45
N PRO D 146 11.97 8.21 7.33
CA PRO D 146 12.53 9.43 6.73
C PRO D 146 12.56 10.65 7.67
N ASP D 147 11.49 10.88 8.43
CA ASP D 147 11.44 11.95 9.46
C ASP D 147 12.48 11.67 10.58
N TYR D 148 12.58 10.43 10.99
CA TYR D 148 13.53 10.07 12.05
C TYR D 148 14.96 10.41 11.60
N ILE D 149 15.29 10.03 10.36
CA ILE D 149 16.63 10.16 9.76
C ILE D 149 16.95 11.64 9.68
N ASN D 150 15.99 12.46 9.23
CA ASN D 150 16.13 13.94 9.17
C ASN D 150 16.35 14.48 10.59
N ALA D 151 15.53 14.08 11.57
CA ALA D 151 15.67 14.59 12.96
C ALA D 151 17.07 14.21 13.46
N VAL D 152 17.55 13.01 13.13
CA VAL D 152 18.90 12.61 13.60
C VAL D 152 19.98 13.44 12.88
N LEU D 153 19.80 13.79 11.61
CA LEU D 153 20.82 14.57 10.86
C LEU D 153 20.84 16.02 11.35
N ASP D 154 19.67 16.60 11.62
CA ASP D 154 19.56 17.96 12.20
C ASP D 154 20.24 17.97 13.57
N PHE D 155 20.02 16.97 14.42
CA PHE D 155 20.63 16.91 15.76
C PHE D 155 22.15 16.87 15.63
N VAL D 156 22.66 15.97 14.81
CA VAL D 156 24.11 15.60 14.72
C VAL D 156 24.95 16.73 14.07
N GLY D 157 24.39 17.40 13.07
CA GLY D 157 24.98 18.59 12.43
C GLY D 157 26.37 18.34 11.90
N HIS D 158 26.61 17.18 11.27
CA HIS D 158 27.96 16.80 10.83
C HIS D 158 27.91 16.19 9.42
N GLU D 159 28.88 16.56 8.56
CA GLU D 159 29.20 15.94 7.25
C GLU D 159 30.54 15.23 7.36
N THR D 160 30.72 14.12 6.63
CA THR D 160 31.88 13.21 6.69
C THR D 160 32.26 12.71 5.29
N ASN D 161 33.46 12.14 5.16
CA ASN D 161 33.90 11.29 4.02
C ASN D 161 34.37 9.95 4.57
N LEU D 162 34.24 9.71 5.88
CA LEU D 162 34.64 8.42 6.49
C LEU D 162 33.99 7.23 5.74
N LYS D 163 34.77 6.17 5.56
CA LYS D 163 34.27 4.84 5.13
C LYS D 163 33.84 4.08 6.39
N VAL D 164 32.67 3.42 6.35
CA VAL D 164 32.00 2.77 7.52
C VAL D 164 31.50 1.37 7.16
N LEU D 165 31.84 0.41 8.00
CA LEU D 165 31.26 -0.94 7.98
C LEU D 165 30.07 -0.94 8.92
N TYR D 166 28.89 -1.30 8.40
CA TYR D 166 27.63 -1.38 9.17
C TYR D 166 27.09 -2.80 9.09
N ASP D 167 26.86 -3.42 10.25
CA ASP D 167 26.38 -4.83 10.40
C ASP D 167 25.00 -4.82 11.08
N GLY D 168 23.94 -5.25 10.38
CA GLY D 168 22.55 -4.85 10.70
C GLY D 168 21.84 -5.93 11.45
N ALA D 169 22.58 -7.00 11.74
CA ALA D 169 22.01 -8.24 12.31
C ALA D 169 20.74 -8.59 11.54
N ASN D 170 20.62 -8.24 10.26
CA ASN D 170 19.46 -8.77 9.52
C ASN D 170 18.21 -8.20 10.16
N GLY D 171 18.33 -6.99 10.72
CA GLY D 171 17.27 -6.37 11.54
C GLY D 171 16.91 -4.99 11.11
N ALA D 172 16.05 -4.34 11.89
CA ALA D 172 15.34 -3.08 11.57
C ALA D 172 16.33 -1.93 11.31
N GLY D 173 17.51 -1.97 11.91
CA GLY D 173 18.57 -0.99 11.70
C GLY D 173 19.00 -0.92 10.25
N SER D 174 18.76 -2.00 9.54
CA SER D 174 19.09 -2.09 8.09
C SER D 174 18.26 -1.08 7.30
N LEU D 175 17.11 -0.65 7.80
CA LEU D 175 16.21 0.27 7.05
C LEU D 175 16.53 1.72 7.39
N VAL D 176 17.50 1.97 8.27
CA VAL D 176 17.75 3.34 8.79
C VAL D 176 19.26 3.70 8.80
N ALA D 177 20.11 2.91 9.45
CA ALA D 177 21.54 3.23 9.64
C ALA D 177 22.25 3.44 8.28
N PRO D 178 22.18 2.52 7.29
CA PRO D 178 22.89 2.71 6.02
C PRO D 178 22.54 4.04 5.37
N TYR D 179 21.28 4.46 5.45
CA TYR D 179 20.75 5.67 4.76
C TYR D 179 21.21 6.91 5.52
N LEU D 180 21.11 6.89 6.84
CA LEU D 180 21.63 7.94 7.75
C LEU D 180 23.13 8.12 7.46
N LEU D 181 23.92 7.07 7.51
CA LEU D 181 25.38 7.20 7.28
C LEU D 181 25.62 7.81 5.87
N ARG D 182 24.99 7.28 4.82
CA ARG D 182 25.15 7.79 3.45
C ARG D 182 24.71 9.26 3.40
N GLU D 183 23.61 9.65 4.04
CA GLU D 183 23.18 11.07 4.02
C GLU D 183 24.31 11.94 4.63
N MET D 184 25.03 11.47 5.65
CA MET D 184 26.06 12.28 6.32
C MET D 184 27.28 12.41 5.41
N GLY D 185 27.33 11.57 4.36
CA GLY D 185 28.42 11.52 3.37
C GLY D 185 29.35 10.38 3.65
N ALA D 186 28.97 9.46 4.55
CA ALA D 186 29.77 8.23 4.77
C ALA D 186 29.64 7.31 3.55
N LYS D 187 30.70 6.55 3.29
CA LYS D 187 30.80 5.43 2.32
C LYS D 187 30.53 4.13 3.08
N VAL D 188 29.35 3.59 2.88
CA VAL D 188 28.78 2.47 3.68
C VAL D 188 29.04 1.19 2.91
N LEU D 189 29.66 0.24 3.59
CA LEU D 189 29.67 -1.16 3.18
C LEU D 189 28.90 -1.94 4.25
N SER D 190 27.74 -2.49 3.90
CA SER D 190 26.78 -3.08 4.84
C SER D 190 27.00 -4.60 4.86
N VAL D 191 26.90 -5.20 6.03
CA VAL D 191 26.82 -6.67 6.14
C VAL D 191 25.55 -6.97 6.93
N ASN D 192 24.90 -8.07 6.60
CA ASN D 192 23.63 -8.47 7.25
C ASN D 192 22.67 -7.28 7.24
N ALA D 193 22.58 -6.56 6.11
CA ALA D 193 21.70 -5.36 6.03
C ALA D 193 20.45 -5.64 5.16
N HIS D 194 20.11 -6.90 4.93
CA HIS D 194 18.81 -7.33 4.39
C HIS D 194 18.07 -7.94 5.56
N VAL D 195 16.83 -7.47 5.76
CA VAL D 195 16.00 -7.84 6.93
C VAL D 195 15.56 -9.27 6.78
N ASP D 196 15.82 -10.08 7.82
CA ASP D 196 15.48 -11.52 7.79
C ASP D 196 15.35 -12.08 9.20
N GLY D 197 14.16 -12.54 9.55
CA GLY D 197 13.82 -12.96 10.92
C GLY D 197 14.47 -14.29 11.34
N HIS D 198 15.19 -14.96 10.44
CA HIS D 198 16.00 -16.17 10.74
C HIS D 198 17.39 -15.73 11.19
N PHE D 199 17.73 -14.43 11.10
CA PHE D 199 19.03 -13.88 11.56
C PHE D 199 20.11 -14.77 10.97
N PRO D 200 20.10 -14.94 9.63
CA PRO D 200 21.03 -15.85 8.94
C PRO D 200 22.51 -15.48 9.13
N GLY D 201 22.84 -14.17 9.17
CA GLY D 201 24.22 -13.65 9.29
C GLY D 201 24.96 -14.08 10.55
N ARG D 202 24.31 -14.11 11.70
CA ARG D 202 24.96 -14.18 13.04
C ARG D 202 23.87 -14.02 14.09
N LYS D 203 24.14 -14.48 15.29
CA LYS D 203 23.21 -14.22 16.40
C LYS D 203 23.08 -12.71 16.47
N PRO D 204 21.84 -12.24 16.69
CA PRO D 204 21.59 -10.80 16.67
C PRO D 204 22.29 -9.98 17.77
N GLU D 205 22.55 -10.57 18.95
CA GLU D 205 23.17 -9.79 20.07
C GLU D 205 24.60 -9.44 19.68
N PRO D 206 24.97 -8.14 19.61
CA PRO D 206 26.28 -7.75 19.10
C PRO D 206 27.33 -7.73 20.24
N ARG D 207 27.31 -8.81 21.05
CA ARG D 207 28.44 -9.31 21.88
C ARG D 207 29.65 -9.50 20.97
N TYR D 208 30.86 -9.25 21.48
CA TYR D 208 32.13 -9.40 20.73
C TYR D 208 32.17 -10.78 20.02
N GLU D 209 31.91 -11.86 20.74
CA GLU D 209 32.03 -13.24 20.18
C GLU D 209 31.04 -13.47 19.02
N ASN D 210 30.00 -12.65 18.84
CA ASN D 210 29.01 -12.83 17.76
C ASN D 210 29.42 -12.00 16.54
N ILE D 211 30.36 -11.06 16.68
CA ILE D 211 30.68 -10.03 15.65
C ILE D 211 32.21 -9.94 15.48
N ALA D 212 32.97 -10.91 15.96
CA ALA D 212 34.46 -10.89 15.98
C ALA D 212 35.00 -10.78 14.54
N TYR D 213 34.37 -11.48 13.60
CA TYR D 213 34.75 -11.46 12.14
C TYR D 213 34.90 -10.03 11.60
N LEU D 214 34.22 -9.05 12.19
CA LEU D 214 34.16 -7.66 11.68
C LEU D 214 35.54 -7.01 11.81
N GLY D 215 36.27 -7.33 12.88
CA GLY D 215 37.64 -6.81 13.12
C GLY D 215 38.55 -7.07 11.92
N LYS D 216 38.51 -8.30 11.41
CA LYS D 216 39.25 -8.79 10.21
C LYS D 216 38.72 -8.05 8.95
N LEU D 217 37.41 -7.96 8.78
CA LEU D 217 36.77 -7.21 7.67
C LEU D 217 37.27 -5.77 7.64
N VAL D 218 37.47 -5.13 8.79
CA VAL D 218 37.84 -3.68 8.83
C VAL D 218 39.21 -3.44 8.17
N ARG D 219 40.16 -4.35 8.41
CA ARG D 219 41.56 -4.20 7.95
C ARG D 219 41.59 -4.37 6.42
N GLU D 220 40.99 -5.46 5.92
CA GLU D 220 40.93 -5.80 4.47
C GLU D 220 40.26 -4.66 3.70
N LEU D 221 39.19 -4.10 4.25
CA LEU D 221 38.27 -3.16 3.56
C LEU D 221 38.78 -1.71 3.63
N GLY D 222 39.64 -1.39 4.60
CA GLY D 222 40.16 -0.04 4.83
C GLY D 222 39.09 0.89 5.39
N VAL D 223 38.26 0.44 6.35
CA VAL D 223 37.19 1.34 6.92
C VAL D 223 37.69 2.07 8.18
N ASP D 224 37.13 3.25 8.46
CA ASP D 224 37.50 4.13 9.61
C ASP D 224 36.89 3.67 10.94
N LEU D 225 35.93 2.73 10.88
CA LEU D 225 34.92 2.52 11.94
C LEU D 225 34.02 1.33 11.55
N ALA D 226 33.74 0.40 12.45
CA ALA D 226 32.69 -0.62 12.27
C ALA D 226 31.57 -0.40 13.30
N ILE D 227 30.30 -0.53 12.87
CA ILE D 227 29.08 -0.34 13.70
C ILE D 227 28.25 -1.60 13.55
N ALA D 228 27.94 -2.28 14.64
CA ALA D 228 27.03 -3.44 14.67
C ALA D 228 25.85 -3.12 15.59
N GLN D 229 24.70 -3.73 15.30
CA GLN D 229 23.45 -3.59 16.08
C GLN D 229 22.84 -4.95 16.40
N ASP D 230 21.77 -4.92 17.19
CA ASP D 230 20.85 -6.06 17.41
C ASP D 230 19.67 -5.95 16.41
N GLY D 231 18.68 -6.83 16.57
CA GLY D 231 17.54 -7.05 15.66
C GLY D 231 16.57 -5.88 15.62
N ASP D 232 16.33 -5.19 16.74
CA ASP D 232 15.48 -3.96 16.77
C ASP D 232 16.35 -2.70 16.77
N ALA D 233 17.67 -2.82 16.62
CA ALA D 233 18.65 -1.71 16.58
C ALA D 233 18.52 -0.74 17.77
N ASP D 234 18.29 -1.20 19.00
CA ASP D 234 18.48 -0.31 20.18
C ASP D 234 19.95 -0.40 20.68
N ARG D 235 20.74 -1.41 20.31
CA ARG D 235 22.16 -1.58 20.75
C ARG D 235 23.18 -1.12 19.69
N ILE D 236 24.39 -0.82 20.16
CA ILE D 236 25.53 -0.43 19.29
C ILE D 236 26.82 -1.06 19.83
N ALA D 237 27.62 -1.56 18.91
CA ALA D 237 28.93 -2.17 19.14
C ALA D 237 29.91 -1.60 18.09
N VAL D 238 31.17 -1.39 18.45
CA VAL D 238 32.08 -0.62 17.56
C VAL D 238 33.48 -1.22 17.52
N PHE D 239 34.10 -1.11 16.34
CA PHE D 239 35.50 -1.47 16.03
C PHE D 239 36.18 -0.26 15.44
N ASP D 240 37.48 -0.10 15.70
CA ASP D 240 38.24 1.06 15.17
C ASP D 240 38.83 0.68 13.79
N GLU D 241 39.64 1.57 13.23
CA GLU D 241 40.20 1.50 11.87
C GLU D 241 41.26 0.41 11.81
N LYS D 242 41.59 -0.21 12.95
CA LYS D 242 42.64 -1.26 13.05
C LYS D 242 41.97 -2.62 13.25
N GLY D 243 40.65 -2.62 13.49
CA GLY D 243 39.90 -3.86 13.67
C GLY D 243 39.93 -4.29 15.12
N ASN D 244 40.27 -3.35 16.02
CA ASN D 244 40.17 -3.58 17.49
C ASN D 244 38.71 -3.37 17.91
N TYR D 245 38.15 -4.36 18.62
CA TYR D 245 36.88 -4.19 19.34
C TYR D 245 37.12 -3.08 20.36
N VAL D 246 36.31 -2.02 20.30
CA VAL D 246 36.25 -0.97 21.36
C VAL D 246 35.16 -1.40 22.33
N ASP D 247 35.50 -1.86 23.53
CA ASP D 247 34.47 -2.50 24.40
C ASP D 247 33.49 -1.46 24.94
N GLU D 248 32.38 -1.96 25.49
CA GLU D 248 31.19 -1.13 25.77
C GLU D 248 31.56 -0.01 26.74
N ASP D 249 32.38 -0.27 27.77
CA ASP D 249 32.70 0.75 28.83
C ASP D 249 33.48 1.89 28.14
N THR D 250 34.38 1.56 27.22
CA THR D 250 35.16 2.58 26.47
C THR D 250 34.25 3.49 25.64
N VAL D 251 33.27 2.91 24.93
CA VAL D 251 32.29 3.67 24.10
C VAL D 251 31.58 4.67 25.02
N ILE D 252 31.12 4.20 26.17
CA ILE D 252 30.42 5.06 27.17
C ILE D 252 31.43 6.10 27.70
N ALA D 253 32.67 5.70 27.96
CA ALA D 253 33.67 6.64 28.56
C ALA D 253 33.90 7.80 27.59
N LEU D 254 34.10 7.47 26.29
CA LEU D 254 34.25 8.46 25.18
C LEU D 254 33.17 9.52 25.30
N PHE D 255 31.90 9.13 25.39
CA PHE D 255 30.78 10.11 25.38
C PHE D 255 30.63 10.75 26.77
N ALA D 256 30.95 10.00 27.82
CA ALA D 256 30.83 10.53 29.21
C ALA D 256 31.82 11.70 29.35
N LYS D 257 33.04 11.55 28.81
CA LYS D 257 34.08 12.60 28.73
C LYS D 257 33.58 13.78 27.89
N LEU D 258 33.19 13.54 26.63
CA LEU D 258 32.67 14.55 25.68
C LEU D 258 31.65 15.43 26.41
N TYR D 259 30.69 14.80 27.11
CA TYR D 259 29.47 15.48 27.63
C TYR D 259 29.86 16.33 28.85
N VAL D 260 30.70 15.78 29.72
CA VAL D 260 31.10 16.42 31.02
C VAL D 260 32.03 17.63 30.75
N GLU D 261 33.07 17.46 29.95
CA GLU D 261 33.99 18.51 29.44
C GLU D 261 33.23 19.65 28.77
N GLU D 262 32.30 19.36 27.85
CA GLU D 262 31.42 20.42 27.30
C GLU D 262 30.86 21.22 28.47
N HIS D 263 30.12 20.56 29.37
CA HIS D 263 29.28 21.22 30.40
C HIS D 263 30.16 21.81 31.50
N GLY D 264 31.48 21.54 31.50
CA GLY D 264 32.42 21.79 32.60
C GLY D 264 32.09 21.02 33.88
N GLY D 265 31.34 19.91 33.81
CA GLY D 265 30.86 19.14 34.97
C GLY D 265 29.61 18.32 34.66
N GLY D 266 28.67 18.23 35.62
CA GLY D 266 27.34 17.58 35.50
C GLY D 266 27.34 16.12 35.94
N THR D 267 26.15 15.57 36.21
CA THR D 267 25.91 14.15 36.56
C THR D 267 25.79 13.29 35.29
N VAL D 268 26.57 12.22 35.25
CA VAL D 268 26.46 11.08 34.29
C VAL D 268 25.84 9.89 35.03
N VAL D 269 24.86 9.21 34.43
CA VAL D 269 24.18 8.02 35.00
C VAL D 269 24.44 6.78 34.15
N VAL D 270 24.93 5.73 34.80
CA VAL D 270 25.37 4.47 34.17
C VAL D 270 24.85 3.33 35.05
N SER D 271 24.85 2.13 34.50
CA SER D 271 24.27 0.92 35.13
C SER D 271 25.26 0.42 36.21
N ILE D 272 24.74 -0.38 37.13
CA ILE D 272 25.49 -0.91 38.30
C ILE D 272 26.69 -1.70 37.80
N ASP D 273 26.69 -2.12 36.52
CA ASP D 273 27.64 -3.12 35.98
C ASP D 273 28.59 -2.45 35.00
N THR D 274 28.53 -1.13 34.81
CA THR D 274 29.59 -0.39 34.05
C THR D 274 30.70 0.02 35.02
N GLY D 275 31.95 -0.02 34.54
CA GLY D 275 33.20 0.05 35.32
C GLY D 275 33.82 1.45 35.35
N SER D 276 35.10 1.47 35.70
CA SER D 276 35.84 2.63 36.24
C SER D 276 36.37 3.52 35.12
N ARG D 277 36.45 3.02 33.88
CA ARG D 277 36.76 3.89 32.72
C ARG D 277 35.87 5.13 32.82
N ILE D 278 34.62 4.94 33.26
CA ILE D 278 33.62 6.05 33.31
C ILE D 278 33.93 6.99 34.50
N ASP D 279 34.04 6.46 35.73
CA ASP D 279 34.45 7.25 36.93
C ASP D 279 35.78 7.98 36.64
N ALA D 280 36.76 7.28 36.06
CA ALA D 280 38.06 7.89 35.72
C ALA D 280 37.88 9.19 34.95
N VAL D 281 37.18 9.17 33.79
CA VAL D 281 37.16 10.35 32.87
C VAL D 281 36.13 11.37 33.39
N VAL D 282 35.09 10.93 34.09
CA VAL D 282 34.08 11.88 34.60
C VAL D 282 34.70 12.74 35.73
N GLU D 283 35.40 12.13 36.68
CA GLU D 283 35.98 12.83 37.84
C GLU D 283 37.08 13.78 37.33
N ARG D 284 38.01 13.29 36.50
CA ARG D 284 39.12 14.11 35.94
C ARG D 284 38.58 15.39 35.29
N ALA D 285 37.38 15.33 34.69
CA ALA D 285 36.77 16.48 33.99
C ALA D 285 35.75 17.18 34.91
N GLY D 286 35.61 16.73 36.16
CA GLY D 286 34.93 17.50 37.22
C GLY D 286 33.42 17.32 37.25
N GLY D 287 32.90 16.13 36.93
CA GLY D 287 31.46 15.78 37.11
C GLY D 287 31.34 14.60 38.06
N ARG D 288 30.14 14.05 38.27
CA ARG D 288 30.00 12.84 39.13
C ARG D 288 29.17 11.75 38.44
N VAL D 289 29.31 10.55 38.97
CA VAL D 289 28.70 9.30 38.48
C VAL D 289 27.75 8.78 39.56
N VAL D 290 26.48 8.60 39.21
CA VAL D 290 25.45 7.87 39.99
C VAL D 290 25.18 6.58 39.23
N ARG D 291 25.18 5.44 39.91
CA ARG D 291 24.84 4.13 39.33
C ARG D 291 23.38 3.79 39.64
N ILE D 292 22.69 3.14 38.70
CA ILE D 292 21.28 2.65 38.84
C ILE D 292 21.19 1.21 38.36
N PRO D 293 20.03 0.52 38.54
CA PRO D 293 19.87 -0.81 37.96
C PRO D 293 19.88 -0.76 36.42
N LEU D 294 20.47 -1.81 35.83
CA LEU D 294 20.34 -2.22 34.41
C LEU D 294 18.85 -2.24 34.02
N GLY D 295 18.48 -1.47 32.99
CA GLY D 295 17.14 -1.52 32.35
C GLY D 295 16.59 -0.16 31.98
N GLN D 296 16.82 0.86 32.79
CA GLN D 296 16.05 2.13 32.69
C GLN D 296 16.99 3.34 32.61
N PRO D 297 17.92 3.45 31.62
CA PRO D 297 18.89 4.55 31.61
C PRO D 297 18.21 5.93 31.68
N HIS D 298 17.01 6.05 31.11
CA HIS D 298 16.18 7.29 31.08
C HIS D 298 15.77 7.73 32.49
N ASP D 299 15.43 6.77 33.37
CA ASP D 299 14.98 6.99 34.79
C ASP D 299 15.96 7.87 35.55
N GLY D 300 17.25 7.58 35.41
CA GLY D 300 18.36 8.31 36.04
C GLY D 300 18.36 9.77 35.64
N ILE D 301 18.04 10.08 34.37
CA ILE D 301 18.03 11.48 33.86
C ILE D 301 17.08 12.33 34.71
N LYS D 302 15.88 11.82 35.00
CA LYS D 302 14.81 12.56 35.73
C LYS D 302 15.29 12.81 37.16
N ARG D 303 15.61 11.72 37.86
CA ARG D 303 16.01 11.67 39.29
C ARG D 303 17.24 12.57 39.53
N TYR D 304 18.28 12.42 38.71
CA TYR D 304 19.64 12.96 38.99
C TYR D 304 19.99 14.16 38.10
N LYS D 305 19.04 14.61 37.26
CA LYS D 305 19.19 15.76 36.32
C LYS D 305 20.44 15.55 35.43
N ALA D 306 20.62 14.32 34.93
CA ALA D 306 21.85 13.85 34.25
C ALA D 306 21.90 14.39 32.81
N ILE D 307 23.10 14.60 32.32
CA ILE D 307 23.40 15.16 30.97
C ILE D 307 23.60 14.02 29.95
N PHE D 308 23.71 12.80 30.46
CA PHE D 308 24.15 11.59 29.73
C PHE D 308 23.88 10.40 30.64
N ALA D 309 23.33 9.31 30.09
CA ALA D 309 23.11 8.02 30.77
C ALA D 309 23.38 6.87 29.79
N ALA D 310 23.70 5.70 30.30
CA ALA D 310 24.23 4.61 29.45
C ALA D 310 24.24 3.29 30.21
N GLU D 311 24.13 2.19 29.50
CA GLU D 311 24.53 0.86 30.00
C GLU D 311 25.35 0.29 28.88
N PRO D 312 25.96 -0.90 29.06
CA PRO D 312 26.77 -1.49 28.01
C PRO D 312 25.87 -1.66 26.78
N TRP D 313 26.31 -1.05 25.67
CA TRP D 313 25.74 -1.06 24.30
C TRP D 313 24.62 -0.05 24.13
N LYS D 314 24.05 0.56 25.19
CA LYS D 314 22.90 1.52 25.04
C LYS D 314 23.18 2.92 25.60
N LEU D 315 23.45 3.93 24.76
CA LEU D 315 23.64 5.33 25.24
C LEU D 315 22.37 6.09 24.99
N VAL D 316 22.04 6.98 25.93
CA VAL D 316 20.93 7.95 25.86
C VAL D 316 21.53 9.35 25.67
N HIS D 317 21.02 10.09 24.69
CA HIS D 317 21.44 11.47 24.33
C HIS D 317 20.29 12.40 24.66
N PRO D 318 20.21 12.91 25.92
CA PRO D 318 19.01 13.60 26.40
C PRO D 318 18.62 14.85 25.59
N LYS D 319 19.59 15.57 25.04
CA LYS D 319 19.26 16.77 24.22
C LYS D 319 18.46 16.33 22.98
N PHE D 320 18.65 15.09 22.51
CA PHE D 320 17.88 14.53 21.38
C PHE D 320 16.55 13.95 21.89
N GLY D 321 16.59 13.10 22.92
CA GLY D 321 15.35 12.60 23.56
C GLY D 321 15.71 11.52 24.54
N PRO D 322 14.77 11.02 25.38
CA PRO D 322 15.11 10.14 26.50
C PRO D 322 14.96 8.65 26.20
N TRP D 323 15.29 8.26 24.99
CA TRP D 323 15.32 6.84 24.61
C TRP D 323 16.79 6.53 24.29
N ILE D 324 17.15 5.26 24.42
CA ILE D 324 18.43 4.72 23.87
C ILE D 324 18.45 5.00 22.37
N ASP D 325 19.43 5.78 21.88
CA ASP D 325 19.51 6.20 20.47
C ASP D 325 20.90 5.95 19.89
N PRO D 326 21.12 4.75 19.33
CA PRO D 326 22.37 4.44 18.65
C PRO D 326 22.57 5.15 17.30
N PHE D 327 21.54 5.83 16.79
CA PHE D 327 21.62 6.49 15.47
C PHE D 327 22.33 7.82 15.72
N VAL D 328 21.94 8.48 16.81
CA VAL D 328 22.65 9.65 17.35
C VAL D 328 24.06 9.18 17.71
N THR D 329 24.16 8.10 18.46
CA THR D 329 25.48 7.62 18.95
C THR D 329 26.46 7.53 17.75
N MET D 330 26.12 6.77 16.72
CA MET D 330 27.06 6.49 15.60
C MET D 330 27.28 7.78 14.76
N GLY D 331 26.30 8.66 14.68
CA GLY D 331 26.44 9.98 14.03
C GLY D 331 27.49 10.82 14.73
N LEU D 332 27.41 10.89 16.07
CA LEU D 332 28.32 11.68 16.92
C LEU D 332 29.69 11.01 17.00
N LEU D 333 29.78 9.67 16.94
CA LEU D 333 31.08 8.95 16.95
C LEU D 333 31.86 9.37 15.70
N ILE D 334 31.17 9.52 14.57
CA ILE D 334 31.79 9.92 13.27
C ILE D 334 32.26 11.37 13.41
N LYS D 335 31.48 12.22 14.05
CA LYS D 335 31.86 13.64 14.31
C LYS D 335 33.09 13.65 15.24
N LEU D 336 33.15 12.79 16.23
CA LEU D 336 34.27 12.73 17.18
C LEU D 336 35.54 12.42 16.38
N ILE D 337 35.51 11.38 15.55
CA ILE D 337 36.68 10.92 14.75
C ILE D 337 37.16 12.05 13.82
N ASP D 338 36.26 12.62 13.02
CA ASP D 338 36.61 13.68 12.04
C ASP D 338 37.16 14.93 12.73
N GLU D 339 36.81 15.16 13.99
CA GLU D 339 37.13 16.42 14.69
C GLU D 339 38.36 16.22 15.59
N ASN D 340 38.87 15.01 15.78
CA ASN D 340 39.92 14.75 16.82
C ASN D 340 40.88 13.64 16.36
N GLY D 341 40.64 12.99 15.22
CA GLY D 341 41.56 11.97 14.66
C GLY D 341 41.03 10.56 14.86
N PRO D 342 41.77 9.52 14.40
CA PRO D 342 41.22 8.17 14.35
C PRO D 342 40.79 7.59 15.71
N LEU D 343 39.84 6.68 15.64
CA LEU D 343 39.13 6.16 16.83
C LEU D 343 40.15 5.45 17.74
N SER D 344 41.12 4.71 17.21
CA SER D 344 42.10 3.96 18.04
C SER D 344 42.97 4.95 18.84
N GLU D 345 43.22 6.17 18.36
CA GLU D 345 44.04 7.18 19.10
C GLU D 345 43.15 7.82 20.17
N LEU D 346 41.86 7.99 19.91
CA LEU D 346 40.92 8.57 20.90
C LEU D 346 40.72 7.55 22.02
N VAL D 347 40.75 6.23 21.73
CA VAL D 347 40.52 5.23 22.81
C VAL D 347 41.78 5.17 23.72
N LYS D 348 42.97 5.57 23.23
CA LYS D 348 44.22 5.56 24.04
C LYS D 348 44.09 6.56 25.21
N GLU D 349 43.38 7.68 25.03
CA GLU D 349 43.08 8.70 26.07
C GLU D 349 42.05 8.20 27.09
N ILE D 350 41.60 6.94 27.00
CA ILE D 350 40.74 6.28 28.03
C ILE D 350 41.62 5.29 28.78
N PRO D 351 41.61 5.36 30.14
CA PRO D 351 42.44 4.48 30.95
C PRO D 351 41.95 3.03 30.86
N THR D 352 42.90 2.11 30.92
CA THR D 352 42.67 0.65 30.90
C THR D 352 42.16 0.21 32.27
N TYR D 353 41.05 -0.50 32.31
CA TYR D 353 40.74 -1.46 33.39
C TYR D 353 40.54 -2.78 32.68
N TYR D 354 40.41 -3.84 33.46
CA TYR D 354 40.40 -5.27 33.06
C TYR D 354 39.26 -5.95 33.79
N LEU D 355 38.19 -6.29 33.06
CA LEU D 355 36.95 -6.91 33.60
C LEU D 355 37.06 -8.42 33.44
N LYS D 356 36.46 -9.17 34.35
CA LYS D 356 36.25 -10.62 34.19
C LYS D 356 34.93 -10.97 34.87
N LYS D 357 33.99 -11.47 34.07
CA LYS D 357 32.62 -11.85 34.50
C LYS D 357 32.47 -13.36 34.28
N ALA D 358 31.34 -13.89 34.72
CA ALA D 358 30.95 -15.33 34.66
C ALA D 358 29.69 -15.52 35.48
N ASN D 359 28.80 -16.40 35.03
CA ASN D 359 27.57 -16.81 35.73
C ASN D 359 27.97 -17.97 36.62
N VAL D 360 27.32 -18.12 37.78
CA VAL D 360 27.48 -19.27 38.73
C VAL D 360 26.09 -19.72 39.14
N LEU D 361 25.66 -20.89 38.65
CA LEU D 361 24.25 -21.38 38.66
C LEU D 361 23.81 -21.56 40.12
N CYS D 362 22.57 -21.16 40.43
CA CYS D 362 21.88 -21.24 41.75
C CYS D 362 20.39 -21.38 41.49
N PRO D 363 19.66 -22.30 42.18
CA PRO D 363 18.20 -22.26 42.24
C PRO D 363 17.61 -20.87 42.59
N ASP D 364 16.43 -20.56 42.06
CA ASP D 364 15.72 -19.24 42.20
C ASP D 364 15.22 -19.07 43.63
N GLU D 365 14.95 -20.18 44.33
CA GLU D 365 14.47 -20.22 45.74
C GLU D 365 15.56 -19.68 46.68
N TYR D 366 16.84 -19.85 46.33
CA TYR D 366 18.01 -19.50 47.17
C TYR D 366 18.62 -18.17 46.70
N LYS D 367 19.00 -18.07 45.42
CA LYS D 367 19.42 -16.81 44.74
C LYS D 367 19.75 -15.70 45.75
N ALA D 368 18.73 -15.04 46.33
CA ALA D 368 18.80 -13.79 47.14
C ALA D 368 19.58 -14.00 48.45
N GLU D 369 19.22 -15.02 49.24
CA GLU D 369 19.96 -15.46 50.46
C GLU D 369 21.46 -15.54 50.15
N VAL D 370 21.83 -16.31 49.12
CA VAL D 370 23.25 -16.65 48.77
C VAL D 370 24.02 -15.36 48.46
N VAL D 371 23.41 -14.46 47.70
CA VAL D 371 24.04 -13.16 47.33
C VAL D 371 24.25 -12.39 48.65
N ARG D 372 23.19 -12.07 49.40
CA ARG D 372 23.28 -11.33 50.69
C ARG D 372 24.40 -11.90 51.56
N ARG D 373 24.49 -13.24 51.73
CA ARG D 373 25.52 -13.88 52.61
C ARG D 373 26.93 -13.76 51.99
N ALA D 374 27.05 -13.74 50.66
CA ALA D 374 28.34 -13.70 49.93
C ALA D 374 28.88 -12.27 49.87
N ALA D 375 28.01 -11.27 49.74
CA ALA D 375 28.36 -9.83 49.84
C ALA D 375 28.97 -9.57 51.21
N GLU D 376 28.34 -10.03 52.30
CA GLU D 376 28.87 -9.85 53.68
C GLU D 376 30.28 -10.42 53.74
N GLU D 377 30.54 -11.57 53.11
CA GLU D 377 31.80 -12.32 53.31
C GLU D 377 32.93 -11.60 52.58
N VAL D 378 32.66 -11.18 51.34
CA VAL D 378 33.62 -10.46 50.45
C VAL D 378 33.96 -9.09 51.05
N GLU D 379 32.95 -8.32 51.51
CA GLU D 379 33.13 -7.05 52.27
C GLU D 379 34.20 -7.29 53.33
N ARG D 380 33.97 -8.29 54.20
CA ARG D 380 34.82 -8.62 55.37
C ARG D 380 36.26 -8.86 54.89
N LYS D 381 36.45 -9.64 53.80
CA LYS D 381 37.78 -10.10 53.30
C LYS D 381 38.52 -8.92 52.66
N LEU D 382 37.75 -7.90 52.24
CA LEU D 382 38.28 -6.70 51.53
C LEU D 382 38.12 -5.43 52.40
N SER D 383 37.84 -5.57 53.71
CA SER D 383 37.42 -4.48 54.62
C SER D 383 38.43 -3.34 54.60
N SER D 384 39.70 -3.67 54.38
CA SER D 384 40.84 -2.72 54.37
C SER D 384 40.80 -1.78 53.18
N GLU D 385 39.92 -2.05 52.21
CA GLU D 385 40.02 -1.51 50.81
C GLU D 385 38.68 -0.94 50.36
N ILE D 386 37.67 -0.97 51.20
CA ILE D 386 36.31 -0.56 50.76
C ILE D 386 36.20 0.97 50.62
N LYS D 387 35.67 1.38 49.46
CA LYS D 387 35.33 2.79 49.15
C LYS D 387 33.83 2.97 49.32
N GLU D 388 33.03 2.00 48.85
CA GLU D 388 31.55 2.09 48.87
C GLU D 388 30.92 0.74 48.51
N VAL D 389 29.79 0.43 49.12
CA VAL D 389 28.93 -0.72 48.71
C VAL D 389 27.59 -0.18 48.22
N LEU D 390 27.26 -0.41 46.95
CA LEU D 390 25.91 -0.15 46.40
C LEU D 390 25.09 -1.42 46.59
N THR D 391 23.84 -1.23 47.03
CA THR D 391 22.87 -2.30 47.31
C THR D 391 21.66 -2.21 46.35
N ILE D 392 21.59 -1.17 45.50
CA ILE D 392 20.38 -0.83 44.66
C ILE D 392 20.05 -1.99 43.71
N SER D 393 21.02 -2.84 43.36
CA SER D 393 20.80 -4.00 42.45
C SER D 393 21.85 -5.08 42.72
N GLY D 394 21.57 -5.99 43.65
CA GLY D 394 22.62 -6.83 44.25
C GLY D 394 23.62 -5.96 45.00
N PHE D 395 24.89 -6.35 45.04
CA PHE D 395 25.96 -5.67 45.81
C PHE D 395 27.13 -5.31 44.86
N ARG D 396 27.36 -4.01 44.63
CA ARG D 396 28.57 -3.49 43.93
C ARG D 396 29.50 -2.97 45.04
N ILE D 397 30.59 -3.69 45.29
CA ILE D 397 31.65 -3.33 46.28
C ILE D 397 32.79 -2.62 45.55
N ALA D 398 32.95 -1.31 45.76
CA ALA D 398 34.05 -0.51 45.18
C ALA D 398 35.20 -0.38 46.20
N LEU D 399 36.43 -0.52 45.72
CA LEU D 399 37.68 -0.49 46.48
C LEU D 399 38.42 0.82 46.21
N ASN D 400 39.27 1.21 47.17
CA ASN D 400 40.03 2.48 47.15
C ASN D 400 40.81 2.62 45.83
N ASP D 401 41.31 1.52 45.22
CA ASP D 401 42.21 1.64 44.03
C ASP D 401 41.44 1.61 42.69
N GLY D 402 40.11 1.69 42.68
CA GLY D 402 39.32 1.71 41.42
C GLY D 402 38.75 0.35 41.01
N SER D 403 39.19 -0.75 41.64
CA SER D 403 38.62 -2.11 41.50
C SER D 403 37.21 -2.16 42.08
N TRP D 404 36.44 -3.17 41.70
CA TRP D 404 35.07 -3.37 42.20
C TRP D 404 34.61 -4.77 41.86
N ILE D 405 33.64 -5.23 42.62
CA ILE D 405 33.03 -6.58 42.51
C ILE D 405 31.52 -6.36 42.40
N LEU D 406 30.85 -6.92 41.39
CA LEU D 406 29.35 -6.97 41.37
C LEU D 406 28.92 -8.41 41.65
N ILE D 407 28.06 -8.61 42.66
CA ILE D 407 27.40 -9.91 42.92
C ILE D 407 25.90 -9.65 42.90
N ARG D 408 25.22 -10.22 41.90
CA ARG D 408 23.85 -9.84 41.47
C ARG D 408 23.16 -11.08 40.91
N PRO D 409 21.93 -11.42 41.38
CA PRO D 409 21.05 -12.34 40.67
C PRO D 409 20.30 -11.65 39.50
N SER D 410 20.26 -12.27 38.30
CA SER D 410 19.45 -11.81 37.13
C SER D 410 17.98 -12.10 37.45
N GLY D 411 17.06 -11.32 36.87
CA GLY D 411 15.62 -11.39 37.17
C GLY D 411 14.97 -12.62 36.56
N THR D 412 15.60 -13.18 35.53
CA THR D 412 15.04 -14.25 34.67
C THR D 412 15.71 -15.58 35.03
N GLU D 413 16.84 -15.87 34.37
CA GLU D 413 17.53 -17.18 34.40
C GLU D 413 17.85 -17.55 35.85
N PRO D 414 17.91 -18.85 36.19
CA PRO D 414 18.07 -19.29 37.58
C PRO D 414 19.54 -19.41 38.00
N LYS D 415 20.24 -18.27 38.12
CA LYS D 415 21.72 -18.22 38.35
C LYS D 415 22.12 -16.85 38.91
N ILE D 416 23.41 -16.70 39.25
CA ILE D 416 23.99 -15.46 39.85
C ILE D 416 25.08 -14.91 38.92
N ARG D 417 25.06 -13.59 38.70
CA ARG D 417 26.04 -12.83 37.87
C ARG D 417 27.19 -12.38 38.79
N VAL D 418 28.45 -12.63 38.38
CA VAL D 418 29.66 -12.35 39.20
C VAL D 418 30.67 -11.57 38.36
N VAL D 419 30.75 -10.26 38.55
CA VAL D 419 31.73 -9.39 37.83
C VAL D 419 32.77 -8.83 38.81
N ALA D 420 34.01 -8.72 38.33
CA ALA D 420 35.16 -8.11 39.02
C ALA D 420 35.96 -7.29 38.00
N GLU D 421 36.39 -6.08 38.38
CA GLU D 421 37.21 -5.23 37.49
C GLU D 421 38.31 -4.58 38.33
N ALA D 422 39.54 -4.52 37.84
CA ALA D 422 40.68 -3.91 38.55
C ALA D 422 41.59 -3.18 37.57
N PRO D 423 42.47 -2.27 38.06
CA PRO D 423 43.40 -1.54 37.19
C PRO D 423 44.54 -2.45 36.66
N THR D 424 44.59 -3.71 37.08
CA THR D 424 45.62 -4.70 36.68
C THR D 424 44.98 -6.07 36.49
N GLU D 425 45.66 -6.88 35.66
CA GLU D 425 45.21 -8.23 35.26
C GLU D 425 45.32 -9.12 36.49
N LYS D 426 46.41 -8.96 37.24
CA LYS D 426 46.73 -9.83 38.42
C LYS D 426 45.62 -9.67 39.47
N ARG D 427 45.03 -8.48 39.54
CA ARG D 427 44.04 -8.09 40.59
C ARG D 427 42.62 -8.35 40.09
N ARG D 428 42.34 -8.12 38.80
CA ARG D 428 41.15 -8.68 38.10
C ARG D 428 41.02 -10.15 38.52
N ASP D 429 42.07 -10.95 38.31
CA ASP D 429 42.14 -12.41 38.64
C ASP D 429 41.94 -12.64 40.15
N GLU D 430 42.69 -11.96 41.02
CA GLU D 430 42.60 -12.15 42.51
C GLU D 430 41.14 -12.00 42.96
N LEU D 431 40.52 -10.88 42.61
CA LEU D 431 39.20 -10.44 43.13
C LEU D 431 38.09 -11.30 42.51
N PHE D 432 38.20 -11.61 41.22
CA PHE D 432 37.24 -12.48 40.48
C PHE D 432 37.22 -13.86 41.13
N GLU D 433 38.39 -14.47 41.35
CA GLU D 433 38.54 -15.77 42.08
C GLU D 433 37.80 -15.72 43.43
N MET D 434 38.08 -14.70 44.25
CA MET D 434 37.44 -14.54 45.58
C MET D 434 35.92 -14.61 45.39
N ALA D 435 35.39 -13.72 44.55
CA ALA D 435 33.94 -13.48 44.37
C ALA D 435 33.26 -14.75 43.81
N TYR D 436 33.84 -15.32 42.75
CA TYR D 436 33.38 -16.55 42.05
C TYR D 436 33.31 -17.70 43.06
N SER D 437 34.44 -18.09 43.64
CA SER D 437 34.60 -19.26 44.54
C SER D 437 33.79 -19.07 45.82
N THR D 438 33.76 -17.87 46.39
CA THR D 438 32.93 -17.54 47.59
C THR D 438 31.44 -17.80 47.26
N VAL D 439 30.96 -17.44 46.06
CA VAL D 439 29.55 -17.69 45.63
C VAL D 439 29.35 -19.19 45.33
N SER D 440 30.29 -19.80 44.60
CA SER D 440 30.29 -21.25 44.26
C SER D 440 30.13 -22.06 45.54
N ARG D 441 31.04 -21.88 46.49
CA ARG D 441 31.08 -22.65 47.75
C ARG D 441 29.76 -22.43 48.51
N ILE D 442 29.24 -21.20 48.59
CA ILE D 442 28.00 -20.89 49.37
C ILE D 442 26.79 -21.53 48.68
N VAL D 443 26.78 -21.56 47.34
CA VAL D 443 25.65 -22.13 46.55
C VAL D 443 25.48 -23.58 47.00
N LYS D 444 26.57 -24.36 46.93
CA LYS D 444 26.58 -25.84 47.13
C LYS D 444 26.31 -26.18 48.60
N GLU D 445 26.49 -25.23 49.52
CA GLU D 445 26.11 -25.36 50.96
C GLU D 445 24.59 -25.53 51.06
N ALA D 446 23.83 -24.50 50.64
CA ALA D 446 22.34 -24.45 50.68
C ALA D 446 21.75 -25.62 49.87
N GLU D 447 22.48 -26.10 48.85
CA GLU D 447 22.06 -27.23 47.94
C GLU D 447 22.23 -28.60 48.62
N LYS D 448 22.65 -28.66 49.88
CA LYS D 448 22.79 -29.94 50.64
C LYS D 448 22.40 -29.71 52.10
#